data_6H2O
#
_entry.id   6H2O
#
_cell.length_a   119.890
_cell.length_b   161.120
_cell.length_c   141.430
_cell.angle_alpha   90.000
_cell.angle_beta   90.000
_cell.angle_gamma   90.000
#
_symmetry.space_group_name_H-M   'C 2 2 21'
#
loop_
_entity.id
_entity.type
_entity.pdbx_description
1 polymer 'Phenylalanine ammonia-lyase 1'
2 water water
#
_entity_poly.entity_id   1
_entity_poly.type   'polypeptide(L)'
_entity_poly.pdbx_seq_one_letter_code
;MENGNGATTNGHVNGNGMDFCMKTEDPLYWGIAAEAMTGSHLDEVKKMVAEYRKPVVKLGGETLTISQVAAISARDGSGV
TVELSEAARAGVKASSDWVMDSMNKGTDSYGVTTGFGATSHRRTKQGGALQKELIRFLNAGIFGNGSDNTLPHSATRAAM
LVRINTLLQGYSGIRFEILEAITKFLNQNITPCLPLRGTIT(MDO)DLVPLSYIAGLLTGRPNSKAVGPTGVILSPEEAF
KLAGVEGGFFELQPKEGLALVNGTAVGSGMASMVLFEANILAVLAEVMSAIFAEVMQGKPEFTDHLTHKLKHHPGQIEAA
AIMEHILDGSAYVKAAQKLHEMDPLQKPKQDRYALRTSPQWLGPQIEVIRSSTKMIEREINSVNDNPLIDVSRNKAIHGG
NFQGTPIGVSMDNTRLAIAAIGKLMFAQFSELVNDFYNNGLPSNLSGGRNPSLDYGFKGAEIAMASYCSELQFLANPVTN
HVQSAEQHNQDVNSLGLISSRKTSEAVEILKLMSTTFLVGLCQAIDLRHLEENLKSTVKNTVSSVAKRVLTMGVNGELHP
SRFCEKDLLRVVDREYIFAYIDDPCSATYPLMQKLRQTLVEHALKNGDNERNLSTSIFQKIATFEDELKALLPKEVESAR
AALESGNPAIPNRIEECRSYPLYKFVRKELGTEYLTGEKVTSPGEEFEKVFIAMSKGEIIDPLLESLESWNGAPLPIS
;
_entity_poly.pdbx_strand_id   A,B
#
# COMPACT_ATOMS: atom_id res chain seq x y z
N GLU A 25 6.09 32.05 -33.52
CA GLU A 25 6.18 30.75 -34.23
C GLU A 25 5.88 29.61 -33.26
N ASP A 26 5.56 29.93 -32.00
CA ASP A 26 5.24 28.92 -30.98
C ASP A 26 4.02 29.32 -30.15
N PRO A 27 2.87 29.56 -30.80
CA PRO A 27 1.73 30.13 -30.05
C PRO A 27 1.08 29.16 -29.06
N LEU A 28 1.31 27.86 -29.18
CA LEU A 28 0.73 26.89 -28.28
C LEU A 28 1.75 26.28 -27.33
N TYR A 29 3.00 26.75 -27.37
CA TYR A 29 4.05 26.38 -26.41
C TYR A 29 4.56 24.95 -26.58
N TRP A 30 4.29 24.30 -27.71
CA TRP A 30 4.95 23.02 -27.99
C TRP A 30 6.47 23.22 -28.13
N GLY A 31 6.89 24.34 -28.71
CA GLY A 31 8.30 24.53 -28.99
C GLY A 31 9.14 24.63 -27.73
N ILE A 32 8.68 25.43 -26.76
CA ILE A 32 9.40 25.57 -25.51
C ILE A 32 9.37 24.26 -24.72
N ALA A 33 8.28 23.49 -24.82
CA ALA A 33 8.24 22.17 -24.23
C ALA A 33 9.34 21.28 -24.81
N ALA A 34 9.45 21.26 -26.14
CA ALA A 34 10.42 20.40 -26.82
C ALA A 34 11.85 20.77 -26.44
N GLU A 35 12.12 22.07 -26.29
CA GLU A 35 13.46 22.51 -25.96
C GLU A 35 13.94 21.97 -24.62
N ALA A 36 13.00 21.66 -23.72
CA ALA A 36 13.39 21.11 -22.43
C ALA A 36 13.92 19.69 -22.52
N MET A 37 13.81 19.03 -23.67
CA MET A 37 14.21 17.64 -23.82
C MET A 37 15.45 17.46 -24.70
N THR A 38 16.26 18.52 -24.88
CA THR A 38 17.35 18.47 -25.87
C THR A 38 18.70 18.03 -25.32
N GLY A 39 18.97 18.14 -24.03
CA GLY A 39 20.25 17.67 -23.54
C GLY A 39 20.24 16.16 -23.32
N SER A 40 21.35 15.66 -22.78
CA SER A 40 21.35 14.28 -22.34
C SER A 40 20.59 14.12 -21.02
N HIS A 41 20.12 12.91 -20.77
CA HIS A 41 19.48 12.62 -19.49
C HIS A 41 20.47 12.77 -18.34
N LEU A 42 21.69 12.29 -18.54
CA LEU A 42 22.70 12.37 -17.48
C LEU A 42 22.98 13.81 -17.10
N ASP A 43 23.06 14.72 -18.09
CA ASP A 43 23.28 16.12 -17.74
C ASP A 43 22.13 16.69 -16.94
N GLU A 44 20.90 16.24 -17.23
CA GLU A 44 19.74 16.64 -16.44
C GLU A 44 19.86 16.15 -15.00
N VAL A 45 20.25 14.89 -14.83
CA VAL A 45 20.40 14.33 -13.49
C VAL A 45 21.49 15.06 -12.73
N LYS A 46 22.64 15.29 -13.39
CA LYS A 46 23.70 16.07 -12.75
C LYS A 46 23.18 17.43 -12.29
N LYS A 47 22.42 18.09 -13.14
CA LYS A 47 21.88 19.40 -12.78
C LYS A 47 20.90 19.26 -11.61
N MET A 48 20.09 18.21 -11.62
CA MET A 48 19.12 18.01 -10.53
C MET A 48 19.84 17.83 -9.20
N VAL A 49 20.97 17.12 -9.20
CA VAL A 49 21.68 16.84 -7.96
C VAL A 49 22.31 18.10 -7.43
N ALA A 50 22.89 18.92 -8.31
CA ALA A 50 23.45 20.20 -7.91
C ALA A 50 22.38 21.09 -7.26
N GLU A 51 21.21 21.19 -7.89
CA GLU A 51 20.11 21.99 -7.34
C GLU A 51 19.68 21.46 -5.98
N TYR A 52 19.50 20.14 -5.89
CA TYR A 52 19.06 19.51 -4.65
C TYR A 52 19.93 19.91 -3.46
N ARG A 53 21.21 20.15 -3.69
CA ARG A 53 22.15 20.41 -2.60
C ARG A 53 22.32 21.89 -2.27
N LYS A 54 21.60 22.79 -2.93
CA LYS A 54 21.74 24.21 -2.65
C LYS A 54 21.09 24.54 -1.30
N PRO A 55 21.62 25.52 -0.57
CA PRO A 55 21.07 25.81 0.77
C PRO A 55 19.73 26.53 0.75
N VAL A 56 19.39 27.28 -0.31
CA VAL A 56 18.20 28.13 -0.34
C VAL A 56 17.32 27.74 -1.51
N VAL A 57 16.02 27.60 -1.26
CA VAL A 57 14.99 27.38 -2.28
C VAL A 57 14.20 28.68 -2.38
N LYS A 58 14.44 29.48 -3.42
CA LYS A 58 13.73 30.73 -3.62
C LYS A 58 12.55 30.51 -4.56
N LEU A 59 11.34 30.84 -4.10
CA LEU A 59 10.11 30.58 -4.85
C LEU A 59 9.63 31.87 -5.50
N GLY A 60 9.32 31.79 -6.80
CA GLY A 60 8.81 32.96 -7.49
C GLY A 60 7.60 32.62 -8.34
N GLY A 61 7.11 31.39 -8.22
CA GLY A 61 5.98 30.93 -9.01
C GLY A 61 6.34 30.34 -10.37
N GLU A 62 7.62 30.35 -10.75
CA GLU A 62 7.99 30.01 -12.12
C GLU A 62 9.18 29.07 -12.25
N THR A 63 10.02 28.92 -11.23
CA THR A 63 11.27 28.17 -11.38
C THR A 63 11.34 26.96 -10.47
N LEU A 64 10.22 26.49 -9.93
CA LEU A 64 10.29 25.35 -9.02
C LEU A 64 10.66 24.07 -9.78
N THR A 65 11.62 23.33 -9.23
CA THR A 65 12.08 22.07 -9.82
C THR A 65 11.79 20.92 -8.86
N ILE A 66 11.71 19.70 -9.43
CA ILE A 66 11.52 18.53 -8.57
C ILE A 66 12.69 18.39 -7.60
N SER A 67 13.87 18.89 -7.98
CA SER A 67 15.02 18.84 -7.10
C SER A 67 14.77 19.68 -5.84
N GLN A 68 14.15 20.85 -6.00
CA GLN A 68 13.86 21.70 -4.84
C GLN A 68 12.76 21.10 -3.98
N VAL A 69 11.74 20.48 -4.58
CA VAL A 69 10.71 19.79 -3.79
C VAL A 69 11.34 18.67 -2.99
N ALA A 70 12.21 17.88 -3.63
CA ALA A 70 12.85 16.76 -2.96
C ALA A 70 13.73 17.24 -1.81
N ALA A 71 14.41 18.37 -1.98
CA ALA A 71 15.27 18.90 -0.93
C ALA A 71 14.46 19.34 0.29
N ILE A 72 13.36 20.05 0.07
CA ILE A 72 12.51 20.46 1.19
C ILE A 72 11.88 19.25 1.86
N SER A 73 11.45 18.26 1.08
CA SER A 73 10.79 17.09 1.66
C SER A 73 11.74 16.27 2.53
N ALA A 74 13.02 16.25 2.19
CA ALA A 74 13.99 15.46 2.94
C ALA A 74 14.70 16.33 3.98
N GLY A 79 20.03 21.59 6.25
CA GLY A 79 19.30 22.76 6.77
C GLY A 79 18.87 23.69 5.65
N VAL A 80 18.09 23.17 4.70
CA VAL A 80 17.63 23.96 3.56
C VAL A 80 16.57 24.97 4.03
N THR A 81 16.62 26.18 3.46
CA THR A 81 15.69 27.23 3.84
C THR A 81 14.91 27.70 2.61
N VAL A 82 13.66 28.10 2.85
CA VAL A 82 12.75 28.57 1.80
C VAL A 82 12.63 30.08 1.90
N GLU A 83 12.72 30.76 0.76
CA GLU A 83 12.49 32.20 0.73
C GLU A 83 11.57 32.56 -0.43
N LEU A 84 10.76 33.60 -0.21
CA LEU A 84 9.75 34.04 -1.16
C LEU A 84 10.28 35.23 -1.96
N SER A 85 10.13 35.18 -3.28
CA SER A 85 10.62 36.26 -4.12
C SER A 85 9.79 37.52 -3.94
N GLU A 86 10.44 38.63 -3.62
CA GLU A 86 9.74 39.90 -3.45
C GLU A 86 9.09 40.38 -4.75
N ALA A 87 9.61 39.95 -5.91
CA ALA A 87 9.04 40.34 -7.20
C ALA A 87 7.60 39.86 -7.37
N ALA A 88 7.18 38.87 -6.58
CA ALA A 88 5.80 38.38 -6.66
C ALA A 88 4.83 39.18 -5.81
N ARG A 89 5.32 40.03 -4.90
CA ARG A 89 4.47 40.64 -3.90
C ARG A 89 3.41 41.55 -4.54
N ALA A 90 3.78 42.27 -5.60
CA ALA A 90 2.86 43.22 -6.20
C ALA A 90 1.68 42.52 -6.86
N GLY A 91 1.95 41.51 -7.69
CA GLY A 91 0.86 40.78 -8.32
C GLY A 91 -0.04 40.10 -7.31
N VAL A 92 0.54 39.55 -6.24
CA VAL A 92 -0.26 38.90 -5.21
C VAL A 92 -1.16 39.93 -4.52
N LYS A 93 -0.62 41.11 -4.22
CA LYS A 93 -1.46 42.12 -3.56
C LYS A 93 -2.58 42.60 -4.47
N ALA A 94 -2.29 42.73 -5.78
CA ALA A 94 -3.28 43.26 -6.70
C ALA A 94 -4.55 42.40 -6.71
N SER A 95 -4.39 41.08 -6.82
CA SER A 95 -5.57 40.23 -6.89
C SER A 95 -6.25 40.11 -5.53
N SER A 96 -5.47 40.14 -4.44
CA SER A 96 -6.03 40.20 -3.10
C SER A 96 -6.91 41.44 -2.93
N ASP A 97 -6.36 42.61 -3.24
CA ASP A 97 -7.15 43.84 -3.16
C ASP A 97 -8.35 43.77 -4.09
N TRP A 98 -8.17 43.21 -5.29
CA TRP A 98 -9.26 43.14 -6.24
C TRP A 98 -10.44 42.39 -5.67
N VAL A 99 -10.19 41.26 -4.99
CA VAL A 99 -11.27 40.47 -4.44
C VAL A 99 -12.01 41.24 -3.35
N MET A 100 -11.25 41.91 -2.46
CA MET A 100 -11.87 42.67 -1.39
C MET A 100 -12.68 43.84 -1.94
N ASP A 101 -12.18 44.48 -3.01
CA ASP A 101 -12.91 45.61 -3.58
C ASP A 101 -14.15 45.16 -4.33
N SER A 102 -14.11 43.98 -4.96
CA SER A 102 -15.30 43.47 -5.63
C SER A 102 -16.36 42.99 -4.65
N MET A 103 -16.04 42.87 -3.35
CA MET A 103 -17.08 42.57 -2.37
C MET A 103 -17.99 43.78 -2.17
N ASN A 104 -17.37 44.93 -1.92
CA ASN A 104 -18.13 46.20 -1.77
C ASN A 104 -18.38 46.75 -3.18
N LYS A 105 -19.24 46.07 -3.94
CA LYS A 105 -19.54 46.45 -5.32
C LYS A 105 -20.79 45.75 -5.83
N GLY A 127 -19.08 36.38 2.99
CA GLY A 127 -17.77 35.88 2.54
C GLY A 127 -16.94 35.33 3.69
N GLY A 128 -17.08 35.93 4.89
CA GLY A 128 -16.34 35.47 6.06
C GLY A 128 -16.84 34.15 6.59
N ALA A 129 -18.14 34.06 6.85
CA ALA A 129 -18.73 32.80 7.30
C ALA A 129 -18.54 31.70 6.26
N LEU A 130 -18.64 32.06 4.98
CA LEU A 130 -18.53 31.05 3.92
C LEU A 130 -17.16 30.38 3.92
N GLN A 131 -16.08 31.15 4.12
CA GLN A 131 -14.75 30.54 4.10
C GLN A 131 -14.50 29.70 5.35
N LYS A 132 -15.12 30.08 6.47
CA LYS A 132 -15.05 29.25 7.67
C LYS A 132 -15.78 27.92 7.47
N GLU A 133 -16.97 27.96 6.87
CA GLU A 133 -17.69 26.73 6.55
C GLU A 133 -16.93 25.84 5.58
N LEU A 134 -16.31 26.45 4.57
CA LEU A 134 -15.57 25.69 3.56
C LEU A 134 -14.53 24.79 4.20
N ILE A 135 -13.76 25.33 5.16
CA ILE A 135 -12.70 24.54 5.77
C ILE A 135 -13.30 23.50 6.71
N ARG A 136 -14.42 23.83 7.37
CA ARG A 136 -15.07 22.89 8.27
C ARG A 136 -15.54 21.64 7.54
N PHE A 137 -16.27 21.81 6.43
CA PHE A 137 -16.85 20.63 5.78
C PHE A 137 -15.83 19.85 4.96
N LEU A 138 -14.74 20.50 4.55
CA LEU A 138 -13.66 19.76 3.88
C LEU A 138 -12.79 18.97 4.86
N ASN A 139 -12.81 19.30 6.15
CA ASN A 139 -12.16 18.46 7.16
C ASN A 139 -12.96 17.18 7.33
N ALA A 140 -12.94 16.33 6.31
CA ALA A 140 -13.77 15.11 6.30
C ALA A 140 -12.91 13.85 6.23
N GLY A 141 -11.62 13.95 6.51
CA GLY A 141 -10.73 12.80 6.48
C GLY A 141 -10.71 12.06 7.80
N ILE A 142 -10.05 10.90 7.79
CA ILE A 142 -9.97 10.02 8.96
C ILE A 142 -8.51 9.71 9.22
N PHE A 143 -8.07 9.88 10.48
CA PHE A 143 -6.72 9.53 10.88
C PHE A 143 -6.66 8.25 11.70
N GLY A 144 -7.67 7.99 12.53
CA GLY A 144 -7.61 6.90 13.48
C GLY A 144 -6.42 7.12 14.41
N ASN A 145 -5.99 6.01 15.05
CA ASN A 145 -4.82 6.02 15.91
C ASN A 145 -3.58 5.61 15.09
N GLY A 146 -2.44 6.11 15.52
CA GLY A 146 -1.20 5.77 14.82
C GLY A 146 -1.05 6.58 13.56
N SER A 147 -0.16 6.12 12.67
CA SER A 147 0.23 6.88 11.50
C SER A 147 -0.23 6.29 10.17
N ASP A 148 -0.87 5.11 10.17
CA ASP A 148 -1.15 4.41 8.91
C ASP A 148 -2.08 5.18 7.98
N ASN A 149 -2.91 6.07 8.52
CA ASN A 149 -3.87 6.80 7.70
C ASN A 149 -3.51 8.28 7.61
N THR A 150 -2.26 8.63 7.89
CA THR A 150 -1.77 10.00 7.84
C THR A 150 -0.75 10.17 6.70
N LEU A 151 -0.84 11.28 5.99
CA LEU A 151 0.14 11.58 4.96
C LEU A 151 1.53 11.76 5.58
N PRO A 152 2.59 11.20 4.97
CA PRO A 152 3.92 11.28 5.59
C PRO A 152 4.40 12.72 5.75
N HIS A 153 5.28 12.92 6.74
CA HIS A 153 5.93 14.21 7.01
C HIS A 153 6.58 14.79 5.75
N SER A 154 7.35 13.97 5.03
CA SER A 154 8.04 14.47 3.85
C SER A 154 7.06 14.94 2.78
N ALA A 155 6.02 14.14 2.52
CA ALA A 155 5.04 14.48 1.50
C ALA A 155 4.22 15.69 1.88
N THR A 156 3.98 15.90 3.18
CA THR A 156 3.26 17.09 3.62
C THR A 156 4.09 18.36 3.36
N ARG A 157 5.39 18.30 3.65
CA ARG A 157 6.26 19.45 3.36
C ARG A 157 6.35 19.71 1.86
N ALA A 158 6.48 18.66 1.05
CA ALA A 158 6.41 18.81 -0.40
C ALA A 158 5.11 19.51 -0.80
N ALA A 159 3.98 19.08 -0.26
CA ALA A 159 2.70 19.71 -0.59
C ALA A 159 2.66 21.20 -0.22
N MET A 160 3.18 21.54 0.96
CA MET A 160 3.15 22.94 1.41
C MET A 160 3.99 23.82 0.50
N LEU A 161 5.14 23.32 0.07
CA LEU A 161 6.02 24.10 -0.79
C LEU A 161 5.37 24.35 -2.15
N VAL A 162 4.77 23.31 -2.74
CA VAL A 162 4.09 23.48 -4.01
C VAL A 162 2.85 24.35 -3.82
N ARG A 163 2.19 24.28 -2.67
CA ARG A 163 1.05 25.16 -2.41
C ARG A 163 1.47 26.62 -2.47
N ILE A 164 2.59 26.98 -1.85
CA ILE A 164 3.06 28.36 -1.89
C ILE A 164 3.37 28.77 -3.33
N ASN A 165 4.09 27.91 -4.05
CA ASN A 165 4.60 28.29 -5.36
C ASN A 165 3.47 28.55 -6.35
N THR A 166 2.41 27.75 -6.28
CA THR A 166 1.31 27.87 -7.23
C THR A 166 0.31 28.95 -6.84
N LEU A 167 0.65 29.77 -5.83
CA LEU A 167 -0.12 30.96 -5.46
C LEU A 167 0.67 32.24 -5.67
N LEU A 168 1.91 32.17 -6.13
CA LEU A 168 2.76 33.36 -6.22
C LEU A 168 2.65 34.09 -7.56
N GLN A 169 1.94 33.54 -8.54
CA GLN A 169 1.84 34.21 -9.84
C GLN A 169 0.95 35.44 -9.79
N GLY A 170 0.13 35.57 -8.75
CA GLY A 170 -0.70 36.76 -8.57
C GLY A 170 -2.11 36.64 -9.11
N TYR A 171 -2.57 35.44 -9.43
CA TYR A 171 -3.90 35.26 -10.00
C TYR A 171 -4.87 34.58 -9.04
N SER A 172 -4.47 34.39 -7.77
CA SER A 172 -5.25 33.57 -6.86
C SER A 172 -6.02 34.36 -5.80
N GLY A 173 -5.74 35.64 -5.64
CA GLY A 173 -6.46 36.47 -4.69
C GLY A 173 -6.34 36.03 -3.24
N ILE A 174 -5.11 35.86 -2.76
CA ILE A 174 -4.84 35.51 -1.37
C ILE A 174 -3.71 36.42 -0.88
N ARG A 175 -3.74 36.74 0.41
CA ARG A 175 -2.76 37.65 0.98
C ARG A 175 -1.37 37.01 1.04
N PHE A 176 -0.36 37.81 0.69
CA PHE A 176 1.03 37.35 0.77
C PHE A 176 1.38 36.89 2.18
N GLU A 177 0.80 37.55 3.21
CA GLU A 177 1.09 37.20 4.60
C GLU A 177 0.83 35.73 4.89
N ILE A 178 -0.20 35.15 4.27
CA ILE A 178 -0.48 33.74 4.49
C ILE A 178 0.64 32.88 3.90
N LEU A 179 1.13 33.25 2.72
CA LEU A 179 2.24 32.51 2.13
C LEU A 179 3.47 32.58 3.03
N GLU A 180 3.69 33.73 3.68
CA GLU A 180 4.83 33.86 4.58
C GLU A 180 4.69 32.99 5.82
N ALA A 181 3.46 32.77 6.28
CA ALA A 181 3.24 31.91 7.43
C ALA A 181 3.57 30.46 7.10
N ILE A 182 3.09 29.95 5.95
CA ILE A 182 3.42 28.57 5.57
C ILE A 182 4.92 28.42 5.41
N THR A 183 5.60 29.46 4.93
CA THR A 183 7.05 29.43 4.79
C THR A 183 7.73 29.30 6.15
N LYS A 184 7.21 29.99 7.17
CA LYS A 184 7.72 29.83 8.53
C LYS A 184 7.54 28.40 9.02
N PHE A 185 6.37 27.80 8.79
CA PHE A 185 6.16 26.41 9.19
C PHE A 185 7.16 25.48 8.51
N LEU A 186 7.51 25.76 7.26
CA LEU A 186 8.52 24.94 6.58
C LEU A 186 9.91 25.17 7.19
N ASN A 187 10.29 26.43 7.41
CA ASN A 187 11.65 26.73 7.87
C ASN A 187 11.86 26.37 9.34
N GLN A 188 10.80 26.26 10.12
CA GLN A 188 10.90 25.79 11.49
C GLN A 188 10.52 24.33 11.64
N ASN A 189 10.18 23.66 10.55
CA ASN A 189 9.85 22.24 10.55
C ASN A 189 8.69 21.95 11.50
N ILE A 190 7.67 22.78 11.43
CA ILE A 190 6.36 22.53 12.04
C ILE A 190 5.42 22.11 10.92
N THR A 191 4.84 20.91 11.03
CA THR A 191 4.19 20.27 9.88
C THR A 191 2.77 19.85 10.23
N PRO A 192 1.75 20.43 9.60
CA PRO A 192 0.37 20.04 9.90
C PRO A 192 0.10 18.58 9.57
N CYS A 193 -0.82 17.98 10.32
CA CYS A 193 -1.22 16.59 10.12
C CYS A 193 -2.32 16.52 9.07
N LEU A 194 -2.03 15.84 7.95
CA LEU A 194 -2.96 15.66 6.84
C LEU A 194 -3.38 14.21 6.72
N PRO A 195 -4.63 13.95 6.36
CA PRO A 195 -5.05 12.56 6.15
C PRO A 195 -4.44 12.01 4.87
N LEU A 196 -4.20 10.69 4.88
CA LEU A 196 -3.56 10.01 3.76
C LEU A 196 -4.50 9.95 2.55
N ARG A 197 -5.76 9.62 2.78
CA ARG A 197 -6.75 9.41 1.74
C ARG A 197 -7.88 10.42 1.88
N GLY A 198 -8.66 10.57 0.82
CA GLY A 198 -9.79 11.48 0.85
C GLY A 198 -9.88 12.38 -0.36
N THR A 199 -8.93 12.26 -1.30
CA THR A 199 -8.84 13.15 -2.45
C THR A 199 -8.84 12.38 -3.76
N ILE A 200 -9.54 12.93 -4.74
CA ILE A 200 -9.48 12.48 -6.13
C ILE A 200 -8.70 13.48 -7.00
N THR A 201 -8.04 14.46 -6.38
CA THR A 201 -7.09 15.39 -7.04
C THR A 201 -7.67 16.19 -8.21
N ASP A 203 -6.96 18.61 -4.53
CA ASP A 203 -6.77 17.93 -3.25
C ASP A 203 -7.46 18.65 -2.09
N LEU A 204 -8.78 18.83 -2.23
CA LEU A 204 -9.55 19.68 -1.32
C LEU A 204 -9.45 19.22 0.13
N VAL A 205 -9.75 17.94 0.39
CA VAL A 205 -9.83 17.46 1.77
C VAL A 205 -8.45 17.61 2.42
N PRO A 206 -7.37 17.01 1.90
CA PRO A 206 -6.08 17.16 2.61
C PRO A 206 -5.62 18.61 2.67
N LEU A 207 -5.80 19.42 1.62
CA LEU A 207 -5.35 20.80 1.70
C LEU A 207 -6.12 21.58 2.76
N SER A 208 -7.36 21.19 3.09
CA SER A 208 -8.09 21.92 4.11
C SER A 208 -7.48 21.75 5.50
N TYR A 209 -6.63 20.75 5.70
CA TYR A 209 -5.96 20.65 7.00
C TYR A 209 -4.76 21.57 7.10
N ILE A 210 -4.22 22.04 5.96
CA ILE A 210 -3.29 23.17 6.03
C ILE A 210 -4.04 24.44 6.40
N ALA A 211 -5.16 24.70 5.72
CA ALA A 211 -5.96 25.87 6.04
C ALA A 211 -6.48 25.83 7.48
N GLY A 212 -6.77 24.62 7.98
CA GLY A 212 -7.25 24.48 9.35
C GLY A 212 -6.21 24.88 10.39
N LEU A 213 -4.94 24.54 10.13
CA LEU A 213 -3.88 25.04 11.00
C LEU A 213 -3.82 26.56 10.96
N LEU A 214 -3.82 27.12 9.74
CA LEU A 214 -3.70 28.57 9.58
C LEU A 214 -4.85 29.33 10.23
N THR A 215 -6.02 28.73 10.31
CA THR A 215 -7.17 29.39 10.93
C THR A 215 -7.39 28.98 12.38
N GLY A 216 -6.60 28.04 12.90
CA GLY A 216 -6.74 27.63 14.29
C GLY A 216 -7.97 26.79 14.60
N ARG A 217 -8.37 25.91 13.69
CA ARG A 217 -9.48 25.01 13.97
C ARG A 217 -9.17 24.13 15.19
N PRO A 218 -10.18 23.79 15.98
CA PRO A 218 -9.92 23.08 17.25
C PRO A 218 -9.42 21.65 17.05
N ASN A 219 -9.72 21.01 15.93
CA ASN A 219 -9.20 19.67 15.69
C ASN A 219 -7.84 19.66 15.00
N SER A 220 -7.33 20.82 14.59
CA SER A 220 -6.07 20.88 13.85
C SER A 220 -4.90 20.48 14.75
N LYS A 221 -3.97 19.72 14.18
CA LYS A 221 -2.75 19.31 14.89
C LYS A 221 -1.56 19.43 13.96
N ALA A 222 -0.39 19.70 14.55
CA ALA A 222 0.88 19.72 13.82
C ALA A 222 1.93 18.96 14.62
N VAL A 223 3.00 18.60 13.92
CA VAL A 223 4.09 17.84 14.51
C VAL A 223 5.35 18.70 14.45
N GLY A 224 6.00 18.88 15.59
CA GLY A 224 7.20 19.68 15.67
C GLY A 224 8.41 18.90 15.22
N PRO A 225 9.57 19.58 15.28
CA PRO A 225 10.80 18.98 14.71
C PRO A 225 11.17 17.64 15.33
N THR A 226 10.87 17.42 16.61
CA THR A 226 11.23 16.18 17.28
C THR A 226 10.06 15.22 17.40
N GLY A 227 8.91 15.53 16.81
CA GLY A 227 7.79 14.61 16.77
C GLY A 227 6.68 14.89 17.77
N VAL A 228 6.77 15.97 18.53
CA VAL A 228 5.74 16.33 19.50
C VAL A 228 4.50 16.84 18.77
N ILE A 229 3.32 16.40 19.23
CA ILE A 229 2.06 16.87 18.67
C ILE A 229 1.71 18.22 19.27
N LEU A 230 1.36 19.18 18.41
CA LEU A 230 1.16 20.56 18.80
C LEU A 230 -0.27 21.00 18.47
N SER A 231 -0.83 21.83 19.35
CA SER A 231 -2.03 22.57 19.04
C SER A 231 -1.69 23.69 18.06
N PRO A 232 -2.68 24.22 17.36
CA PRO A 232 -2.40 25.35 16.46
C PRO A 232 -1.76 26.53 17.15
N GLU A 233 -2.12 26.81 18.41
CA GLU A 233 -1.49 27.90 19.15
C GLU A 233 0.00 27.62 19.37
N GLU A 234 0.31 26.41 19.81
CA GLU A 234 1.71 26.04 20.02
C GLU A 234 2.49 26.07 18.71
N ALA A 235 1.85 25.68 17.60
CA ALA A 235 2.55 25.67 16.31
C ALA A 235 2.86 27.09 15.84
N PHE A 236 1.93 28.02 16.05
CA PHE A 236 2.16 29.41 15.68
C PHE A 236 3.32 30.01 16.47
N LYS A 237 3.40 29.72 17.77
CA LYS A 237 4.49 30.26 18.58
C LYS A 237 5.84 29.68 18.17
N LEU A 238 5.92 28.37 18.01
CA LEU A 238 7.19 27.77 17.63
C LEU A 238 7.66 28.25 16.26
N ALA A 239 6.72 28.52 15.36
CA ALA A 239 7.07 28.96 14.02
C ALA A 239 7.40 30.45 13.95
N GLY A 240 7.09 31.21 14.98
CA GLY A 240 7.30 32.63 14.93
C GLY A 240 6.27 33.38 14.15
N VAL A 241 5.09 32.80 13.93
CA VAL A 241 4.02 33.47 13.20
C VAL A 241 3.24 34.35 14.17
N GLU A 242 3.41 35.67 14.05
CA GLU A 242 2.76 36.61 14.95
C GLU A 242 1.43 37.08 14.37
N GLY A 243 0.65 37.76 15.20
CA GLY A 243 -0.61 38.34 14.79
C GLY A 243 -1.83 37.46 14.97
N GLY A 244 -1.67 36.23 15.48
CA GLY A 244 -2.80 35.36 15.72
C GLY A 244 -3.28 34.66 14.47
N PHE A 245 -4.27 33.77 14.68
CA PHE A 245 -4.80 32.98 13.58
C PHE A 245 -5.35 33.87 12.47
N PHE A 246 -5.26 33.38 11.24
CA PHE A 246 -5.81 34.11 10.11
C PHE A 246 -7.33 33.98 10.09
N GLU A 247 -7.98 35.07 9.70
CA GLU A 247 -9.40 35.09 9.38
C GLU A 247 -9.50 35.21 7.87
N LEU A 248 -9.98 34.15 7.22
CA LEU A 248 -9.90 34.08 5.77
C LEU A 248 -10.83 35.09 5.11
N GLN A 249 -10.28 35.85 4.17
CA GLN A 249 -11.05 36.76 3.33
C GLN A 249 -11.70 35.97 2.21
N PRO A 250 -12.64 36.55 1.46
CA PRO A 250 -13.25 35.78 0.37
C PRO A 250 -12.18 35.37 -0.62
N LYS A 251 -12.39 34.22 -1.24
CA LYS A 251 -11.45 33.59 -2.18
C LYS A 251 -10.25 32.95 -1.46
N GLU A 252 -9.94 33.35 -0.22
CA GLU A 252 -8.73 32.83 0.43
C GLU A 252 -8.87 31.36 0.83
N GLY A 253 -10.03 30.96 1.34
CA GLY A 253 -10.26 29.55 1.60
C GLY A 253 -10.14 28.72 0.34
N LEU A 254 -10.77 29.18 -0.73
CA LEU A 254 -10.67 28.53 -2.04
C LEU A 254 -9.23 28.49 -2.54
N ALA A 255 -8.52 29.62 -2.45
CA ALA A 255 -7.13 29.63 -2.92
C ALA A 255 -6.29 28.58 -2.21
N LEU A 256 -6.57 28.31 -0.93
CA LEU A 256 -5.78 27.34 -0.18
C LEU A 256 -6.15 25.90 -0.53
N VAL A 257 -7.44 25.60 -0.68
CA VAL A 257 -7.84 24.20 -0.82
C VAL A 257 -7.95 23.76 -2.28
N ASN A 258 -8.06 24.69 -3.23
CA ASN A 258 -8.31 24.37 -4.63
C ASN A 258 -6.95 24.25 -5.33
N GLY A 259 -6.53 23.04 -5.65
CA GLY A 259 -5.22 22.88 -6.26
C GLY A 259 -4.70 21.46 -6.17
N THR A 260 -3.64 21.21 -6.94
CA THR A 260 -3.14 19.85 -7.12
C THR A 260 -1.86 19.60 -6.33
N ALA A 261 -1.60 20.41 -5.31
CA ALA A 261 -0.29 20.45 -4.66
C ALA A 261 0.08 19.15 -3.95
N VAL A 262 -0.89 18.41 -3.40
CA VAL A 262 -0.50 17.19 -2.69
C VAL A 262 -0.06 16.12 -3.69
N GLY A 263 -0.87 15.89 -4.73
CA GLY A 263 -0.48 14.92 -5.75
C GLY A 263 0.81 15.31 -6.47
N SER A 264 0.96 16.59 -6.82
CA SER A 264 2.14 16.97 -7.60
C SER A 264 3.39 17.05 -6.73
N GLY A 265 3.25 17.44 -5.47
CA GLY A 265 4.38 17.44 -4.56
C GLY A 265 4.97 16.04 -4.39
N MET A 266 4.10 15.05 -4.22
CA MET A 266 4.61 13.69 -4.06
C MET A 266 5.15 13.14 -5.38
N ALA A 267 4.55 13.52 -6.52
CA ALA A 267 5.08 13.09 -7.80
C ALA A 267 6.50 13.63 -8.02
N SER A 268 6.78 14.84 -7.51
CA SER A 268 8.11 15.42 -7.63
C SER A 268 9.14 14.61 -6.84
N MET A 269 8.79 14.22 -5.61
CA MET A 269 9.69 13.38 -4.82
C MET A 269 9.96 12.07 -5.53
N VAL A 270 8.89 11.45 -6.05
CA VAL A 270 9.00 10.17 -6.74
C VAL A 270 9.88 10.29 -7.97
N LEU A 271 9.68 11.36 -8.76
CA LEU A 271 10.45 11.50 -10.00
C LEU A 271 11.92 11.83 -9.74
N PHE A 272 12.23 12.54 -8.65
CA PHE A 272 13.63 12.77 -8.31
C PHE A 272 14.35 11.44 -8.11
N GLU A 273 13.73 10.53 -7.38
CA GLU A 273 14.34 9.22 -7.15
C GLU A 273 14.33 8.37 -8.41
N ALA A 274 13.23 8.41 -9.18
CA ALA A 274 13.17 7.61 -10.40
C ALA A 274 14.29 7.99 -11.37
N ASN A 275 14.59 9.28 -11.49
CA ASN A 275 15.64 9.73 -12.41
C ASN A 275 17.01 9.17 -12.00
N ILE A 276 17.32 9.24 -10.72
CA ILE A 276 18.59 8.72 -10.24
C ILE A 276 18.64 7.20 -10.36
N LEU A 277 17.54 6.50 -9.99
CA LEU A 277 17.54 5.04 -10.08
C LEU A 277 17.65 4.57 -11.53
N ALA A 278 17.18 5.38 -12.48
CA ALA A 278 17.35 5.03 -13.88
C ALA A 278 18.82 5.04 -14.29
N VAL A 279 19.58 6.05 -13.84
CA VAL A 279 21.02 6.07 -14.10
C VAL A 279 21.72 4.92 -13.39
N LEU A 280 21.31 4.62 -12.15
CA LEU A 280 21.89 3.46 -11.46
C LEU A 280 21.66 2.18 -12.24
N ALA A 281 20.46 2.02 -12.82
CA ALA A 281 20.16 0.81 -13.58
C ALA A 281 21.03 0.70 -14.84
N GLU A 282 21.32 1.84 -15.48
CA GLU A 282 22.21 1.81 -16.64
C GLU A 282 23.63 1.41 -16.24
N VAL A 283 24.15 2.02 -15.17
CA VAL A 283 25.51 1.70 -14.74
C VAL A 283 25.61 0.26 -14.20
N MET A 284 24.63 -0.17 -13.40
CA MET A 284 24.65 -1.55 -12.94
C MET A 284 24.56 -2.55 -14.09
N SER A 285 23.86 -2.21 -15.17
CA SER A 285 23.84 -3.08 -16.36
C SER A 285 25.25 -3.28 -16.92
N ALA A 286 26.08 -2.25 -16.84
CA ALA A 286 27.45 -2.37 -17.34
C ALA A 286 28.32 -3.16 -16.37
N ILE A 287 28.20 -2.90 -15.07
CA ILE A 287 28.94 -3.68 -14.07
C ILE A 287 28.56 -5.16 -14.18
N PHE A 288 27.28 -5.43 -14.33
CA PHE A 288 26.79 -6.78 -14.63
C PHE A 288 27.52 -7.37 -15.83
N ALA A 289 27.58 -6.61 -16.93
CA ALA A 289 28.31 -7.08 -18.09
C ALA A 289 29.79 -7.32 -17.79
N GLU A 290 30.40 -6.48 -16.94
CA GLU A 290 31.81 -6.66 -16.58
C GLU A 290 32.04 -7.98 -15.86
N VAL A 291 31.22 -8.29 -14.84
CA VAL A 291 31.46 -9.48 -14.03
C VAL A 291 30.96 -10.74 -14.71
N MET A 292 29.99 -10.62 -15.63
CA MET A 292 29.54 -11.76 -16.42
C MET A 292 30.51 -12.13 -17.52
N GLN A 293 31.53 -11.30 -17.77
CA GLN A 293 32.38 -11.44 -18.94
C GLN A 293 31.56 -11.38 -20.21
N GLY A 294 30.57 -10.48 -20.23
CA GLY A 294 29.81 -10.26 -21.45
C GLY A 294 30.65 -9.62 -22.54
N LYS A 295 30.23 -9.83 -23.78
CA LYS A 295 30.93 -9.21 -24.90
C LYS A 295 30.48 -7.76 -25.06
N PRO A 296 31.38 -6.78 -24.97
CA PRO A 296 30.96 -5.37 -25.02
C PRO A 296 30.40 -4.93 -26.36
N GLU A 297 30.54 -5.75 -27.42
CA GLU A 297 29.92 -5.46 -28.72
C GLU A 297 28.46 -5.03 -28.60
N PHE A 298 27.72 -5.51 -27.60
CA PHE A 298 26.30 -5.16 -27.49
C PHE A 298 26.08 -3.66 -27.30
N THR A 299 27.10 -2.91 -26.95
CA THR A 299 26.98 -1.46 -26.80
C THR A 299 27.47 -0.69 -28.02
N ASP A 300 27.87 -1.38 -29.09
CA ASP A 300 28.42 -0.72 -30.28
C ASP A 300 27.46 0.33 -30.82
N HIS A 301 27.97 1.56 -31.06
CA HIS A 301 27.09 2.68 -31.38
C HIS A 301 26.34 2.48 -32.68
N LEU A 302 26.89 1.70 -33.64
CA LEU A 302 26.17 1.50 -34.89
C LEU A 302 24.82 0.84 -34.64
N THR A 303 24.80 -0.19 -33.79
CA THR A 303 23.56 -0.87 -33.45
C THR A 303 22.50 0.12 -32.97
N HIS A 304 22.87 0.99 -32.05
CA HIS A 304 21.86 1.83 -31.43
C HIS A 304 21.55 3.06 -32.28
N LYS A 305 22.56 3.57 -32.99
CA LYS A 305 22.34 4.66 -33.93
C LYS A 305 21.27 4.29 -34.95
N LEU A 306 21.26 3.03 -35.40
CA LEU A 306 20.35 2.58 -36.45
C LEU A 306 18.91 2.41 -35.99
N LYS A 307 18.61 2.57 -34.69
CA LYS A 307 17.22 2.62 -34.23
C LYS A 307 16.70 4.03 -33.97
N HIS A 308 17.59 5.01 -33.78
CA HIS A 308 17.30 6.43 -33.60
C HIS A 308 16.74 6.76 -32.22
N HIS A 309 16.35 5.79 -31.40
CA HIS A 309 15.75 6.10 -30.09
C HIS A 309 16.79 6.72 -29.18
N PRO A 310 16.59 7.95 -28.68
CA PRO A 310 17.69 8.56 -27.90
C PRO A 310 17.90 7.91 -26.53
N GLY A 311 16.85 7.47 -25.83
CA GLY A 311 17.07 6.75 -24.57
C GLY A 311 18.01 5.56 -24.73
N GLN A 312 17.79 4.77 -25.77
CA GLN A 312 18.62 3.60 -26.02
C GLN A 312 20.05 3.99 -26.41
N ILE A 313 20.22 5.05 -27.21
CA ILE A 313 21.56 5.46 -27.62
C ILE A 313 22.37 5.94 -26.41
N GLU A 314 21.74 6.71 -25.53
CA GLU A 314 22.42 7.18 -24.33
C GLU A 314 22.75 6.01 -23.40
N ALA A 315 21.78 5.13 -23.16
CA ALA A 315 22.01 3.99 -22.28
C ALA A 315 23.19 3.16 -22.76
N ALA A 316 23.25 2.89 -24.06
CA ALA A 316 24.37 2.13 -24.61
C ALA A 316 25.68 2.89 -24.48
N ALA A 317 25.66 4.20 -24.72
CA ALA A 317 26.88 4.99 -24.63
C ALA A 317 27.40 5.04 -23.19
N ILE A 318 26.50 5.07 -22.21
CA ILE A 318 26.91 5.06 -20.81
C ILE A 318 27.56 3.71 -20.45
N MET A 319 26.91 2.61 -20.85
CA MET A 319 27.47 1.29 -20.61
C MET A 319 28.80 1.11 -21.34
N GLU A 320 28.86 1.55 -22.61
CA GLU A 320 30.09 1.49 -23.38
C GLU A 320 31.21 2.27 -22.69
N HIS A 321 30.88 3.40 -22.07
CA HIS A 321 31.90 4.17 -21.36
C HIS A 321 32.46 3.39 -20.17
N ILE A 322 31.59 2.74 -19.40
CA ILE A 322 32.05 1.92 -18.29
C ILE A 322 32.94 0.78 -18.81
N LEU A 323 32.49 0.08 -19.84
CA LEU A 323 33.22 -1.08 -20.33
C LEU A 323 34.54 -0.69 -20.99
N ASP A 324 34.60 0.50 -21.59
CA ASP A 324 35.82 0.96 -22.26
C ASP A 324 36.95 1.28 -21.29
N GLY A 325 36.65 1.48 -20.02
CA GLY A 325 37.70 1.76 -19.05
C GLY A 325 37.78 0.66 -18.01
N SER A 326 37.44 -0.56 -18.43
CA SER A 326 37.35 -1.71 -17.56
C SER A 326 38.60 -2.57 -17.68
N ALA A 327 39.25 -2.83 -16.55
CA ALA A 327 40.40 -3.74 -16.54
C ALA A 327 40.00 -5.15 -16.92
N TYR A 328 38.77 -5.57 -16.60
CA TYR A 328 38.31 -6.90 -17.00
C TYR A 328 38.25 -7.04 -18.51
N VAL A 329 37.67 -6.05 -19.19
CA VAL A 329 37.59 -6.10 -20.64
C VAL A 329 38.98 -6.07 -21.27
N LYS A 330 39.83 -5.14 -20.80
CA LYS A 330 41.18 -5.03 -21.36
C LYS A 330 41.98 -6.31 -21.16
N ALA A 331 41.72 -7.04 -20.07
CA ALA A 331 42.43 -8.31 -19.86
C ALA A 331 42.00 -9.34 -20.89
N ALA A 332 40.70 -9.43 -21.17
CA ALA A 332 40.18 -10.37 -22.15
C ALA A 332 40.61 -9.97 -23.55
N GLN A 346 26.30 -16.17 -28.13
CA GLN A 346 26.05 -14.80 -27.67
C GLN A 346 25.50 -14.77 -26.24
N ASP A 347 25.36 -13.57 -25.71
CA ASP A 347 24.84 -13.36 -24.37
C ASP A 347 23.31 -13.43 -24.36
N ARG A 348 22.74 -13.61 -23.16
CA ARG A 348 21.29 -13.68 -23.04
C ARG A 348 20.68 -12.27 -23.00
N TYR A 349 19.34 -12.19 -23.06
CA TYR A 349 18.71 -10.91 -23.44
C TYR A 349 18.86 -9.85 -22.36
N ALA A 350 18.78 -10.25 -21.08
CA ALA A 350 18.90 -9.27 -20.00
C ALA A 350 20.25 -8.55 -20.03
N LEU A 351 21.27 -9.14 -20.66
CA LEU A 351 22.54 -8.46 -20.88
C LEU A 351 22.52 -7.73 -22.24
N ARG A 352 22.33 -8.48 -23.32
CA ARG A 352 22.53 -7.97 -24.68
C ARG A 352 21.48 -6.94 -25.11
N THR A 353 20.23 -7.04 -24.61
CA THR A 353 19.19 -6.10 -25.00
C THR A 353 18.95 -5.02 -23.94
N SER A 354 19.80 -4.91 -22.93
CA SER A 354 19.54 -3.95 -21.86
C SER A 354 19.47 -2.50 -22.33
N PRO A 355 20.27 -2.01 -23.29
CA PRO A 355 20.02 -0.64 -23.79
C PRO A 355 18.67 -0.50 -24.45
N GLN A 356 18.27 -1.48 -25.28
CA GLN A 356 16.95 -1.45 -25.92
C GLN A 356 15.84 -1.45 -24.88
N TRP A 357 16.04 -2.17 -23.78
CA TRP A 357 15.02 -2.29 -22.74
C TRP A 357 14.92 -1.02 -21.90
N LEU A 358 16.05 -0.44 -21.49
CA LEU A 358 15.99 0.73 -20.60
C LEU A 358 15.65 2.01 -21.37
N GLY A 359 16.05 2.11 -22.63
CA GLY A 359 15.87 3.32 -23.41
C GLY A 359 14.50 3.97 -23.27
N PRO A 360 13.44 3.22 -23.62
CA PRO A 360 12.09 3.79 -23.51
C PRO A 360 11.68 4.14 -22.10
N GLN A 361 12.15 3.39 -21.09
CA GLN A 361 11.79 3.73 -19.71
C GLN A 361 12.38 5.07 -19.32
N ILE A 362 13.62 5.35 -19.75
CA ILE A 362 14.24 6.65 -19.48
C ILE A 362 13.46 7.77 -20.17
N GLU A 363 13.07 7.55 -21.43
CA GLU A 363 12.32 8.59 -22.14
C GLU A 363 11.02 8.90 -21.43
N VAL A 364 10.31 7.86 -20.96
CA VAL A 364 9.05 8.05 -20.25
C VAL A 364 9.26 8.82 -18.96
N ILE A 365 10.30 8.46 -18.19
CA ILE A 365 10.57 9.14 -16.93
C ILE A 365 10.95 10.61 -17.18
N ARG A 366 11.72 10.86 -18.23
CA ARG A 366 12.08 12.22 -18.58
C ARG A 366 10.85 13.04 -18.96
N SER A 367 10.03 12.50 -19.86
CA SER A 367 8.83 13.22 -20.28
CA SER A 367 8.83 13.22 -20.28
C SER A 367 7.89 13.44 -19.10
N SER A 368 7.77 12.45 -18.22
CA SER A 368 6.93 12.61 -17.02
C SER A 368 7.48 13.71 -16.12
N THR A 369 8.80 13.81 -16.01
CA THR A 369 9.39 14.86 -15.20
C THR A 369 8.98 16.25 -15.71
N LYS A 370 9.02 16.46 -17.02
CA LYS A 370 8.68 17.77 -17.57
C LYS A 370 7.23 18.13 -17.29
N MET A 371 6.34 17.14 -17.39
CA MET A 371 4.93 17.36 -17.10
C MET A 371 4.73 17.80 -15.65
N ILE A 372 5.41 17.14 -14.71
CA ILE A 372 5.23 17.48 -13.31
C ILE A 372 5.85 18.83 -13.01
N GLU A 373 7.00 19.15 -13.65
CA GLU A 373 7.60 20.45 -13.40
C GLU A 373 6.72 21.58 -13.92
N ARG A 374 5.99 21.37 -15.01
CA ARG A 374 4.99 22.35 -15.41
C ARG A 374 3.87 22.44 -14.38
N GLU A 375 3.40 21.31 -13.86
CA GLU A 375 2.28 21.34 -12.92
C GLU A 375 2.64 22.05 -11.63
N ILE A 376 3.86 21.85 -11.12
CA ILE A 376 4.21 22.51 -9.87
C ILE A 376 4.49 24.00 -10.02
N ASN A 377 4.54 24.52 -11.26
CA ASN A 377 4.60 25.96 -11.53
C ASN A 377 3.32 26.49 -12.17
N SER A 378 2.22 25.77 -12.06
CA SER A 378 0.96 26.20 -12.67
C SER A 378 0.08 26.93 -11.66
N VAL A 379 -0.89 27.69 -12.17
CA VAL A 379 -1.96 28.22 -11.34
C VAL A 379 -3.12 27.24 -11.46
N ASN A 380 -3.47 26.58 -10.35
CA ASN A 380 -4.46 25.50 -10.42
C ASN A 380 -5.58 25.66 -9.38
N ASP A 381 -5.91 26.89 -9.00
CA ASP A 381 -7.14 27.13 -8.27
C ASP A 381 -8.17 27.74 -9.21
N ASN A 382 -9.30 28.16 -8.66
CA ASN A 382 -10.42 28.57 -9.48
C ASN A 382 -11.40 29.33 -8.60
N PRO A 383 -11.92 30.48 -9.07
CA PRO A 383 -11.61 31.15 -10.34
C PRO A 383 -10.32 31.94 -10.31
N LEU A 384 -9.72 32.22 -11.48
CA LEU A 384 -8.54 33.08 -11.52
C LEU A 384 -8.96 34.54 -11.44
N ILE A 385 -8.09 35.37 -10.84
CA ILE A 385 -8.37 36.79 -10.71
C ILE A 385 -7.47 37.52 -11.71
N ASP A 386 -8.08 38.02 -12.78
CA ASP A 386 -7.36 38.75 -13.83
C ASP A 386 -7.62 40.23 -13.63
N VAL A 387 -6.74 40.89 -12.87
CA VAL A 387 -6.92 42.31 -12.63
C VAL A 387 -6.76 43.09 -13.93
N SER A 388 -5.94 42.60 -14.86
CA SER A 388 -5.74 43.34 -16.11
C SER A 388 -7.02 43.47 -16.92
N ARG A 389 -7.98 42.56 -16.72
CA ARG A 389 -9.25 42.60 -17.44
C ARG A 389 -10.42 42.83 -16.50
N ASN A 390 -10.15 43.13 -15.22
CA ASN A 390 -11.18 43.43 -14.23
C ASN A 390 -12.22 42.32 -14.13
N LYS A 391 -11.78 41.06 -14.11
CA LYS A 391 -12.77 40.00 -14.01
C LYS A 391 -12.15 38.74 -13.42
N ALA A 392 -13.03 37.89 -12.90
CA ALA A 392 -12.67 36.55 -12.46
C ALA A 392 -12.95 35.56 -13.59
N ILE A 393 -12.01 34.64 -13.81
CA ILE A 393 -12.09 33.70 -14.92
C ILE A 393 -12.34 32.31 -14.36
N HIS A 394 -13.51 31.76 -14.61
CA HIS A 394 -13.84 30.42 -14.13
C HIS A 394 -13.32 29.36 -15.09
N GLY A 395 -12.79 28.28 -14.56
CA GLY A 395 -12.14 27.29 -15.38
C GLY A 395 -11.88 25.99 -14.65
N GLY A 396 -10.96 25.20 -15.20
CA GLY A 396 -10.81 23.84 -14.71
C GLY A 396 -9.40 23.45 -14.29
N ASN A 397 -8.59 24.41 -13.86
CA ASN A 397 -7.16 24.13 -13.68
C ASN A 397 -6.85 23.23 -12.49
N PHE A 398 -7.83 22.96 -11.62
CA PHE A 398 -7.65 22.03 -10.51
C PHE A 398 -7.65 20.57 -10.95
N GLN A 399 -7.94 20.31 -12.22
CA GLN A 399 -8.04 18.95 -12.75
C GLN A 399 -6.63 18.39 -12.95
N GLY A 400 -6.18 17.54 -12.01
CA GLY A 400 -4.80 17.07 -11.99
C GLY A 400 -4.39 15.97 -12.97
N THR A 401 -5.02 15.96 -14.15
CA THR A 401 -4.70 14.95 -15.16
C THR A 401 -3.21 14.80 -15.44
N PRO A 402 -2.39 15.86 -15.51
CA PRO A 402 -0.96 15.63 -15.74
C PRO A 402 -0.31 14.79 -14.66
N ILE A 403 -0.81 14.84 -13.42
CA ILE A 403 -0.25 14.02 -12.34
C ILE A 403 -0.64 12.56 -12.51
N GLY A 404 -1.94 12.30 -12.71
CA GLY A 404 -2.38 10.92 -12.88
C GLY A 404 -1.73 10.24 -14.06
N VAL A 405 -1.63 10.95 -15.19
CA VAL A 405 -1.07 10.35 -16.40
C VAL A 405 0.42 10.07 -16.22
N SER A 406 1.18 11.05 -15.72
CA SER A 406 2.63 10.85 -15.60
C SER A 406 2.96 9.81 -14.54
N MET A 407 2.16 9.71 -13.49
CA MET A 407 2.47 8.72 -12.45
C MET A 407 2.13 7.29 -12.90
N ASP A 408 1.00 7.10 -13.58
CA ASP A 408 0.70 5.78 -14.15
C ASP A 408 1.77 5.36 -15.15
N ASN A 409 2.20 6.28 -16.04
CA ASN A 409 3.22 5.94 -17.02
C ASN A 409 4.55 5.66 -16.36
N THR A 410 4.93 6.47 -15.37
CA THR A 410 6.19 6.25 -14.68
C THR A 410 6.17 4.94 -13.92
N ARG A 411 5.05 4.60 -13.28
CA ARG A 411 5.00 3.36 -12.51
C ARG A 411 5.20 2.13 -13.41
N LEU A 412 4.60 2.16 -14.60
CA LEU A 412 4.85 1.10 -15.57
C LEU A 412 6.33 1.04 -15.95
N ALA A 413 6.96 2.21 -16.18
CA ALA A 413 8.37 2.21 -16.53
C ALA A 413 9.25 1.73 -15.37
N ILE A 414 8.87 2.07 -14.13
CA ILE A 414 9.58 1.55 -12.97
C ILE A 414 9.51 0.03 -12.92
N ALA A 415 8.34 -0.53 -13.21
CA ALA A 415 8.18 -1.99 -13.17
C ALA A 415 9.06 -2.66 -14.22
N ALA A 416 9.23 -2.02 -15.38
CA ALA A 416 10.08 -2.57 -16.43
C ALA A 416 11.54 -2.54 -16.04
N ILE A 417 11.99 -1.49 -15.36
CA ILE A 417 13.36 -1.45 -14.87
C ILE A 417 13.60 -2.56 -13.85
N GLY A 418 12.62 -2.78 -12.96
CA GLY A 418 12.76 -3.86 -11.98
C GLY A 418 12.77 -5.25 -12.60
N LYS A 419 11.93 -5.47 -13.61
CA LYS A 419 11.92 -6.78 -14.30
C LYS A 419 13.27 -7.06 -14.95
N LEU A 420 13.90 -6.05 -15.55
CA LEU A 420 15.23 -6.24 -16.12
C LEU A 420 16.24 -6.57 -15.03
N MET A 421 16.17 -5.83 -13.92
CA MET A 421 17.03 -6.09 -12.77
C MET A 421 16.86 -7.50 -12.24
N PHE A 422 15.62 -7.97 -12.13
CA PHE A 422 15.39 -9.34 -11.69
C PHE A 422 15.98 -10.34 -12.69
N ALA A 423 15.80 -10.10 -13.99
CA ALA A 423 16.37 -11.00 -14.99
C ALA A 423 17.90 -11.03 -14.91
N GLN A 424 18.53 -9.86 -14.76
CA GLN A 424 20.00 -9.81 -14.65
C GLN A 424 20.49 -10.49 -13.37
N PHE A 425 19.80 -10.24 -12.24
CA PHE A 425 20.19 -10.90 -10.98
C PHE A 425 20.06 -12.42 -11.12
N SER A 426 19.00 -12.88 -11.78
CA SER A 426 18.80 -14.31 -11.98
C SER A 426 19.93 -14.93 -12.81
N GLU A 427 20.37 -14.26 -13.89
CA GLU A 427 21.53 -14.76 -14.63
C GLU A 427 22.77 -14.81 -13.74
N LEU A 428 22.96 -13.77 -12.93
CA LEU A 428 24.21 -13.63 -12.20
C LEU A 428 24.41 -14.76 -11.17
N VAL A 429 23.32 -15.21 -10.53
CA VAL A 429 23.45 -16.24 -9.50
C VAL A 429 23.31 -17.67 -10.05
N ASN A 430 23.10 -17.83 -11.34
CA ASN A 430 22.88 -19.15 -11.93
C ASN A 430 24.16 -19.61 -12.63
N ASP A 431 24.75 -20.71 -12.12
CA ASP A 431 26.02 -21.15 -12.66
C ASP A 431 25.92 -21.70 -14.08
N PHE A 432 24.71 -21.98 -14.56
CA PHE A 432 24.53 -22.30 -15.98
C PHE A 432 24.78 -21.10 -16.88
N TYR A 433 24.66 -19.88 -16.34
CA TYR A 433 24.63 -18.67 -17.15
C TYR A 433 25.72 -17.66 -16.83
N ASN A 434 26.41 -17.79 -15.70
CA ASN A 434 27.24 -16.70 -15.20
C ASN A 434 28.74 -16.92 -15.46
N ASN A 435 29.07 -17.80 -16.40
CA ASN A 435 30.42 -17.87 -16.96
C ASN A 435 31.48 -18.14 -15.90
N GLY A 436 31.25 -19.17 -15.08
CA GLY A 436 32.25 -19.64 -14.13
C GLY A 436 32.06 -19.16 -12.70
N LEU A 437 31.11 -18.27 -12.44
CA LEU A 437 30.88 -17.84 -11.07
C LEU A 437 30.16 -18.95 -10.29
N PRO A 438 30.40 -19.03 -8.98
CA PRO A 438 29.74 -20.09 -8.20
C PRO A 438 28.23 -19.93 -8.24
N SER A 439 27.54 -21.07 -8.23
CA SER A 439 26.10 -21.05 -7.98
C SER A 439 25.80 -20.27 -6.71
N ASN A 440 24.76 -19.43 -6.75
CA ASN A 440 24.32 -18.56 -5.67
C ASN A 440 25.36 -17.52 -5.27
N LEU A 441 26.44 -17.36 -6.04
CA LEU A 441 27.57 -16.54 -5.63
C LEU A 441 28.07 -16.94 -4.24
N SER A 442 28.06 -18.24 -3.94
CA SER A 442 28.57 -18.75 -2.68
CA SER A 442 28.55 -18.71 -2.66
C SER A 442 30.02 -18.32 -2.48
N GLY A 443 30.36 -17.92 -1.25
CA GLY A 443 31.69 -17.37 -1.03
C GLY A 443 32.67 -18.19 -0.21
N GLY A 444 32.17 -19.20 0.52
CA GLY A 444 33.00 -19.93 1.46
C GLY A 444 33.70 -21.13 0.83
N ARG A 445 34.61 -21.71 1.62
CA ARG A 445 35.39 -22.85 1.15
C ARG A 445 34.52 -24.06 0.89
N ASN A 446 33.39 -24.18 1.60
CA ASN A 446 32.58 -25.40 1.59
C ASN A 446 31.22 -25.12 0.98
N PRO A 447 31.00 -25.45 -0.29
CA PRO A 447 29.71 -25.12 -0.92
C PRO A 447 28.51 -25.82 -0.27
N SER A 448 28.72 -26.96 0.38
CA SER A 448 27.63 -27.63 1.08
C SER A 448 27.12 -26.83 2.26
N LEU A 449 27.93 -25.93 2.82
CA LEU A 449 27.54 -25.09 3.94
C LEU A 449 27.53 -23.60 3.55
N ASP A 450 27.20 -23.28 2.29
CA ASP A 450 27.15 -21.88 1.87
C ASP A 450 26.25 -21.78 0.63
N TYR A 451 25.01 -21.34 0.84
CA TYR A 451 24.06 -21.20 -0.24
C TYR A 451 23.94 -19.75 -0.70
N GLY A 452 24.93 -18.93 -0.36
CA GLY A 452 25.10 -17.60 -0.93
C GLY A 452 23.84 -16.76 -0.96
N PHE A 453 23.41 -16.41 -2.17
CA PHE A 453 22.33 -15.47 -2.38
C PHE A 453 20.99 -16.16 -2.66
N LYS A 454 20.87 -17.46 -2.35
CA LYS A 454 19.63 -18.17 -2.66
C LYS A 454 18.43 -17.53 -1.96
N GLY A 455 18.57 -17.14 -0.70
CA GLY A 455 17.47 -16.43 -0.05
C GLY A 455 17.19 -15.08 -0.68
N ALA A 456 18.23 -14.35 -1.04
CA ALA A 456 18.03 -13.05 -1.69
C ALA A 456 17.36 -13.19 -3.05
N GLU A 457 17.64 -14.30 -3.76
CA GLU A 457 17.07 -14.49 -5.09
C GLU A 457 15.56 -14.75 -5.00
N ILE A 458 15.14 -15.49 -3.97
CA ILE A 458 13.73 -15.68 -3.72
C ILE A 458 13.08 -14.34 -3.36
N ALA A 459 13.75 -13.55 -2.52
CA ALA A 459 13.25 -12.21 -2.21
C ALA A 459 13.14 -11.35 -3.46
N MET A 460 14.11 -11.43 -4.37
CA MET A 460 14.06 -10.63 -5.59
C MET A 460 12.84 -11.00 -6.43
N ALA A 461 12.50 -12.28 -6.48
CA ALA A 461 11.28 -12.68 -7.17
C ALA A 461 10.05 -12.06 -6.52
N SER A 462 10.02 -11.99 -5.18
CA SER A 462 8.86 -11.39 -4.52
C SER A 462 8.77 -9.89 -4.78
N TYR A 463 9.93 -9.21 -4.82
CA TYR A 463 9.95 -7.79 -5.18
C TYR A 463 9.44 -7.59 -6.59
N CYS A 464 9.94 -8.38 -7.54
CA CYS A 464 9.53 -8.23 -8.94
C CYS A 464 8.04 -8.48 -9.13
N SER A 465 7.51 -9.57 -8.55
CA SER A 465 6.08 -9.87 -8.64
C SER A 465 5.24 -8.71 -8.13
N GLU A 466 5.55 -8.20 -6.93
CA GLU A 466 4.73 -7.12 -6.41
C GLU A 466 4.85 -5.86 -7.27
N LEU A 467 6.04 -5.61 -7.82
CA LEU A 467 6.22 -4.47 -8.70
C LEU A 467 5.37 -4.59 -9.95
N GLN A 468 5.29 -5.80 -10.53
CA GLN A 468 4.43 -5.98 -11.71
C GLN A 468 2.96 -5.76 -11.36
N PHE A 469 2.53 -6.14 -10.16
CA PHE A 469 1.17 -5.83 -9.70
C PHE A 469 0.95 -4.33 -9.64
N LEU A 470 1.90 -3.59 -9.04
CA LEU A 470 1.77 -2.15 -8.89
C LEU A 470 1.76 -1.43 -10.24
N ALA A 471 2.29 -2.04 -11.30
CA ALA A 471 2.34 -1.40 -12.62
C ALA A 471 0.96 -1.10 -13.19
N ASN A 472 -0.09 -1.75 -12.69
CA ASN A 472 -1.44 -1.45 -13.16
C ASN A 472 -1.79 0.02 -12.92
N PRO A 473 -2.59 0.62 -13.80
CA PRO A 473 -2.90 2.04 -13.66
C PRO A 473 -3.98 2.31 -12.61
N VAL A 474 -3.98 3.55 -12.13
CA VAL A 474 -4.99 4.03 -11.20
C VAL A 474 -6.05 4.84 -11.96
N THR A 475 -5.61 5.55 -13.02
CA THR A 475 -6.49 6.56 -13.61
C THR A 475 -7.62 5.98 -14.46
N ASN A 476 -7.68 4.66 -14.63
CA ASN A 476 -8.81 4.04 -15.28
C ASN A 476 -9.91 3.63 -14.29
N HIS A 477 -9.87 4.14 -13.06
CA HIS A 477 -10.87 3.81 -12.04
C HIS A 477 -11.63 5.04 -11.55
N VAL A 478 -11.92 5.96 -12.48
CA VAL A 478 -12.57 7.23 -12.12
C VAL A 478 -14.02 6.99 -11.78
N GLN A 479 -14.47 7.52 -10.63
CA GLN A 479 -15.87 7.54 -10.28
C GLN A 479 -16.49 8.90 -10.61
N SER A 480 -17.75 8.90 -11.05
CA SER A 480 -18.50 10.14 -11.18
C SER A 480 -18.88 10.62 -9.79
N ALA A 481 -18.24 11.71 -9.34
CA ALA A 481 -18.23 12.10 -7.93
C ALA A 481 -18.94 13.43 -7.68
N GLU A 482 -19.22 13.70 -6.41
CA GLU A 482 -19.78 14.96 -5.91
C GLU A 482 -21.09 15.33 -6.61
N GLN A 483 -22.13 14.52 -6.35
CA GLN A 483 -23.43 14.64 -7.01
C GLN A 483 -23.24 14.81 -8.52
N HIS A 484 -22.32 14.04 -9.07
CA HIS A 484 -22.00 13.96 -10.49
C HIS A 484 -21.50 15.29 -11.07
N ASN A 485 -21.11 16.23 -10.22
CA ASN A 485 -20.45 17.43 -10.74
C ASN A 485 -19.03 17.11 -11.19
N GLN A 486 -18.30 16.28 -10.45
CA GLN A 486 -16.94 15.92 -10.81
C GLN A 486 -16.97 14.59 -11.57
N ASP A 487 -17.58 14.64 -12.77
CA ASP A 487 -17.81 13.39 -13.48
C ASP A 487 -16.56 12.91 -14.22
N VAL A 488 -15.49 13.70 -14.25
CA VAL A 488 -14.14 13.21 -14.50
C VAL A 488 -13.25 13.81 -13.42
N ASN A 489 -12.30 13.00 -12.92
CA ASN A 489 -11.37 13.47 -11.91
C ASN A 489 -10.09 12.65 -12.05
N SER A 490 -8.95 13.24 -11.66
CA SER A 490 -7.66 12.74 -12.14
C SER A 490 -7.08 11.60 -11.32
N LEU A 491 -7.44 11.50 -10.04
CA LEU A 491 -6.88 10.50 -9.13
C LEU A 491 -5.36 10.64 -8.99
N GLY A 492 -4.84 11.86 -9.16
CA GLY A 492 -3.39 12.05 -9.23
C GLY A 492 -2.65 11.61 -7.99
N LEU A 493 -3.10 12.04 -6.80
CA LEU A 493 -2.38 11.67 -5.59
C LEU A 493 -2.41 10.17 -5.35
N ILE A 494 -3.56 9.51 -5.60
CA ILE A 494 -3.59 8.06 -5.43
C ILE A 494 -2.52 7.42 -6.32
N SER A 495 -2.38 7.90 -7.56
CA SER A 495 -1.36 7.35 -8.47
C SER A 495 0.05 7.67 -7.97
N SER A 496 0.29 8.91 -7.52
CA SER A 496 1.61 9.24 -6.96
C SER A 496 1.98 8.30 -5.81
N ARG A 497 1.00 7.97 -4.95
CA ARG A 497 1.29 7.08 -3.83
C ARG A 497 1.65 5.67 -4.27
N LYS A 498 1.00 5.15 -5.33
CA LYS A 498 1.37 3.83 -5.83
C LYS A 498 2.74 3.84 -6.50
N THR A 499 3.05 4.92 -7.22
CA THR A 499 4.38 4.99 -7.85
C THR A 499 5.47 5.15 -6.79
N SER A 500 5.16 5.83 -5.69
CA SER A 500 6.10 5.93 -4.58
C SER A 500 6.41 4.54 -4.00
N GLU A 501 5.37 3.71 -3.83
CA GLU A 501 5.58 2.36 -3.34
C GLU A 501 6.43 1.55 -4.33
N ALA A 502 6.17 1.72 -5.63
CA ALA A 502 6.99 1.04 -6.63
C ALA A 502 8.45 1.45 -6.53
N VAL A 503 8.71 2.74 -6.28
CA VAL A 503 10.08 3.23 -6.15
C VAL A 503 10.79 2.59 -4.95
N GLU A 504 10.11 2.49 -3.81
CA GLU A 504 10.71 1.81 -2.65
C GLU A 504 11.08 0.36 -2.96
N ILE A 505 10.19 -0.36 -3.63
CA ILE A 505 10.52 -1.75 -4.00
C ILE A 505 11.72 -1.77 -4.95
N LEU A 506 11.77 -0.84 -5.90
CA LEU A 506 12.94 -0.78 -6.78
C LEU A 506 14.22 -0.51 -5.99
N LYS A 507 14.15 0.25 -4.89
CA LYS A 507 15.34 0.43 -4.08
C LYS A 507 15.73 -0.86 -3.35
N LEU A 508 14.73 -1.65 -2.92
CA LEU A 508 15.03 -2.97 -2.34
C LEU A 508 15.77 -3.84 -3.34
N MET A 509 15.27 -3.89 -4.59
CA MET A 509 15.90 -4.69 -5.63
C MET A 509 17.29 -4.15 -5.98
N SER A 510 17.43 -2.83 -6.08
CA SER A 510 18.72 -2.24 -6.46
C SER A 510 19.76 -2.49 -5.38
N THR A 511 19.36 -2.36 -4.11
CA THR A 511 20.25 -2.70 -3.01
C THR A 511 20.73 -4.13 -3.11
N THR A 512 19.80 -5.06 -3.28
CA THR A 512 20.14 -6.48 -3.30
C THR A 512 21.05 -6.80 -4.49
N PHE A 513 20.67 -6.30 -5.67
CA PHE A 513 21.47 -6.52 -6.89
C PHE A 513 22.88 -5.95 -6.74
N LEU A 514 23.00 -4.76 -6.13
CA LEU A 514 24.30 -4.10 -6.06
C LEU A 514 25.24 -4.82 -5.09
N VAL A 515 24.72 -5.29 -3.96
CA VAL A 515 25.54 -6.12 -3.08
C VAL A 515 25.90 -7.42 -3.78
N GLY A 516 24.98 -7.98 -4.56
CA GLY A 516 25.31 -9.14 -5.37
C GLY A 516 26.47 -8.87 -6.32
N LEU A 517 26.45 -7.71 -6.99
CA LEU A 517 27.51 -7.40 -7.95
C LEU A 517 28.87 -7.31 -7.29
N CYS A 518 28.92 -6.70 -6.10
CA CYS A 518 30.19 -6.58 -5.39
C CYS A 518 30.70 -7.96 -4.94
N GLN A 519 29.80 -8.85 -4.51
CA GLN A 519 30.20 -10.23 -4.24
C GLN A 519 30.83 -10.87 -5.47
N ALA A 520 30.22 -10.65 -6.65
CA ALA A 520 30.72 -11.26 -7.87
C ALA A 520 32.09 -10.71 -8.23
N ILE A 521 32.26 -9.39 -8.08
CA ILE A 521 33.57 -8.77 -8.25
C ILE A 521 34.62 -9.48 -7.39
N ASP A 522 34.32 -9.65 -6.10
CA ASP A 522 35.29 -10.31 -5.22
C ASP A 522 35.52 -11.75 -5.62
N LEU A 523 34.49 -12.44 -6.12
CA LEU A 523 34.70 -13.81 -6.57
C LEU A 523 35.60 -13.89 -7.81
N ARG A 524 35.55 -12.88 -8.70
CA ARG A 524 36.48 -12.86 -9.82
C ARG A 524 37.91 -12.63 -9.37
N HIS A 525 38.10 -11.82 -8.32
CA HIS A 525 39.43 -11.61 -7.76
C HIS A 525 39.98 -12.88 -7.12
N LEU A 526 39.11 -13.60 -6.39
CA LEU A 526 39.47 -14.91 -5.87
C LEU A 526 39.80 -15.88 -6.99
N GLU A 527 39.02 -15.86 -8.07
CA GLU A 527 39.18 -16.82 -9.15
C GLU A 527 40.51 -16.64 -9.86
N GLU A 528 40.86 -15.39 -10.19
CA GLU A 528 42.12 -15.16 -10.89
C GLU A 528 43.32 -15.56 -10.04
N ASN A 529 43.26 -15.27 -8.74
CA ASN A 529 44.36 -15.64 -7.85
C ASN A 529 44.51 -17.15 -7.73
N LEU A 530 43.41 -17.86 -7.47
CA LEU A 530 43.55 -19.31 -7.31
C LEU A 530 43.93 -19.98 -8.62
N LYS A 531 43.45 -19.45 -9.75
CA LYS A 531 43.86 -19.98 -11.05
C LYS A 531 45.37 -19.88 -11.22
N SER A 532 45.95 -18.74 -10.84
CA SER A 532 47.39 -18.56 -10.95
C SER A 532 48.14 -19.54 -10.05
N THR A 533 47.58 -19.85 -8.88
CA THR A 533 48.23 -20.81 -7.98
C THR A 533 48.15 -22.22 -8.55
N VAL A 534 47.00 -22.61 -9.09
CA VAL A 534 46.88 -23.94 -9.67
C VAL A 534 47.85 -24.11 -10.84
N LYS A 535 47.93 -23.09 -11.71
CA LYS A 535 48.84 -23.17 -12.85
C LYS A 535 50.29 -23.31 -12.40
N ASN A 536 50.68 -22.57 -11.36
CA ASN A 536 52.05 -22.66 -10.85
C ASN A 536 52.35 -24.05 -10.27
N THR A 537 51.39 -24.64 -9.57
CA THR A 537 51.64 -25.94 -8.95
C THR A 537 51.61 -27.05 -9.98
N VAL A 538 50.64 -27.02 -10.90
CA VAL A 538 50.64 -28.00 -11.99
C VAL A 538 51.93 -27.89 -12.82
N SER A 539 52.39 -26.66 -13.08
CA SER A 539 53.60 -26.49 -13.87
C SER A 539 54.81 -27.07 -13.16
N SER A 540 54.95 -26.79 -11.86
CA SER A 540 56.09 -27.29 -11.10
C SER A 540 56.09 -28.81 -11.04
N VAL A 541 54.95 -29.41 -10.71
CA VAL A 541 54.85 -30.87 -10.67
C VAL A 541 55.16 -31.46 -12.04
N ALA A 542 54.69 -30.81 -13.10
CA ALA A 542 54.91 -31.33 -14.45
C ALA A 542 56.39 -31.36 -14.80
N LYS A 543 57.11 -30.25 -14.57
CA LYS A 543 58.54 -30.25 -14.85
C LYS A 543 59.26 -31.31 -14.03
N ARG A 544 58.81 -31.51 -12.79
CA ARG A 544 59.51 -32.42 -11.88
C ARG A 544 59.31 -33.87 -12.30
N VAL A 545 58.06 -34.31 -12.47
CA VAL A 545 57.81 -35.73 -12.68
C VAL A 545 57.78 -36.13 -14.16
N LEU A 546 57.63 -35.19 -15.08
CA LEU A 546 57.62 -35.51 -16.50
C LEU A 546 58.96 -35.25 -17.17
N THR A 547 60.05 -35.35 -16.40
CA THR A 547 61.43 -35.22 -16.90
C THR A 547 61.66 -33.96 -17.73
C SER A 557 56.75 -35.41 -20.70
N ARG A 558 57.38 -34.77 -21.68
CA ARG A 558 57.87 -33.40 -21.57
C ARG A 558 56.98 -32.41 -22.30
N PHE A 559 56.55 -32.72 -23.52
CA PHE A 559 55.71 -31.82 -24.29
C PHE A 559 54.29 -31.70 -23.74
N CYS A 560 53.93 -32.51 -22.74
CA CYS A 560 52.58 -32.47 -22.21
C CYS A 560 52.33 -31.25 -21.34
N GLU A 561 53.38 -30.56 -20.90
CA GLU A 561 53.21 -29.49 -19.92
C GLU A 561 52.31 -28.38 -20.46
N LYS A 562 52.48 -28.00 -21.73
CA LYS A 562 51.67 -26.92 -22.28
C LYS A 562 50.19 -27.31 -22.36
N ASP A 563 49.90 -28.56 -22.74
CA ASP A 563 48.53 -29.05 -22.73
C ASP A 563 47.97 -29.09 -21.31
N LEU A 564 48.78 -29.54 -20.35
CA LEU A 564 48.33 -29.56 -18.95
C LEU A 564 47.98 -28.16 -18.48
N LEU A 565 48.80 -27.16 -18.85
CA LEU A 565 48.49 -25.79 -18.46
C LEU A 565 47.29 -25.26 -19.22
N ARG A 566 47.08 -25.72 -20.46
CA ARG A 566 45.86 -25.33 -21.18
C ARG A 566 44.62 -25.82 -20.46
N VAL A 567 44.68 -26.99 -19.83
CA VAL A 567 43.53 -27.47 -19.05
C VAL A 567 43.19 -26.49 -17.93
N VAL A 568 44.21 -26.00 -17.22
CA VAL A 568 43.95 -25.08 -16.12
C VAL A 568 43.37 -23.78 -16.65
N ASP A 569 43.88 -23.29 -17.77
CA ASP A 569 43.38 -22.03 -18.32
C ASP A 569 41.92 -22.16 -18.73
N ARG A 570 41.51 -23.32 -19.25
CA ARG A 570 40.17 -23.46 -19.80
C ARG A 570 39.14 -23.83 -18.75
N GLU A 571 39.52 -24.58 -17.72
CA GLU A 571 38.56 -25.08 -16.74
C GLU A 571 38.07 -23.98 -15.81
N TYR A 572 36.79 -24.07 -15.40
CA TYR A 572 36.24 -23.14 -14.42
C TYR A 572 36.73 -23.50 -13.03
N ILE A 573 37.43 -22.57 -12.37
CA ILE A 573 38.05 -22.94 -11.10
C ILE A 573 37.01 -23.21 -10.02
N PHE A 574 35.85 -22.55 -10.05
CA PHE A 574 34.84 -22.84 -9.03
C PHE A 574 34.12 -24.16 -9.29
N ALA A 575 34.43 -24.86 -10.38
CA ALA A 575 33.96 -26.23 -10.54
C ALA A 575 34.82 -27.25 -9.78
N TYR A 576 35.95 -26.86 -9.18
CA TYR A 576 36.75 -27.87 -8.50
C TYR A 576 37.56 -27.37 -7.29
N ILE A 577 37.71 -26.06 -7.13
CA ILE A 577 38.70 -25.54 -6.20
C ILE A 577 38.36 -25.84 -4.75
N ASP A 578 37.09 -26.16 -4.43
CA ASP A 578 36.76 -26.51 -3.05
C ASP A 578 37.37 -27.84 -2.62
N ASP A 579 37.83 -28.65 -3.56
CA ASP A 579 38.48 -29.93 -3.31
C ASP A 579 39.31 -30.28 -4.55
N PRO A 580 40.39 -29.54 -4.82
CA PRO A 580 40.95 -29.53 -6.18
C PRO A 580 41.53 -30.87 -6.62
N CYS A 581 41.90 -31.75 -5.71
CA CYS A 581 42.45 -33.05 -6.08
C CYS A 581 41.43 -34.17 -6.04
N SER A 582 40.16 -33.86 -5.85
CA SER A 582 39.13 -34.89 -5.91
C SER A 582 39.13 -35.57 -7.26
N ALA A 583 39.05 -36.90 -7.24
CA ALA A 583 39.06 -37.67 -8.49
C ALA A 583 37.76 -37.52 -9.27
N THR A 584 36.68 -37.07 -8.64
CA THR A 584 35.41 -36.86 -9.32
C THR A 584 35.19 -35.41 -9.75
N TYR A 585 36.17 -34.54 -9.53
CA TYR A 585 36.10 -33.16 -10.01
C TYR A 585 36.85 -33.01 -11.33
N PRO A 586 36.57 -31.96 -12.10
CA PRO A 586 37.10 -31.93 -13.48
C PRO A 586 38.60 -31.68 -13.61
N LEU A 587 39.26 -31.06 -12.63
CA LEU A 587 40.68 -30.76 -12.81
C LEU A 587 41.50 -32.05 -12.88
N MET A 588 41.37 -32.92 -11.89
CA MET A 588 42.10 -34.17 -11.91
C MET A 588 41.69 -35.04 -13.10
N GLN A 589 40.38 -35.06 -13.42
CA GLN A 589 39.93 -35.90 -14.53
C GLN A 589 40.55 -35.46 -15.84
N LYS A 590 40.55 -34.16 -16.11
CA LYS A 590 41.02 -33.70 -17.42
C LYS A 590 42.55 -33.69 -17.51
N LEU A 591 43.26 -33.42 -16.41
CA LEU A 591 44.71 -33.61 -16.43
C LEU A 591 45.06 -35.05 -16.77
N ARG A 592 44.35 -36.02 -16.18
CA ARG A 592 44.60 -37.42 -16.50
C ARG A 592 44.31 -37.70 -17.97
N GLN A 593 43.17 -37.20 -18.47
CA GLN A 593 42.84 -37.38 -19.89
C GLN A 593 43.94 -36.85 -20.80
N THR A 594 44.53 -35.71 -20.43
CA THR A 594 45.60 -35.13 -21.22
C THR A 594 46.81 -36.07 -21.28
N LEU A 595 47.20 -36.60 -20.12
CA LEU A 595 48.33 -37.54 -20.08
C LEU A 595 48.03 -38.81 -20.87
N VAL A 596 46.79 -39.29 -20.80
CA VAL A 596 46.44 -40.52 -21.52
C VAL A 596 46.48 -40.28 -23.03
N GLU A 597 45.97 -39.13 -23.48
CA GLU A 597 46.03 -38.82 -24.90
C GLU A 597 47.47 -38.67 -25.38
N HIS A 598 48.34 -38.08 -24.56
CA HIS A 598 49.74 -37.97 -24.94
C HIS A 598 50.40 -39.33 -24.99
N ALA A 599 50.11 -40.20 -24.01
CA ALA A 599 50.65 -41.55 -24.03
C ALA A 599 50.20 -42.31 -25.28
N LEU A 600 48.95 -42.13 -25.69
CA LEU A 600 48.42 -42.86 -26.84
C LEU A 600 49.07 -42.43 -28.14
N LYS A 601 49.47 -41.16 -28.25
CA LYS A 601 50.18 -40.69 -29.43
C LYS A 601 51.70 -40.77 -29.28
N ASN A 602 52.18 -41.46 -28.26
CA ASN A 602 53.60 -41.51 -27.93
C ASN A 602 54.34 -42.63 -28.65
N GLY A 603 53.64 -43.55 -29.32
CA GLY A 603 54.29 -44.51 -30.18
C GLY A 603 55.04 -45.61 -29.45
N ASP A 604 56.09 -46.13 -30.12
CA ASP A 604 56.85 -47.24 -29.55
C ASP A 604 57.56 -46.85 -28.27
N ASN A 605 57.88 -45.57 -28.10
CA ASN A 605 58.50 -45.10 -26.86
C ASN A 605 57.58 -45.31 -25.66
N GLU A 606 56.27 -45.43 -25.89
CA GLU A 606 55.36 -45.77 -24.81
C GLU A 606 55.58 -47.20 -24.31
N ARG A 607 55.97 -48.10 -25.20
CA ARG A 607 56.19 -49.50 -24.86
C ARG A 607 57.49 -49.72 -24.09
N ASN A 608 58.16 -48.65 -23.64
CA ASN A 608 59.37 -48.75 -22.84
C ASN A 608 59.10 -48.09 -21.49
N LEU A 609 59.26 -48.87 -20.41
CA LEU A 609 58.82 -48.40 -19.09
C LEU A 609 59.50 -47.09 -18.70
N SER A 610 60.74 -46.88 -19.14
CA SER A 610 61.44 -45.64 -18.79
C SER A 610 60.87 -44.43 -19.52
N THR A 611 60.27 -44.65 -20.69
CA THR A 611 59.75 -43.56 -21.51
C THR A 611 58.23 -43.59 -21.64
N SER A 612 57.55 -44.29 -20.74
CA SER A 612 56.10 -44.43 -20.76
C SER A 612 55.45 -43.24 -20.08
N ILE A 613 54.60 -42.51 -20.82
CA ILE A 613 53.81 -41.46 -20.19
C ILE A 613 52.78 -42.06 -19.24
N PHE A 614 52.22 -43.23 -19.60
CA PHE A 614 51.20 -43.85 -18.75
C PHE A 614 51.74 -44.23 -17.38
N GLN A 615 53.01 -44.65 -17.32
CA GLN A 615 53.66 -45.01 -16.06
C GLN A 615 54.06 -43.79 -15.23
N LYS A 616 53.87 -42.57 -15.75
CA LYS A 616 54.10 -41.35 -14.99
C LYS A 616 52.85 -40.84 -14.29
N ILE A 617 51.67 -41.33 -14.69
CA ILE A 617 50.41 -40.76 -14.21
C ILE A 617 50.32 -40.84 -12.70
N ALA A 618 50.58 -42.02 -12.14
CA ALA A 618 50.39 -42.22 -10.69
C ALA A 618 51.30 -41.32 -9.88
N THR A 619 52.58 -41.22 -10.26
CA THR A 619 53.48 -40.31 -9.58
C THR A 619 52.98 -38.88 -9.68
N PHE A 620 52.66 -38.43 -10.90
CA PHE A 620 52.12 -37.09 -11.11
C PHE A 620 50.93 -36.81 -10.20
N GLU A 621 49.98 -37.73 -10.15
CA GLU A 621 48.79 -37.52 -9.31
C GLU A 621 49.15 -37.52 -7.83
N ASP A 622 50.07 -38.40 -7.41
CA ASP A 622 50.50 -38.39 -6.00
C ASP A 622 51.20 -37.08 -5.65
N GLU A 623 52.08 -36.61 -6.53
CA GLU A 623 52.77 -35.34 -6.30
C GLU A 623 51.77 -34.19 -6.21
N LEU A 624 50.85 -34.12 -7.16
CA LEU A 624 49.86 -33.04 -7.16
C LEU A 624 48.99 -33.10 -5.91
N LYS A 625 48.54 -34.29 -5.51
CA LYS A 625 47.74 -34.42 -4.31
C LYS A 625 48.50 -33.97 -3.06
N ALA A 626 49.81 -34.22 -3.02
CA ALA A 626 50.59 -33.84 -1.85
C ALA A 626 50.78 -32.34 -1.75
N LEU A 627 50.79 -31.64 -2.88
CA LEU A 627 51.19 -30.23 -2.92
C LEU A 627 50.05 -29.26 -3.19
N LEU A 628 49.13 -29.59 -4.10
CA LEU A 628 48.15 -28.61 -4.56
C LEU A 628 47.18 -28.12 -3.48
N PRO A 629 46.63 -28.96 -2.58
CA PRO A 629 45.68 -28.41 -1.59
C PRO A 629 46.31 -27.42 -0.62
N LYS A 630 47.55 -27.63 -0.19
CA LYS A 630 48.15 -26.69 0.73
C LYS A 630 48.50 -25.38 0.02
N GLU A 631 48.95 -25.45 -1.24
CA GLU A 631 49.23 -24.23 -1.98
C GLU A 631 47.96 -23.41 -2.20
N VAL A 632 46.85 -24.07 -2.57
CA VAL A 632 45.58 -23.36 -2.78
C VAL A 632 45.12 -22.72 -1.48
N GLU A 633 45.15 -23.47 -0.37
CA GLU A 633 44.71 -22.90 0.90
C GLU A 633 45.59 -21.75 1.33
N SER A 634 46.92 -21.88 1.15
CA SER A 634 47.84 -20.78 1.44
C SER A 634 47.49 -19.54 0.60
N ALA A 635 47.27 -19.73 -0.69
CA ALA A 635 46.92 -18.59 -1.54
C ALA A 635 45.61 -17.96 -1.09
N ARG A 636 44.62 -18.78 -0.75
CA ARG A 636 43.32 -18.23 -0.37
C ARG A 636 43.42 -17.44 0.93
N ALA A 637 44.14 -17.98 1.91
CA ALA A 637 44.27 -17.29 3.19
C ALA A 637 45.06 -15.99 3.04
N ALA A 638 46.06 -15.99 2.14
CA ALA A 638 46.80 -14.77 1.87
C ALA A 638 45.91 -13.70 1.25
N LEU A 639 44.95 -14.10 0.41
CA LEU A 639 44.05 -13.13 -0.20
C LEU A 639 43.07 -12.58 0.83
N GLU A 640 42.59 -13.43 1.74
CA GLU A 640 41.67 -12.97 2.78
C GLU A 640 42.34 -12.03 3.78
N SER A 641 43.66 -12.02 3.83
CA SER A 641 44.40 -11.15 4.73
C SER A 641 44.88 -9.87 4.05
N GLY A 642 44.48 -9.63 2.81
CA GLY A 642 44.90 -8.45 2.09
C GLY A 642 46.18 -8.60 1.31
N ASN A 643 46.70 -9.83 1.15
CA ASN A 643 47.94 -10.09 0.43
C ASN A 643 47.70 -11.01 -0.78
N PRO A 644 46.90 -10.60 -1.76
CA PRO A 644 46.77 -11.42 -2.95
C PRO A 644 48.04 -11.35 -3.79
N ALA A 645 48.33 -12.46 -4.47
CA ALA A 645 49.42 -12.41 -5.44
C ALA A 645 49.09 -11.52 -6.63
N ILE A 646 47.79 -11.34 -6.90
CA ILE A 646 47.31 -10.54 -8.01
C ILE A 646 46.26 -9.56 -7.47
N PRO A 647 46.42 -8.25 -7.66
CA PRO A 647 45.47 -7.30 -7.06
C PRO A 647 44.09 -7.36 -7.73
N ASN A 648 43.09 -6.90 -6.98
CA ASN A 648 41.72 -6.88 -7.47
C ASN A 648 41.58 -5.89 -8.62
N ARG A 649 41.18 -6.39 -9.80
CA ARG A 649 41.17 -5.57 -11.01
C ARG A 649 40.11 -4.47 -10.97
N ILE A 650 39.12 -4.59 -10.08
CA ILE A 650 38.12 -3.54 -9.94
C ILE A 650 38.79 -2.19 -9.69
N GLU A 651 39.97 -2.20 -9.08
CA GLU A 651 40.65 -0.96 -8.72
C GLU A 651 41.06 -0.16 -9.94
N GLU A 652 41.20 -0.80 -11.11
CA GLU A 652 41.51 -0.12 -12.35
C GLU A 652 40.30 0.05 -13.27
N CYS A 653 39.08 -0.04 -12.73
CA CYS A 653 37.85 0.04 -13.51
C CYS A 653 37.14 1.37 -13.23
N ARG A 654 36.51 1.94 -14.27
CA ARG A 654 35.72 3.14 -14.08
C ARG A 654 34.55 2.91 -13.12
N SER A 655 34.12 1.66 -12.94
CA SER A 655 33.06 1.38 -11.97
C SER A 655 33.56 1.31 -10.53
N TYR A 656 34.85 1.48 -10.29
CA TYR A 656 35.40 1.36 -8.93
C TYR A 656 34.73 2.23 -7.86
N PRO A 657 34.31 3.48 -8.12
CA PRO A 657 33.68 4.25 -7.04
C PRO A 657 32.53 3.54 -6.36
N LEU A 658 31.68 2.83 -7.11
CA LEU A 658 30.53 2.16 -6.52
C LEU A 658 30.96 0.98 -5.67
N TYR A 659 31.93 0.19 -6.13
CA TYR A 659 32.44 -0.91 -5.33
C TYR A 659 33.16 -0.39 -4.09
N LYS A 660 34.01 0.62 -4.26
CA LYS A 660 34.69 1.22 -3.11
C LYS A 660 33.70 1.73 -2.07
N PHE A 661 32.61 2.36 -2.52
CA PHE A 661 31.61 2.89 -1.59
C PHE A 661 30.92 1.78 -0.81
N VAL A 662 30.44 0.75 -1.53
CA VAL A 662 29.74 -0.35 -0.87
C VAL A 662 30.68 -1.10 0.05
N ARG A 663 31.84 -1.50 -0.45
CA ARG A 663 32.69 -2.44 0.27
C ARG A 663 33.55 -1.74 1.31
N LYS A 664 34.14 -0.59 0.97
CA LYS A 664 35.12 0.04 1.85
C LYS A 664 34.54 1.19 2.69
N GLU A 665 33.72 2.05 2.11
CA GLU A 665 33.17 3.16 2.89
C GLU A 665 32.02 2.72 3.80
N LEU A 666 31.13 1.87 3.30
CA LEU A 666 30.05 1.35 4.15
C LEU A 666 30.46 0.12 4.94
N GLY A 667 31.57 -0.52 4.60
CA GLY A 667 31.96 -1.75 5.27
C GLY A 667 31.02 -2.92 5.02
N THR A 668 30.33 -2.93 3.88
CA THR A 668 29.60 -4.12 3.47
C THR A 668 30.58 -5.26 3.26
N GLU A 669 30.27 -6.44 3.79
CA GLU A 669 31.26 -7.50 3.80
C GLU A 669 30.94 -8.60 2.78
N TYR A 670 32.02 -9.18 2.25
CA TYR A 670 31.95 -10.41 1.49
C TYR A 670 31.19 -11.46 2.29
N LEU A 671 30.22 -12.09 1.65
CA LEU A 671 29.32 -13.00 2.34
C LEU A 671 29.83 -14.43 2.23
N THR A 672 29.88 -15.13 3.36
CA THR A 672 30.46 -16.47 3.40
C THR A 672 29.81 -17.30 4.49
N GLY A 673 29.56 -18.58 4.18
CA GLY A 673 29.03 -19.51 5.15
C GLY A 673 30.02 -19.91 6.23
N GLU A 674 31.29 -19.51 6.10
CA GLU A 674 32.26 -19.66 7.18
C GLU A 674 32.07 -18.63 8.30
N LYS A 675 31.16 -17.67 8.13
CA LYS A 675 30.89 -16.64 9.15
C LYS A 675 29.40 -16.59 9.45
N VAL A 676 29.06 -15.90 10.54
CA VAL A 676 27.67 -15.88 10.98
C VAL A 676 26.82 -14.86 10.22
N THR A 677 27.44 -13.89 9.56
CA THR A 677 26.69 -12.75 9.01
C THR A 677 25.76 -13.17 7.88
N SER A 678 24.54 -12.67 7.92
CA SER A 678 23.53 -12.96 6.92
C SER A 678 23.53 -11.91 5.80
N PRO A 679 23.00 -12.24 4.63
CA PRO A 679 22.96 -11.26 3.54
C PRO A 679 22.15 -10.02 3.89
N GLY A 680 21.05 -10.15 4.65
CA GLY A 680 20.23 -9.00 4.99
C GLY A 680 20.95 -7.98 5.84
N GLU A 681 21.86 -8.43 6.71
CA GLU A 681 22.68 -7.50 7.47
C GLU A 681 23.50 -6.61 6.57
N GLU A 682 24.00 -7.16 5.45
CA GLU A 682 24.78 -6.34 4.52
C GLU A 682 23.89 -5.49 3.62
N PHE A 683 22.72 -6.03 3.22
CA PHE A 683 21.75 -5.23 2.48
C PHE A 683 21.35 -3.98 3.26
N GLU A 684 21.17 -4.09 4.58
CA GLU A 684 20.74 -2.96 5.40
C GLU A 684 21.66 -1.76 5.20
N LYS A 685 22.97 -2.01 5.25
CA LYS A 685 23.94 -0.93 5.10
C LYS A 685 23.70 -0.16 3.81
N VAL A 686 23.55 -0.88 2.69
CA VAL A 686 23.39 -0.22 1.40
C VAL A 686 22.02 0.42 1.29
N PHE A 687 20.97 -0.24 1.82
CA PHE A 687 19.62 0.32 1.70
C PHE A 687 19.51 1.63 2.48
N ILE A 688 20.02 1.65 3.71
CA ILE A 688 19.98 2.87 4.51
C ILE A 688 20.78 3.97 3.83
N ALA A 689 21.98 3.65 3.34
CA ALA A 689 22.78 4.62 2.60
C ALA A 689 22.03 5.14 1.38
N MET A 690 21.41 4.22 0.61
CA MET A 690 20.70 4.62 -0.59
C MET A 690 19.55 5.57 -0.26
N SER A 691 18.81 5.30 0.81
CA SER A 691 17.69 6.15 1.19
C SER A 691 18.12 7.51 1.73
N LYS A 692 19.40 7.71 2.02
CA LYS A 692 19.91 9.02 2.39
C LYS A 692 20.67 9.67 1.24
N GLY A 693 20.55 9.13 0.03
CA GLY A 693 21.19 9.74 -1.13
C GLY A 693 22.69 9.60 -1.20
N GLU A 694 23.27 8.68 -0.43
CA GLU A 694 24.73 8.54 -0.41
C GLU A 694 25.27 7.78 -1.60
N ILE A 695 24.43 7.12 -2.39
CA ILE A 695 24.87 6.45 -3.61
C ILE A 695 25.11 7.43 -4.74
N ILE A 696 24.54 8.64 -4.65
CA ILE A 696 24.58 9.57 -5.79
C ILE A 696 26.02 9.86 -6.21
N ASP A 697 26.85 10.30 -5.25
CA ASP A 697 28.22 10.68 -5.58
C ASP A 697 29.03 9.56 -6.24
N PRO A 698 29.18 8.37 -5.66
CA PRO A 698 29.92 7.32 -6.38
C PRO A 698 29.28 6.94 -7.71
N LEU A 699 27.96 7.03 -7.84
CA LEU A 699 27.32 6.73 -9.12
C LEU A 699 27.75 7.72 -10.18
N LEU A 700 27.71 9.01 -9.87
CA LEU A 700 28.12 10.03 -10.83
C LEU A 700 29.62 9.99 -11.06
N GLU A 701 30.40 9.74 -10.00
CA GLU A 701 31.86 9.66 -10.15
C GLU A 701 32.26 8.57 -11.14
N SER A 702 31.47 7.50 -11.25
CA SER A 702 31.84 6.44 -12.18
C SER A 702 31.75 6.91 -13.64
N LEU A 703 31.01 7.98 -13.92
CA LEU A 703 30.86 8.50 -15.29
C LEU A 703 31.50 9.87 -15.50
N GLU A 704 32.34 10.35 -14.56
CA GLU A 704 32.76 11.75 -14.60
C GLU A 704 33.69 12.06 -15.78
N SER A 705 34.42 11.08 -16.31
CA SER A 705 35.29 11.34 -17.46
C SER A 705 34.59 11.17 -18.80
N TRP A 706 33.30 10.82 -18.81
CA TRP A 706 32.55 10.66 -20.05
C TRP A 706 32.28 12.02 -20.71
N ASN A 707 32.52 12.12 -22.02
CA ASN A 707 32.26 13.37 -22.72
C ASN A 707 30.84 13.47 -23.27
N GLY A 708 29.97 12.51 -22.95
CA GLY A 708 28.58 12.57 -23.37
C GLY A 708 28.31 12.10 -24.78
N ALA A 709 29.31 11.61 -25.49
CA ALA A 709 29.14 11.08 -26.83
C ALA A 709 29.51 9.60 -26.84
N PRO A 710 28.96 8.81 -27.75
CA PRO A 710 29.44 7.43 -27.89
C PRO A 710 30.84 7.43 -28.48
N LEU A 711 31.53 6.31 -28.33
CA LEU A 711 32.84 6.15 -28.92
C LEU A 711 32.71 6.11 -30.45
N PRO A 712 33.72 6.60 -31.17
CA PRO A 712 33.72 6.45 -32.63
C PRO A 712 33.52 4.99 -33.02
N ILE A 713 32.92 4.78 -34.18
CA ILE A 713 32.62 3.43 -34.65
C ILE A 713 33.91 2.86 -35.22
N SER A 714 34.45 1.86 -34.55
CA SER A 714 35.76 1.30 -34.91
C SER A 714 35.74 -0.22 -34.99
CA THR B 24 -20.63 -42.80 4.22
C THR B 24 -19.88 -42.67 2.90
N GLU B 25 -18.61 -43.08 2.92
CA GLU B 25 -17.73 -43.09 1.71
C GLU B 25 -17.50 -41.75 1.03
N ASP B 26 -16.60 -40.94 1.58
CA ASP B 26 -16.22 -39.64 1.04
C ASP B 26 -14.72 -39.61 0.77
N PRO B 27 -14.26 -40.39 -0.22
CA PRO B 27 -12.81 -40.66 -0.32
C PRO B 27 -11.96 -39.47 -0.69
N LEU B 28 -12.52 -38.41 -1.30
CA LEU B 28 -11.73 -37.26 -1.70
C LEU B 28 -12.04 -36.03 -0.86
N TYR B 29 -12.87 -36.20 0.17
CA TYR B 29 -13.15 -35.18 1.19
C TYR B 29 -13.97 -34.01 0.65
N TRP B 30 -14.58 -34.16 -0.54
CA TRP B 30 -15.52 -33.11 -0.99
C TRP B 30 -16.71 -33.02 -0.06
N GLY B 31 -17.17 -34.16 0.47
CA GLY B 31 -18.40 -34.18 1.22
C GLY B 31 -18.29 -33.46 2.55
N ILE B 32 -17.20 -33.72 3.27
CA ILE B 32 -16.97 -33.02 4.54
C ILE B 32 -16.78 -31.53 4.29
N ALA B 33 -16.05 -31.17 3.23
CA ALA B 33 -15.98 -29.77 2.83
C ALA B 33 -17.38 -29.18 2.62
N ALA B 34 -18.23 -29.87 1.87
CA ALA B 34 -19.58 -29.34 1.59
C ALA B 34 -20.39 -29.16 2.86
N GLU B 35 -20.22 -30.05 3.85
CA GLU B 35 -21.02 -29.96 5.07
C GLU B 35 -20.74 -28.68 5.83
N ALA B 36 -19.49 -28.20 5.78
CA ALA B 36 -19.13 -26.94 6.45
C ALA B 36 -19.78 -25.71 5.81
N MET B 37 -20.41 -25.85 4.65
CA MET B 37 -21.06 -24.74 3.97
C MET B 37 -22.57 -24.71 4.20
N THR B 38 -23.09 -25.51 5.13
CA THR B 38 -24.51 -25.51 5.43
C THR B 38 -24.80 -24.51 6.56
N GLY B 39 -26.08 -24.24 6.78
CA GLY B 39 -26.47 -23.23 7.74
C GLY B 39 -26.19 -21.83 7.21
N SER B 40 -26.70 -20.83 7.93
CA SER B 40 -26.64 -19.45 7.45
C SER B 40 -25.24 -18.87 7.64
N HIS B 41 -24.94 -17.85 6.83
CA HIS B 41 -23.72 -17.08 7.05
C HIS B 41 -23.76 -16.36 8.39
N LEU B 42 -24.90 -15.74 8.70
CA LEU B 42 -25.03 -15.03 9.96
C LEU B 42 -24.68 -15.93 11.15
N ASP B 43 -25.25 -17.15 11.17
CA ASP B 43 -24.94 -18.06 12.29
C ASP B 43 -23.46 -18.36 12.37
N GLU B 44 -22.78 -18.47 11.21
CA GLU B 44 -21.33 -18.62 11.23
C GLU B 44 -20.65 -17.41 11.87
N VAL B 45 -21.10 -16.20 11.53
CA VAL B 45 -20.49 -15.01 12.12
C VAL B 45 -20.74 -14.96 13.61
N LYS B 46 -21.96 -15.29 14.06
CA LYS B 46 -22.23 -15.34 15.49
C LYS B 46 -21.26 -16.29 16.20
N LYS B 47 -21.00 -17.47 15.60
CA LYS B 47 -20.07 -18.43 16.18
C LYS B 47 -18.65 -17.89 16.18
N MET B 48 -18.23 -17.25 15.08
CA MET B 48 -16.91 -16.65 15.03
C MET B 48 -16.72 -15.64 16.15
N VAL B 49 -17.73 -14.83 16.42
CA VAL B 49 -17.59 -13.79 17.43
C VAL B 49 -17.51 -14.41 18.82
N ALA B 50 -18.33 -15.42 19.10
CA ALA B 50 -18.24 -16.11 20.39
C ALA B 50 -16.86 -16.77 20.57
N GLU B 51 -16.33 -17.40 19.51
CA GLU B 51 -14.99 -18.00 19.59
C GLU B 51 -13.92 -16.95 19.84
N TYR B 52 -14.00 -15.82 19.12
CA TYR B 52 -13.03 -14.73 19.27
C TYR B 52 -12.91 -14.25 20.71
N ARG B 53 -14.00 -14.28 21.46
CA ARG B 53 -13.99 -13.72 22.81
C ARG B 53 -13.63 -14.73 23.90
N LYS B 54 -13.37 -15.98 23.55
CA LYS B 54 -12.95 -16.96 24.56
C LYS B 54 -11.57 -16.58 25.09
N PRO B 55 -11.30 -16.82 26.38
CA PRO B 55 -10.01 -16.40 26.95
C PRO B 55 -8.82 -17.29 26.59
N VAL B 56 -9.04 -18.55 26.20
CA VAL B 56 -7.95 -19.49 25.96
C VAL B 56 -8.08 -20.08 24.55
N VAL B 57 -6.98 -20.04 23.80
CA VAL B 57 -6.87 -20.72 22.51
C VAL B 57 -6.08 -22.00 22.75
N LYS B 58 -6.77 -23.14 22.64
CA LYS B 58 -6.11 -24.44 22.83
C LYS B 58 -5.82 -25.03 21.46
N LEU B 59 -4.55 -25.33 21.20
CA LEU B 59 -4.08 -25.82 19.91
C LEU B 59 -3.77 -27.31 19.97
N GLY B 60 -4.27 -28.05 18.99
CA GLY B 60 -3.99 -29.47 18.89
C GLY B 60 -3.65 -29.87 17.46
N GLY B 61 -3.52 -28.89 16.58
CA GLY B 61 -3.21 -29.16 15.18
C GLY B 61 -4.40 -29.28 14.26
N GLU B 62 -5.64 -29.28 14.77
CA GLU B 62 -6.77 -29.56 13.90
C GLU B 62 -8.00 -28.71 14.09
N THR B 63 -8.08 -27.86 15.12
CA THR B 63 -9.29 -27.12 15.44
C THR B 63 -9.13 -25.60 15.34
N LEU B 64 -8.01 -25.12 14.80
CA LEU B 64 -7.75 -23.69 14.72
C LEU B 64 -8.73 -23.00 13.76
N THR B 65 -9.35 -21.93 14.22
CA THR B 65 -10.28 -21.14 13.41
C THR B 65 -9.71 -19.75 13.15
N ILE B 66 -10.25 -19.06 12.12
CA ILE B 66 -9.77 -17.70 11.85
C ILE B 66 -10.07 -16.77 13.02
N SER B 67 -11.14 -17.07 13.78
CA SER B 67 -11.48 -16.19 14.89
C SER B 67 -10.46 -16.30 16.02
N GLN B 68 -9.87 -17.50 16.21
CA GLN B 68 -8.78 -17.64 17.17
C GLN B 68 -7.51 -16.94 16.69
N VAL B 69 -7.21 -17.03 15.39
CA VAL B 69 -6.08 -16.26 14.85
C VAL B 69 -6.31 -14.78 15.11
N ALA B 70 -7.52 -14.30 14.83
CA ALA B 70 -7.82 -12.88 15.03
C ALA B 70 -7.69 -12.48 16.49
N ALA B 71 -8.17 -13.32 17.41
CA ALA B 71 -8.05 -13.02 18.84
C ALA B 71 -6.59 -12.83 19.25
N ILE B 72 -5.71 -13.72 18.78
CA ILE B 72 -4.30 -13.67 19.16
C ILE B 72 -3.61 -12.46 18.55
N SER B 73 -3.98 -12.13 17.31
CA SER B 73 -3.31 -11.03 16.60
C SER B 73 -3.71 -9.68 17.15
N ALA B 74 -4.90 -9.58 17.74
CA ALA B 74 -5.36 -8.29 18.31
C ALA B 74 -4.76 -8.07 19.70
N ARG B 75 -5.37 -8.69 20.72
CA ARG B 75 -4.90 -8.58 22.10
C ARG B 75 -4.04 -9.79 22.45
C SER B 78 -6.99 -9.94 26.59
N GLY B 79 -5.77 -10.22 27.03
CA GLY B 79 -5.53 -11.27 28.00
C GLY B 79 -5.69 -12.68 27.46
N VAL B 80 -5.81 -12.87 26.15
CA VAL B 80 -5.98 -14.20 25.59
C VAL B 80 -4.66 -14.96 25.65
N THR B 81 -4.72 -16.23 26.04
CA THR B 81 -3.53 -17.06 26.16
C THR B 81 -3.64 -18.28 25.26
N VAL B 82 -2.48 -18.85 24.91
CA VAL B 82 -2.38 -20.04 24.08
C VAL B 82 -1.93 -21.19 24.96
N GLU B 83 -2.54 -22.37 24.75
CA GLU B 83 -2.18 -23.61 25.43
C GLU B 83 -2.03 -24.70 24.39
N LEU B 84 -1.05 -25.57 24.56
CA LEU B 84 -0.82 -26.67 23.64
C LEU B 84 -1.38 -27.97 24.23
N SER B 85 -2.06 -28.74 23.38
CA SER B 85 -2.69 -29.97 23.85
C SER B 85 -1.65 -31.04 24.16
N GLU B 86 -1.70 -31.60 25.37
CA GLU B 86 -0.79 -32.67 25.73
C GLU B 86 -1.03 -33.93 24.91
N ALA B 87 -2.23 -34.08 24.35
CA ALA B 87 -2.51 -35.24 23.51
C ALA B 87 -1.66 -35.25 22.25
N ALA B 88 -1.13 -34.09 21.83
CA ALA B 88 -0.30 -33.98 20.63
C ALA B 88 1.18 -34.31 20.90
N ARG B 89 1.60 -34.37 22.15
CA ARG B 89 3.03 -34.47 22.45
C ARG B 89 3.63 -35.77 21.91
N ALA B 90 2.94 -36.90 22.08
CA ALA B 90 3.52 -38.18 21.69
C ALA B 90 3.82 -38.23 20.20
N GLY B 91 2.90 -37.71 19.37
CA GLY B 91 3.13 -37.72 17.94
C GLY B 91 4.25 -36.79 17.52
N VAL B 92 4.37 -35.64 18.19
CA VAL B 92 5.46 -34.71 17.92
C VAL B 92 6.80 -35.33 18.32
N LYS B 93 6.86 -35.96 19.49
CA LYS B 93 8.09 -36.58 19.93
C LYS B 93 8.49 -37.75 19.04
N ALA B 94 7.50 -38.48 18.53
CA ALA B 94 7.77 -39.62 17.66
C ALA B 94 8.60 -39.20 16.44
N SER B 95 8.15 -38.17 15.72
CA SER B 95 8.86 -37.80 14.49
C SER B 95 10.16 -37.06 14.79
N SER B 96 10.21 -36.30 15.89
CA SER B 96 11.47 -35.72 16.34
C SER B 96 12.49 -36.81 16.66
N ASP B 97 12.10 -37.81 17.46
CA ASP B 97 13.00 -38.93 17.76
C ASP B 97 13.42 -39.66 16.49
N TRP B 98 12.49 -39.83 15.54
CA TRP B 98 12.78 -40.56 14.32
C TRP B 98 13.90 -39.89 13.53
N VAL B 99 13.85 -38.57 13.40
CA VAL B 99 14.88 -37.85 12.66
C VAL B 99 16.24 -38.05 13.32
N MET B 100 16.29 -37.92 14.64
CA MET B 100 17.57 -38.11 15.33
C MET B 100 18.08 -39.54 15.16
N ASP B 101 17.18 -40.54 15.17
CA ASP B 101 17.61 -41.92 15.02
C ASP B 101 17.98 -42.26 13.58
N SER B 102 17.45 -41.53 12.59
CA SER B 102 17.79 -41.77 11.20
C SER B 102 19.09 -41.11 10.79
N MET B 103 19.77 -40.40 11.69
CA MET B 103 21.05 -39.78 11.37
C MET B 103 22.20 -40.53 12.02
N GLY B 127 27.88 -31.16 11.70
CA GLY B 127 26.83 -31.61 12.59
C GLY B 127 26.06 -30.43 13.14
N GLY B 128 24.80 -30.30 12.71
CA GLY B 128 24.03 -29.11 12.99
C GLY B 128 24.46 -27.89 12.19
N ALA B 129 25.62 -27.96 11.53
CA ALA B 129 26.12 -26.83 10.75
C ALA B 129 25.18 -26.48 9.61
N LEU B 130 24.52 -27.48 9.03
CA LEU B 130 23.61 -27.24 7.91
C LEU B 130 22.39 -26.44 8.34
N GLN B 131 21.81 -26.78 9.49
CA GLN B 131 20.65 -25.99 9.93
C GLN B 131 21.05 -24.59 10.33
N LYS B 132 22.31 -24.40 10.76
CA LYS B 132 22.77 -23.06 11.04
C LYS B 132 22.94 -22.26 9.75
N GLU B 133 23.41 -22.91 8.69
CA GLU B 133 23.55 -22.23 7.41
C GLU B 133 22.19 -21.88 6.82
N LEU B 134 21.23 -22.79 6.92
CA LEU B 134 19.89 -22.55 6.36
C LEU B 134 19.31 -21.24 6.88
N ILE B 135 19.35 -21.04 8.20
CA ILE B 135 18.78 -19.83 8.76
C ILE B 135 19.59 -18.61 8.34
N ARG B 136 20.92 -18.74 8.30
CA ARG B 136 21.76 -17.62 7.91
C ARG B 136 21.39 -17.09 6.52
N PHE B 137 21.31 -17.97 5.53
CA PHE B 137 21.15 -17.49 4.16
C PHE B 137 19.72 -17.09 3.86
N LEU B 138 18.75 -17.57 4.64
CA LEU B 138 17.38 -17.11 4.46
C LEU B 138 17.13 -15.77 5.13
N ASN B 139 17.97 -15.38 6.09
CA ASN B 139 17.94 -14.04 6.65
C ASN B 139 18.40 -13.04 5.57
N ALA B 140 17.60 -12.89 4.52
CA ALA B 140 17.96 -12.03 3.39
C ALA B 140 16.99 -10.87 3.24
N GLY B 141 16.20 -10.59 4.27
CA GLY B 141 15.25 -9.50 4.22
C GLY B 141 15.87 -8.16 4.52
N ILE B 142 15.09 -7.10 4.25
CA ILE B 142 15.54 -5.73 4.46
C ILE B 142 14.51 -5.01 5.33
N PHE B 143 14.98 -4.39 6.41
CA PHE B 143 14.16 -3.62 7.33
C PHE B 143 14.33 -2.12 7.15
N GLY B 144 15.55 -1.65 6.91
CA GLY B 144 15.83 -0.23 6.88
C GLY B 144 15.56 0.37 8.26
N ASN B 145 15.41 1.69 8.29
CA ASN B 145 15.05 2.39 9.52
C ASN B 145 13.53 2.53 9.63
N GLY B 146 13.04 2.63 10.87
CA GLY B 146 11.59 2.76 11.03
C GLY B 146 10.89 1.44 10.81
N SER B 147 9.57 1.52 10.58
CA SER B 147 8.74 0.33 10.49
C SER B 147 8.13 0.09 9.12
N ASP B 148 8.39 0.94 8.12
CA ASP B 148 7.71 0.79 6.84
C ASP B 148 8.00 -0.53 6.13
N ASN B 149 9.13 -1.19 6.41
CA ASN B 149 9.47 -2.44 5.72
C ASN B 149 9.46 -3.64 6.65
N THR B 150 8.73 -3.54 7.77
CA THR B 150 8.62 -4.58 8.78
C THR B 150 7.19 -5.11 8.81
N LEU B 151 7.05 -6.43 8.94
CA LEU B 151 5.73 -7.04 9.06
C LEU B 151 5.03 -6.54 10.34
N PRO B 152 3.77 -6.09 10.28
CA PRO B 152 3.13 -5.54 11.48
C PRO B 152 3.10 -6.54 12.63
N HIS B 153 3.03 -5.97 13.84
CA HIS B 153 2.93 -6.72 15.10
C HIS B 153 1.83 -7.78 15.05
N SER B 154 0.61 -7.36 14.70
CA SER B 154 -0.53 -8.28 14.66
CA SER B 154 -0.52 -8.30 14.68
C SER B 154 -0.26 -9.46 13.73
N ALA B 155 0.24 -9.16 12.52
CA ALA B 155 0.47 -10.21 11.54
C ALA B 155 1.58 -11.16 11.97
N THR B 156 2.60 -10.66 12.67
CA THR B 156 3.64 -11.57 13.14
C THR B 156 3.07 -12.57 14.15
N ARG B 157 2.19 -12.09 15.03
CA ARG B 157 1.60 -12.99 16.01
C ARG B 157 0.70 -14.02 15.33
N ALA B 158 -0.08 -13.58 14.33
CA ALA B 158 -0.88 -14.54 13.56
C ALA B 158 0.00 -15.63 12.96
N ALA B 159 1.11 -15.23 12.33
CA ALA B 159 2.04 -16.20 11.76
C ALA B 159 2.60 -17.15 12.82
N MET B 160 2.96 -16.62 13.99
CA MET B 160 3.50 -17.50 15.03
C MET B 160 2.46 -18.52 15.50
N LEU B 161 1.20 -18.11 15.64
CA LEU B 161 0.17 -19.03 16.07
C LEU B 161 -0.05 -20.15 15.06
N VAL B 162 -0.19 -19.76 13.78
CA VAL B 162 -0.40 -20.75 12.72
C VAL B 162 0.82 -21.67 12.62
N ARG B 163 2.02 -21.10 12.77
CA ARG B 163 3.25 -21.88 12.69
C ARG B 163 3.25 -23.02 13.70
N ILE B 164 2.86 -22.72 14.96
CA ILE B 164 2.77 -23.76 15.98
C ILE B 164 1.74 -24.82 15.57
N ASN B 165 0.54 -24.37 15.21
CA ASN B 165 -0.56 -25.29 14.97
C ASN B 165 -0.25 -26.25 13.85
N THR B 166 0.48 -25.80 12.83
CA THR B 166 0.76 -26.62 11.67
C THR B 166 1.99 -27.49 11.87
N LEU B 167 2.50 -27.57 13.10
CA LEU B 167 3.57 -28.50 13.47
C LEU B 167 3.14 -29.49 14.54
N LEU B 168 1.93 -29.34 15.09
CA LEU B 168 1.47 -30.20 16.17
C LEU B 168 0.96 -31.55 15.68
N GLN B 169 0.70 -31.71 14.39
CA GLN B 169 0.13 -32.97 13.90
C GLN B 169 1.09 -34.15 14.07
N GLY B 170 2.38 -33.88 14.23
CA GLY B 170 3.35 -34.94 14.49
C GLY B 170 4.16 -35.37 13.30
N TYR B 171 4.00 -34.72 12.14
CA TYR B 171 4.65 -35.14 10.90
C TYR B 171 5.84 -34.27 10.53
N SER B 172 6.28 -33.37 11.39
CA SER B 172 7.26 -32.39 10.96
C SER B 172 8.66 -32.61 11.52
N GLY B 173 8.81 -33.44 12.55
CA GLY B 173 10.15 -33.76 13.04
C GLY B 173 10.84 -32.62 13.76
N ILE B 174 10.12 -31.94 14.63
CA ILE B 174 10.66 -30.84 15.43
C ILE B 174 10.28 -31.07 16.88
N ARG B 175 11.15 -30.63 17.80
CA ARG B 175 10.91 -30.85 19.22
C ARG B 175 9.73 -30.04 19.73
N PHE B 176 8.96 -30.66 20.61
CA PHE B 176 7.83 -29.99 21.27
C PHE B 176 8.28 -28.77 22.05
N GLU B 177 9.51 -28.82 22.59
CA GLU B 177 10.05 -27.70 23.36
C GLU B 177 10.13 -26.43 22.53
N ILE B 178 10.40 -26.55 21.23
CA ILE B 178 10.44 -25.34 20.40
C ILE B 178 9.03 -24.76 20.25
N LEU B 179 8.02 -25.61 20.10
CA LEU B 179 6.65 -25.11 20.03
C LEU B 179 6.25 -24.42 21.33
N GLU B 180 6.71 -24.96 22.47
CA GLU B 180 6.44 -24.33 23.76
C GLU B 180 7.11 -22.97 23.88
N ALA B 181 8.31 -22.81 23.30
CA ALA B 181 8.99 -21.50 23.32
C ALA B 181 8.21 -20.47 22.52
N ILE B 182 7.79 -20.81 21.31
CA ILE B 182 7.01 -19.86 20.50
C ILE B 182 5.73 -19.50 21.22
N THR B 183 5.13 -20.47 21.92
CA THR B 183 3.92 -20.21 22.68
C THR B 183 4.17 -19.19 23.79
N LYS B 184 5.33 -19.27 24.45
CA LYS B 184 5.68 -18.28 25.46
C LYS B 184 5.87 -16.90 24.84
N PHE B 185 6.51 -16.82 23.66
CA PHE B 185 6.62 -15.54 22.98
C PHE B 185 5.25 -14.92 22.75
N LEU B 186 4.27 -15.73 22.34
CA LEU B 186 2.91 -15.21 22.17
C LEU B 186 2.31 -14.77 23.52
N ASN B 187 2.40 -15.61 24.55
CA ASN B 187 1.69 -15.30 25.78
C ASN B 187 2.29 -14.11 26.51
N GLN B 188 3.59 -13.88 26.37
CA GLN B 188 4.24 -12.72 26.99
C GLN B 188 4.36 -11.55 26.03
N ASN B 189 3.74 -11.61 24.86
CA ASN B 189 3.74 -10.50 23.91
C ASN B 189 5.16 -10.02 23.65
N ILE B 190 6.04 -10.98 23.32
CA ILE B 190 7.39 -10.71 22.85
C ILE B 190 7.42 -11.15 21.40
N THR B 191 7.62 -10.20 20.50
CA THR B 191 7.35 -10.46 19.09
C THR B 191 8.59 -10.29 18.23
N PRO B 192 9.07 -11.33 17.54
CA PRO B 192 10.23 -11.18 16.66
C PRO B 192 9.94 -10.23 15.51
N CYS B 193 10.98 -9.54 15.06
CA CYS B 193 10.86 -8.59 13.95
C CYS B 193 11.07 -9.34 12.64
N LEU B 194 10.07 -9.28 11.77
CA LEU B 194 10.08 -9.95 10.48
C LEU B 194 10.00 -8.90 9.36
N PRO B 195 10.71 -9.12 8.26
CA PRO B 195 10.59 -8.19 7.13
C PRO B 195 9.22 -8.30 6.47
N LEU B 196 8.75 -7.17 5.95
CA LEU B 196 7.45 -7.13 5.26
C LEU B 196 7.47 -7.95 3.97
N ARG B 197 8.53 -7.81 3.16
CA ARG B 197 8.63 -8.44 1.85
C ARG B 197 9.81 -9.41 1.82
N GLY B 198 9.88 -10.19 0.75
CA GLY B 198 10.88 -11.24 0.64
C GLY B 198 10.32 -12.63 0.38
N THR B 199 8.99 -12.79 0.34
CA THR B 199 8.41 -14.12 0.19
C THR B 199 7.45 -14.19 -0.99
N ILE B 200 7.53 -15.32 -1.72
CA ILE B 200 6.56 -15.69 -2.74
C ILE B 200 5.64 -16.82 -2.27
N THR B 201 5.67 -17.14 -0.98
CA THR B 201 4.77 -18.11 -0.30
C THR B 201 4.70 -19.46 -1.04
N ASP B 203 6.88 -19.33 3.01
CA ASP B 203 7.32 -18.04 3.55
C ASP B 203 8.72 -18.14 4.19
N LEU B 204 9.69 -18.64 3.40
CA LEU B 204 11.01 -18.99 3.91
C LEU B 204 11.71 -17.82 4.59
N VAL B 205 11.87 -16.71 3.88
CA VAL B 205 12.65 -15.58 4.37
C VAL B 205 12.04 -15.03 5.65
N PRO B 206 10.76 -14.62 5.69
CA PRO B 206 10.23 -14.10 6.98
C PRO B 206 10.20 -15.15 8.09
N LEU B 207 9.88 -16.42 7.81
CA LEU B 207 9.87 -17.40 8.90
C LEU B 207 11.26 -17.63 9.48
N SER B 208 12.33 -17.42 8.69
CA SER B 208 13.68 -17.62 9.21
C SER B 208 14.04 -16.61 10.30
N TYR B 209 13.31 -15.49 10.40
CA TYR B 209 13.56 -14.56 11.50
C TYR B 209 12.87 -14.99 12.79
N ILE B 210 11.86 -15.87 12.72
CA ILE B 210 11.44 -16.56 13.93
C ILE B 210 12.49 -17.57 14.37
N ALA B 211 13.00 -18.36 13.41
CA ALA B 211 14.08 -19.31 13.72
C ALA B 211 15.32 -18.60 14.27
N GLY B 212 15.64 -17.44 13.70
CA GLY B 212 16.84 -16.73 14.15
C GLY B 212 16.72 -16.23 15.57
N LEU B 213 15.51 -15.85 16.00
CA LEU B 213 15.31 -15.49 17.40
C LEU B 213 15.48 -16.71 18.29
N LEU B 214 14.87 -17.84 17.90
CA LEU B 214 14.97 -19.07 18.68
C LEU B 214 16.41 -19.55 18.81
N THR B 215 17.26 -19.29 17.81
CA THR B 215 18.64 -19.74 17.84
C THR B 215 19.61 -18.65 18.30
N GLY B 216 19.12 -17.46 18.60
CA GLY B 216 19.95 -16.36 19.04
C GLY B 216 20.92 -15.82 18.01
N ARG B 217 20.51 -15.71 16.75
CA ARG B 217 21.36 -15.07 15.75
C ARG B 217 21.71 -13.65 16.19
N PRO B 218 22.89 -13.16 15.81
CA PRO B 218 23.33 -11.85 16.33
C PRO B 218 22.50 -10.67 15.82
N ASN B 219 21.87 -10.80 14.65
CA ASN B 219 21.07 -9.72 14.08
C ASN B 219 19.61 -9.81 14.47
N SER B 220 19.22 -10.87 15.17
CA SER B 220 17.83 -11.06 15.54
C SER B 220 17.36 -9.98 16.52
N LYS B 221 16.12 -9.51 16.32
CA LYS B 221 15.50 -8.51 17.17
C LYS B 221 14.07 -8.92 17.50
N ALA B 222 13.59 -8.46 18.65
CA ALA B 222 12.18 -8.59 19.02
C ALA B 222 11.70 -7.27 19.63
N VAL B 223 10.38 -7.12 19.75
CA VAL B 223 9.76 -5.92 20.31
C VAL B 223 8.95 -6.34 21.53
N GLY B 224 9.13 -5.61 22.64
CA GLY B 224 8.39 -5.88 23.85
C GLY B 224 6.97 -5.37 23.78
N PRO B 225 6.21 -5.62 24.84
CA PRO B 225 4.79 -5.20 24.85
C PRO B 225 4.59 -3.72 24.65
N THR B 226 5.54 -2.90 25.10
CA THR B 226 5.42 -1.45 25.01
C THR B 226 6.27 -0.87 23.89
N GLY B 227 6.84 -1.71 23.02
CA GLY B 227 7.55 -1.23 21.85
C GLY B 227 9.06 -1.20 21.95
N VAL B 228 9.64 -1.64 23.06
CA VAL B 228 11.09 -1.61 23.22
C VAL B 228 11.73 -2.69 22.34
N ILE B 229 12.84 -2.34 21.70
CA ILE B 229 13.59 -3.30 20.88
C ILE B 229 14.46 -4.15 21.80
N LEU B 230 14.42 -5.46 21.61
CA LEU B 230 15.09 -6.41 22.49
C LEU B 230 16.06 -7.28 21.71
N SER B 231 17.19 -7.60 22.33
CA SER B 231 18.09 -8.63 21.83
C SER B 231 17.46 -10.00 22.07
N PRO B 232 17.96 -11.06 21.43
CA PRO B 232 17.39 -12.39 21.70
C PRO B 232 17.52 -12.82 23.15
N GLU B 233 18.63 -12.47 23.80
CA GLU B 233 18.79 -12.80 25.22
C GLU B 233 17.73 -12.12 26.08
N GLU B 234 17.53 -10.81 25.87
CA GLU B 234 16.48 -10.08 26.59
C GLU B 234 15.11 -10.67 26.29
N ALA B 235 14.86 -11.03 25.03
CA ALA B 235 13.56 -11.58 24.64
C ALA B 235 13.30 -12.92 25.34
N PHE B 236 14.30 -13.79 25.36
CA PHE B 236 14.15 -15.08 26.06
C PHE B 236 13.79 -14.84 27.53
N LYS B 237 14.51 -13.94 28.21
CA LYS B 237 14.27 -13.73 29.63
C LYS B 237 12.89 -13.13 29.89
N LEU B 238 12.45 -12.19 29.06
CA LEU B 238 11.13 -11.59 29.27
C LEU B 238 10.01 -12.58 28.97
N ALA B 239 10.24 -13.55 28.09
CA ALA B 239 9.19 -14.46 27.67
C ALA B 239 9.09 -15.70 28.55
N GLY B 240 10.09 -15.95 29.39
CA GLY B 240 10.08 -17.14 30.22
C GLY B 240 10.65 -18.36 29.56
N VAL B 241 11.48 -18.19 28.52
CA VAL B 241 12.20 -19.31 27.91
C VAL B 241 13.53 -19.42 28.66
N GLU B 242 13.69 -20.48 29.43
CA GLU B 242 14.82 -20.53 30.38
C GLU B 242 16.00 -21.37 29.92
N GLY B 243 15.88 -22.12 28.83
CA GLY B 243 16.92 -23.08 28.53
C GLY B 243 18.11 -22.61 27.72
N GLY B 244 18.24 -21.33 27.41
CA GLY B 244 19.23 -20.87 26.46
C GLY B 244 18.77 -21.12 25.04
N PHE B 245 19.53 -20.56 24.09
CA PHE B 245 19.12 -20.63 22.69
C PHE B 245 19.06 -22.08 22.22
N PHE B 246 18.17 -22.34 21.29
CA PHE B 246 18.08 -23.68 20.71
C PHE B 246 19.19 -23.91 19.70
N GLU B 247 19.73 -25.13 19.70
CA GLU B 247 20.61 -25.61 18.63
C GLU B 247 19.78 -26.55 17.74
N LEU B 248 19.56 -26.14 16.50
CA LEU B 248 18.56 -26.84 15.71
C LEU B 248 19.05 -28.22 15.31
N GLN B 249 18.21 -29.21 15.53
CA GLN B 249 18.49 -30.58 15.12
C GLN B 249 18.20 -30.69 13.63
N PRO B 250 18.59 -31.79 12.98
CA PRO B 250 18.25 -31.91 11.56
C PRO B 250 16.74 -31.87 11.42
N LYS B 251 16.28 -31.40 10.26
CA LYS B 251 14.86 -31.20 9.97
C LYS B 251 14.22 -30.04 10.73
N GLU B 252 14.79 -29.58 11.86
CA GLU B 252 14.12 -28.54 12.64
C GLU B 252 14.17 -27.18 11.94
N GLY B 253 15.28 -26.86 11.28
CA GLY B 253 15.32 -25.63 10.49
C GLY B 253 14.25 -25.63 9.42
N LEU B 254 14.18 -26.72 8.66
CA LEU B 254 13.17 -26.85 7.61
C LEU B 254 11.77 -26.80 8.18
N ALA B 255 11.54 -27.49 9.31
CA ALA B 255 10.24 -27.46 9.95
C ALA B 255 9.80 -26.05 10.29
N LEU B 256 10.75 -25.18 10.67
CA LEU B 256 10.39 -23.82 11.07
C LEU B 256 10.17 -22.88 9.88
N VAL B 257 11.01 -22.99 8.83
CA VAL B 257 10.93 -22.04 7.73
C VAL B 257 10.05 -22.48 6.57
N ASN B 258 9.83 -23.79 6.40
CA ASN B 258 9.02 -24.35 5.33
C ASN B 258 7.55 -24.28 5.74
N GLY B 259 6.74 -23.54 5.02
CA GLY B 259 5.32 -23.47 5.37
C GLY B 259 4.70 -22.15 4.97
N THR B 260 3.37 -22.11 5.06
CA THR B 260 2.60 -20.98 4.55
C THR B 260 2.03 -20.10 5.66
N ALA B 261 2.61 -20.15 6.86
CA ALA B 261 1.97 -19.57 8.05
C ALA B 261 1.88 -18.03 7.99
N VAL B 262 2.80 -17.34 7.32
CA VAL B 262 2.68 -15.87 7.28
C VAL B 262 1.53 -15.43 6.38
N GLY B 263 1.44 -16.01 5.17
CA GLY B 263 0.33 -15.67 4.30
C GLY B 263 -1.01 -16.12 4.85
N SER B 264 -1.07 -17.32 5.42
CA SER B 264 -2.35 -17.82 5.92
C SER B 264 -2.75 -17.16 7.24
N GLY B 265 -1.77 -16.74 8.04
CA GLY B 265 -2.09 -16.01 9.27
C GLY B 265 -2.70 -14.66 8.98
N MET B 266 -2.14 -13.93 8.01
CA MET B 266 -2.76 -12.65 7.70
C MET B 266 -4.09 -12.84 6.97
N ALA B 267 -4.22 -13.89 6.16
CA ALA B 267 -5.49 -14.13 5.49
C ALA B 267 -6.61 -14.42 6.50
N SER B 268 -6.27 -15.03 7.63
CA SER B 268 -7.26 -15.29 8.67
C SER B 268 -7.76 -13.99 9.28
N MET B 269 -6.82 -13.11 9.66
CA MET B 269 -7.17 -11.78 10.16
C MET B 269 -8.06 -11.05 9.19
N VAL B 270 -7.72 -11.12 7.90
CA VAL B 270 -8.49 -10.42 6.89
C VAL B 270 -9.90 -10.98 6.79
N LEU B 271 -10.03 -12.30 6.76
CA LEU B 271 -11.36 -12.89 6.58
C LEU B 271 -12.24 -12.74 7.81
N PHE B 272 -11.66 -12.65 9.01
CA PHE B 272 -12.46 -12.36 10.20
C PHE B 272 -13.15 -11.02 10.05
N GLU B 273 -12.39 -10.00 9.65
CA GLU B 273 -12.98 -8.68 9.45
C GLU B 273 -13.94 -8.67 8.26
N ALA B 274 -13.58 -9.34 7.17
CA ALA B 274 -14.41 -9.33 5.97
C ALA B 274 -15.77 -9.99 6.23
N ASN B 275 -15.79 -11.04 7.05
CA ASN B 275 -17.07 -11.67 7.38
C ASN B 275 -17.98 -10.71 8.15
N ILE B 276 -17.42 -9.97 9.11
CA ILE B 276 -18.23 -9.03 9.87
C ILE B 276 -18.68 -7.86 9.00
N LEU B 277 -17.80 -7.36 8.14
CA LEU B 277 -18.16 -6.20 7.31
C LEU B 277 -19.22 -6.57 6.29
N ALA B 278 -19.25 -7.82 5.83
CA ALA B 278 -20.34 -8.26 4.96
C ALA B 278 -21.69 -8.15 5.67
N VAL B 279 -21.77 -8.61 6.92
CA VAL B 279 -23.02 -8.48 7.66
C VAL B 279 -23.36 -7.00 7.88
N LEU B 280 -22.34 -6.17 8.13
CA LEU B 280 -22.59 -4.75 8.30
C LEU B 280 -23.13 -4.12 7.03
N ALA B 281 -22.61 -4.55 5.87
CA ALA B 281 -23.10 -4.03 4.61
C ALA B 281 -24.56 -4.44 4.36
N GLU B 282 -24.93 -5.66 4.74
CA GLU B 282 -26.32 -6.09 4.63
C GLU B 282 -27.24 -5.24 5.49
N VAL B 283 -26.86 -5.03 6.75
CA VAL B 283 -27.73 -4.27 7.65
C VAL B 283 -27.78 -2.80 7.24
N MET B 284 -26.64 -2.22 6.84
CA MET B 284 -26.65 -0.83 6.40
C MET B 284 -27.47 -0.64 5.13
N SER B 285 -27.56 -1.67 4.27
CA SER B 285 -28.44 -1.57 3.12
C SER B 285 -29.90 -1.41 3.56
N ALA B 286 -30.25 -2.05 4.67
CA ALA B 286 -31.61 -1.98 5.18
C ALA B 286 -31.90 -0.63 5.82
N ILE B 287 -30.94 -0.13 6.60
CA ILE B 287 -31.08 1.20 7.21
C ILE B 287 -31.15 2.29 6.13
N PHE B 288 -30.32 2.16 5.11
CA PHE B 288 -30.40 3.01 3.92
C PHE B 288 -31.81 2.96 3.33
N ALA B 289 -32.33 1.77 3.11
CA ALA B 289 -33.69 1.65 2.61
C ALA B 289 -34.68 2.37 3.52
N GLU B 290 -34.51 2.26 4.85
CA GLU B 290 -35.39 2.93 5.81
C GLU B 290 -35.39 4.45 5.62
N VAL B 291 -34.21 5.08 5.73
CA VAL B 291 -34.13 6.54 5.70
C VAL B 291 -34.42 7.07 4.29
N MET B 292 -34.19 6.26 3.26
CA MET B 292 -34.54 6.67 1.89
C MET B 292 -36.03 6.56 1.60
N GLN B 293 -36.79 5.89 2.47
CA GLN B 293 -38.21 5.59 2.22
C GLN B 293 -38.38 4.75 0.95
N GLY B 294 -37.50 3.76 0.77
CA GLY B 294 -37.62 2.85 -0.35
C GLY B 294 -38.74 1.85 -0.17
N LYS B 295 -39.20 1.28 -1.28
CA LYS B 295 -40.27 0.29 -1.23
C LYS B 295 -39.71 -1.04 -0.72
N PRO B 296 -40.18 -1.54 0.43
CA PRO B 296 -39.58 -2.77 0.99
C PRO B 296 -39.87 -4.04 0.20
N GLU B 297 -40.72 -3.99 -0.83
CA GLU B 297 -40.99 -5.18 -1.64
C GLU B 297 -39.74 -5.71 -2.35
N PHE B 298 -38.65 -4.92 -2.44
CA PHE B 298 -37.44 -5.46 -3.06
C PHE B 298 -36.85 -6.63 -2.26
N THR B 299 -37.26 -6.83 -1.01
CA THR B 299 -36.80 -7.94 -0.18
C THR B 299 -37.75 -9.13 -0.17
N ASP B 300 -38.91 -9.02 -0.84
CA ASP B 300 -39.89 -10.10 -0.89
C ASP B 300 -39.24 -11.44 -1.23
N HIS B 301 -39.53 -12.48 -0.44
CA HIS B 301 -38.79 -13.73 -0.56
C HIS B 301 -39.01 -14.41 -1.91
N LEU B 302 -40.19 -14.25 -2.54
CA LEU B 302 -40.43 -14.89 -3.83
C LEU B 302 -39.38 -14.50 -4.86
N THR B 303 -39.06 -13.21 -4.93
CA THR B 303 -38.04 -12.71 -5.84
C THR B 303 -36.74 -13.49 -5.69
N HIS B 304 -36.28 -13.63 -4.46
CA HIS B 304 -34.96 -14.20 -4.23
C HIS B 304 -35.00 -15.72 -4.26
N LYS B 305 -36.10 -16.31 -3.81
CA LYS B 305 -36.30 -17.76 -3.97
C LYS B 305 -36.18 -18.17 -5.43
N LEU B 306 -36.72 -17.38 -6.36
CA LEU B 306 -36.71 -17.75 -7.77
C LEU B 306 -35.32 -17.65 -8.41
N LYS B 307 -34.31 -17.11 -7.74
CA LYS B 307 -32.95 -17.17 -8.29
C LYS B 307 -32.08 -18.27 -7.66
N HIS B 308 -32.53 -18.89 -6.56
CA HIS B 308 -31.85 -20.01 -5.91
C HIS B 308 -30.55 -19.64 -5.18
N HIS B 309 -29.94 -18.50 -5.49
CA HIS B 309 -28.64 -18.16 -4.89
C HIS B 309 -28.78 -17.96 -3.38
N PRO B 310 -28.10 -18.75 -2.54
CA PRO B 310 -28.31 -18.64 -1.09
C PRO B 310 -27.80 -17.34 -0.50
N GLY B 311 -26.66 -16.82 -0.98
CA GLY B 311 -26.18 -15.57 -0.45
C GLY B 311 -27.19 -14.45 -0.65
N GLN B 312 -27.84 -14.42 -1.82
CA GLN B 312 -28.86 -13.40 -2.10
C GLN B 312 -30.11 -13.62 -1.25
N ILE B 313 -30.52 -14.88 -1.07
CA ILE B 313 -31.69 -15.16 -0.26
C ILE B 313 -31.47 -14.73 1.19
N GLU B 314 -30.26 -14.97 1.72
CA GLU B 314 -29.99 -14.57 3.10
C GLU B 314 -29.92 -13.04 3.22
N ALA B 315 -29.23 -12.37 2.30
CA ALA B 315 -29.11 -10.92 2.38
C ALA B 315 -30.49 -10.26 2.33
N ALA B 316 -31.35 -10.73 1.43
CA ALA B 316 -32.70 -10.19 1.36
C ALA B 316 -33.48 -10.47 2.64
N ALA B 317 -33.36 -11.69 3.20
CA ALA B 317 -34.10 -12.00 4.42
C ALA B 317 -33.60 -11.18 5.61
N ILE B 318 -32.29 -10.89 5.67
CA ILE B 318 -31.79 -10.06 6.74
C ILE B 318 -32.32 -8.63 6.62
N MET B 319 -32.28 -8.07 5.41
CA MET B 319 -32.84 -6.74 5.18
C MET B 319 -34.33 -6.73 5.46
N GLU B 320 -35.05 -7.76 5.02
CA GLU B 320 -36.48 -7.84 5.28
C GLU B 320 -36.78 -7.86 6.77
N HIS B 321 -35.90 -8.48 7.57
CA HIS B 321 -36.09 -8.50 9.02
C HIS B 321 -35.94 -7.11 9.61
N ILE B 322 -34.92 -6.37 9.18
CA ILE B 322 -34.77 -4.99 9.64
C ILE B 322 -35.99 -4.16 9.24
N LEU B 323 -36.45 -4.32 7.99
CA LEU B 323 -37.55 -3.48 7.51
C LEU B 323 -38.89 -3.90 8.08
N ASP B 324 -39.04 -5.19 8.41
CA ASP B 324 -40.32 -5.64 8.98
C ASP B 324 -40.54 -5.11 10.38
N GLY B 325 -39.48 -4.70 11.08
CA GLY B 325 -39.64 -4.12 12.40
C GLY B 325 -39.27 -2.65 12.39
N SER B 326 -39.52 -1.98 11.27
CA SER B 326 -39.13 -0.59 11.10
C SER B 326 -40.34 0.31 11.24
N ALA B 327 -40.20 1.35 12.09
CA ALA B 327 -41.22 2.38 12.18
C ALA B 327 -41.18 3.36 11.02
N TYR B 328 -40.12 3.35 10.19
CA TYR B 328 -40.07 4.18 9.00
C TYR B 328 -40.87 3.60 7.84
N VAL B 329 -40.91 2.27 7.73
CA VAL B 329 -41.69 1.66 6.65
C VAL B 329 -43.18 1.94 6.87
N LYS B 330 -43.63 1.93 8.13
CA LYS B 330 -44.99 2.35 8.43
C LYS B 330 -45.18 3.82 8.13
N ALA B 331 -45.13 4.19 6.85
CA ALA B 331 -45.20 5.58 6.41
C ALA B 331 -45.41 5.66 4.90
N GLN B 346 -39.76 3.28 -9.54
CA GLN B 346 -39.13 2.33 -8.63
C GLN B 346 -37.85 2.93 -8.04
N ASP B 347 -37.32 2.27 -7.03
CA ASP B 347 -36.06 2.69 -6.45
C ASP B 347 -34.91 2.38 -7.41
N ARG B 348 -33.81 3.10 -7.23
CA ARG B 348 -32.64 2.91 -8.10
C ARG B 348 -31.87 1.65 -7.69
N TYR B 349 -30.92 1.25 -8.54
CA TYR B 349 -30.35 -0.10 -8.41
C TYR B 349 -29.61 -0.32 -7.10
N ALA B 350 -28.91 0.70 -6.58
CA ALA B 350 -28.13 0.48 -5.36
C ALA B 350 -29.02 0.16 -4.16
N LEU B 351 -30.30 0.52 -4.22
CA LEU B 351 -31.26 0.10 -3.21
C LEU B 351 -31.93 -1.21 -3.64
N ARG B 352 -32.58 -1.20 -4.80
CA ARG B 352 -33.46 -2.31 -5.20
C ARG B 352 -32.70 -3.60 -5.53
N THR B 353 -31.44 -3.53 -5.98
CA THR B 353 -30.68 -4.74 -6.32
C THR B 353 -29.61 -5.08 -5.28
N SER B 354 -29.69 -4.47 -4.10
CA SER B 354 -28.65 -4.71 -3.09
C SER B 354 -28.54 -6.17 -2.68
N PRO B 355 -29.63 -6.95 -2.55
CA PRO B 355 -29.41 -8.37 -2.22
C PRO B 355 -28.76 -9.15 -3.37
N GLN B 356 -29.18 -8.87 -4.61
CA GLN B 356 -28.55 -9.51 -5.76
C GLN B 356 -27.06 -9.17 -5.83
N TRP B 357 -26.70 -7.93 -5.49
CA TRP B 357 -25.31 -7.50 -5.57
C TRP B 357 -24.45 -8.14 -4.47
N LEU B 358 -24.95 -8.11 -3.23
CA LEU B 358 -24.19 -8.58 -2.07
C LEU B 358 -24.09 -10.10 -2.00
N GLY B 359 -25.11 -10.81 -2.46
CA GLY B 359 -25.18 -12.25 -2.30
C GLY B 359 -23.94 -13.03 -2.74
N PRO B 360 -23.51 -12.83 -4.00
CA PRO B 360 -22.30 -13.54 -4.46
C PRO B 360 -21.04 -13.13 -3.71
N GLN B 361 -20.97 -11.88 -3.24
CA GLN B 361 -19.80 -11.45 -2.47
C GLN B 361 -19.73 -12.21 -1.16
N ILE B 362 -20.88 -12.42 -0.50
CA ILE B 362 -20.92 -13.20 0.74
C ILE B 362 -20.52 -14.66 0.47
N GLU B 363 -21.00 -15.23 -0.64
CA GLU B 363 -20.67 -16.62 -0.96
C GLU B 363 -19.17 -16.80 -1.18
N VAL B 364 -18.51 -15.79 -1.77
CA VAL B 364 -17.07 -15.86 -2.01
C VAL B 364 -16.30 -15.73 -0.70
N ILE B 365 -16.70 -14.78 0.15
CA ILE B 365 -16.05 -14.62 1.43
C ILE B 365 -16.19 -15.90 2.26
N ARG B 366 -17.38 -16.53 2.22
CA ARG B 366 -17.59 -17.75 3.00
C ARG B 366 -16.75 -18.91 2.46
N SER B 367 -16.74 -19.10 1.14
CA SER B 367 -15.91 -20.16 0.57
CA SER B 367 -15.91 -20.16 0.57
C SER B 367 -14.44 -19.93 0.87
N SER B 368 -13.99 -18.68 0.75
CA SER B 368 -12.60 -18.34 1.03
C SER B 368 -12.24 -18.63 2.48
N THR B 369 -13.16 -18.32 3.41
CA THR B 369 -12.93 -18.64 4.80
C THR B 369 -12.67 -20.13 4.99
N LYS B 370 -13.42 -20.99 4.29
CA LYS B 370 -13.23 -22.43 4.47
C LYS B 370 -11.88 -22.87 3.91
N MET B 371 -11.44 -22.25 2.81
CA MET B 371 -10.14 -22.59 2.24
CA MET B 371 -10.14 -22.61 2.25
C MET B 371 -9.01 -22.25 3.21
N ILE B 372 -9.09 -21.07 3.83
CA ILE B 372 -8.03 -20.65 4.74
C ILE B 372 -8.07 -21.45 6.05
N GLU B 373 -9.25 -21.82 6.54
CA GLU B 373 -9.28 -22.63 7.76
C GLU B 373 -8.69 -24.01 7.53
N ARG B 374 -8.82 -24.57 6.32
CA ARG B 374 -8.09 -25.81 6.06
C ARG B 374 -6.58 -25.54 6.03
N GLU B 375 -6.16 -24.43 5.42
CA GLU B 375 -4.73 -24.16 5.29
C GLU B 375 -4.05 -24.00 6.65
N ILE B 376 -4.74 -23.38 7.62
CA ILE B 376 -4.08 -23.14 8.92
C ILE B 376 -4.10 -24.36 9.82
N ASN B 377 -4.77 -25.44 9.41
CA ASN B 377 -4.72 -26.73 10.08
C ASN B 377 -4.03 -27.79 9.24
N SER B 378 -3.31 -27.40 8.21
CA SER B 378 -2.63 -28.36 7.35
C SER B 378 -1.19 -28.56 7.83
N VAL B 379 -0.58 -29.64 7.32
CA VAL B 379 0.85 -29.85 7.44
C VAL B 379 1.46 -29.37 6.13
N ASN B 380 2.24 -28.29 6.18
CA ASN B 380 2.70 -27.69 4.94
C ASN B 380 4.22 -27.50 4.90
N ASP B 381 4.99 -28.27 5.68
CA ASP B 381 6.43 -28.33 5.46
C ASP B 381 6.77 -29.59 4.66
N ASN B 382 8.07 -29.83 4.46
CA ASN B 382 8.54 -30.85 3.56
C ASN B 382 9.98 -31.17 3.92
N PRO B 383 10.38 -32.46 3.94
CA PRO B 383 9.51 -33.62 3.75
C PRO B 383 8.70 -33.94 5.01
N LEU B 384 7.63 -34.72 4.84
CA LEU B 384 6.86 -35.19 5.98
C LEU B 384 7.55 -36.39 6.60
N ILE B 385 7.50 -36.49 7.92
CA ILE B 385 8.07 -37.63 8.64
C ILE B 385 6.92 -38.58 8.96
N ASP B 386 6.89 -39.72 8.28
CA ASP B 386 5.82 -40.71 8.47
C ASP B 386 6.41 -41.86 9.30
N VAL B 387 6.23 -41.79 10.62
CA VAL B 387 6.84 -42.82 11.48
C VAL B 387 6.16 -44.16 11.25
N SER B 388 4.88 -44.16 10.85
CA SER B 388 4.17 -45.40 10.60
C SER B 388 4.80 -46.19 9.46
N ARG B 389 5.22 -45.52 8.39
CA ARG B 389 5.87 -46.19 7.28
C ARG B 389 7.39 -46.13 7.35
N ASN B 390 7.94 -45.49 8.38
CA ASN B 390 9.38 -45.45 8.60
C ASN B 390 10.11 -44.76 7.44
N LYS B 391 9.51 -43.70 6.91
CA LYS B 391 10.15 -42.98 5.81
C LYS B 391 9.72 -41.52 5.81
N ALA B 392 10.53 -40.69 5.16
CA ALA B 392 10.17 -39.30 4.90
C ALA B 392 9.50 -39.19 3.53
N ILE B 393 8.42 -38.42 3.47
CA ILE B 393 7.61 -38.28 2.26
C ILE B 393 7.86 -36.89 1.68
N HIS B 394 8.49 -36.83 0.50
CA HIS B 394 8.76 -35.55 -0.15
C HIS B 394 7.57 -35.12 -0.99
N GLY B 395 7.28 -33.83 -0.96
CA GLY B 395 6.11 -33.32 -1.65
C GLY B 395 6.13 -31.81 -1.75
N GLY B 396 4.95 -31.24 -1.95
CA GLY B 396 4.89 -29.80 -2.17
C GLY B 396 3.82 -29.06 -1.40
N ASN B 397 3.55 -29.45 -0.14
CA ASN B 397 2.48 -28.79 0.63
C ASN B 397 2.84 -27.37 1.03
N PHE B 398 4.09 -26.94 0.86
CA PHE B 398 4.45 -25.53 1.10
C PHE B 398 3.91 -24.59 0.02
N GLN B 399 3.31 -25.10 -1.05
CA GLN B 399 2.81 -24.28 -2.15
C GLN B 399 1.49 -23.64 -1.73
N GLY B 400 1.50 -22.32 -1.47
CA GLY B 400 0.36 -21.68 -0.81
C GLY B 400 -0.78 -21.23 -1.71
N THR B 401 -1.04 -21.95 -2.80
CA THR B 401 -2.09 -21.58 -3.75
C THR B 401 -3.46 -21.33 -3.11
N PRO B 402 -3.90 -22.09 -2.11
CA PRO B 402 -5.18 -21.73 -1.47
C PRO B 402 -5.20 -20.33 -0.90
N ILE B 403 -4.06 -19.80 -0.47
CA ILE B 403 -4.02 -18.44 0.08
C ILE B 403 -4.14 -17.40 -1.03
N GLY B 404 -3.29 -17.52 -2.06
CA GLY B 404 -3.35 -16.56 -3.16
C GLY B 404 -4.70 -16.52 -3.85
N VAL B 405 -5.28 -17.70 -4.09
CA VAL B 405 -6.56 -17.75 -4.79
C VAL B 405 -7.66 -17.14 -3.94
N SER B 406 -7.71 -17.51 -2.65
CA SER B 406 -8.78 -17.00 -1.80
C SER B 406 -8.62 -15.51 -1.53
N MET B 407 -7.38 -15.02 -1.43
CA MET B 407 -7.20 -13.59 -1.17
C MET B 407 -7.48 -12.74 -2.41
N ASP B 408 -7.09 -13.18 -3.61
CA ASP B 408 -7.47 -12.47 -4.83
C ASP B 408 -8.99 -12.43 -4.98
N ASN B 409 -9.65 -13.58 -4.83
CA ASN B 409 -11.11 -13.61 -4.97
C ASN B 409 -11.78 -12.74 -3.92
N THR B 410 -11.32 -12.80 -2.67
CA THR B 410 -11.92 -12.01 -1.60
C THR B 410 -11.70 -10.52 -1.83
N ARG B 411 -10.54 -10.15 -2.35
CA ARG B 411 -10.28 -8.74 -2.60
C ARG B 411 -11.25 -8.18 -3.63
N LEU B 412 -11.52 -8.94 -4.69
CA LEU B 412 -12.52 -8.48 -5.67
C LEU B 412 -13.89 -8.35 -5.03
N ALA B 413 -14.23 -9.26 -4.11
CA ALA B 413 -15.53 -9.18 -3.44
C ALA B 413 -15.63 -7.95 -2.53
N ILE B 414 -14.54 -7.65 -1.80
CA ILE B 414 -14.50 -6.44 -0.98
C ILE B 414 -14.70 -5.19 -1.84
N ALA B 415 -14.05 -5.15 -3.00
CA ALA B 415 -14.20 -3.99 -3.89
C ALA B 415 -15.65 -3.83 -4.36
N ALA B 416 -16.36 -4.93 -4.59
CA ALA B 416 -17.76 -4.85 -5.01
C ALA B 416 -18.66 -4.39 -3.87
N ILE B 417 -18.38 -4.83 -2.64
CA ILE B 417 -19.14 -4.33 -1.49
C ILE B 417 -18.91 -2.83 -1.32
N GLY B 418 -17.65 -2.39 -1.50
CA GLY B 418 -17.37 -0.96 -1.41
C GLY B 418 -18.02 -0.16 -2.53
N LYS B 419 -18.08 -0.73 -3.75
CA LYS B 419 -18.71 0.00 -4.85
C LYS B 419 -20.20 0.21 -4.57
N LEU B 420 -20.88 -0.83 -4.06
CA LEU B 420 -22.28 -0.68 -3.69
C LEU B 420 -22.45 0.38 -2.62
N MET B 421 -21.57 0.38 -1.61
CA MET B 421 -21.63 1.37 -0.54
C MET B 421 -21.45 2.78 -1.08
N PHE B 422 -20.52 2.95 -2.04
CA PHE B 422 -20.35 4.25 -2.67
C PHE B 422 -21.64 4.69 -3.38
N ALA B 423 -22.27 3.77 -4.13
CA ALA B 423 -23.46 4.14 -4.87
C ALA B 423 -24.63 4.45 -3.93
N GLN B 424 -24.73 3.71 -2.82
CA GLN B 424 -25.77 4.01 -1.83
C GLN B 424 -25.52 5.36 -1.16
N PHE B 425 -24.28 5.60 -0.73
CA PHE B 425 -23.94 6.90 -0.16
C PHE B 425 -24.26 8.02 -1.13
N SER B 426 -23.89 7.83 -2.41
CA SER B 426 -24.16 8.83 -3.44
C SER B 426 -25.66 9.12 -3.59
N GLU B 427 -26.52 8.09 -3.56
CA GLU B 427 -27.96 8.37 -3.61
C GLU B 427 -28.40 9.12 -2.35
N LEU B 428 -27.84 8.77 -1.20
CA LEU B 428 -28.32 9.30 0.07
C LEU B 428 -28.10 10.80 0.18
N VAL B 429 -26.97 11.32 -0.34
CA VAL B 429 -26.68 12.75 -0.17
C VAL B 429 -27.19 13.59 -1.34
N ASN B 430 -27.83 12.98 -2.33
CA ASN B 430 -28.28 13.70 -3.52
C ASN B 430 -29.78 14.00 -3.37
N ASP B 431 -30.12 15.30 -3.34
CA ASP B 431 -31.53 15.66 -3.12
C ASP B 431 -32.43 15.30 -4.29
N PHE B 432 -31.87 15.00 -5.47
CA PHE B 432 -32.68 14.45 -6.55
C PHE B 432 -33.14 13.03 -6.26
N TYR B 433 -32.40 12.28 -5.45
CA TYR B 433 -32.63 10.84 -5.31
C TYR B 433 -33.06 10.39 -3.92
N ASN B 434 -33.02 11.27 -2.92
CA ASN B 434 -33.16 10.84 -1.53
C ASN B 434 -34.50 11.23 -0.91
N ASN B 435 -35.53 11.45 -1.73
CA ASN B 435 -36.91 11.61 -1.26
C ASN B 435 -37.05 12.61 -0.11
N GLY B 436 -36.61 13.85 -0.36
CA GLY B 436 -36.91 14.93 0.55
C GLY B 436 -35.82 15.28 1.54
N LEU B 437 -34.77 14.44 1.68
CA LEU B 437 -33.67 14.82 2.54
C LEU B 437 -32.89 15.98 1.93
N PRO B 438 -32.24 16.81 2.76
CA PRO B 438 -31.50 17.95 2.22
C PRO B 438 -30.30 17.48 1.40
N SER B 439 -29.98 18.26 0.37
CA SER B 439 -28.74 18.05 -0.34
C SER B 439 -27.58 18.00 0.65
N ASN B 440 -26.67 17.03 0.46
CA ASN B 440 -25.49 16.84 1.30
C ASN B 440 -25.83 16.45 2.75
N LEU B 441 -27.09 16.14 3.05
CA LEU B 441 -27.51 15.88 4.44
C LEU B 441 -27.10 17.03 5.36
N SER B 442 -27.15 18.25 4.82
CA SER B 442 -26.86 19.45 5.60
C SER B 442 -27.85 19.59 6.76
N GLY B 443 -27.34 20.07 7.89
CA GLY B 443 -28.14 20.02 9.11
C GLY B 443 -28.51 21.32 9.79
N GLY B 444 -27.83 22.43 9.45
CA GLY B 444 -28.07 23.69 10.11
C GLY B 444 -29.18 24.52 9.48
N ARG B 445 -29.55 25.58 10.19
CA ARG B 445 -30.66 26.45 9.78
C ARG B 445 -30.40 27.14 8.44
N ASN B 446 -29.15 27.29 8.06
CA ASN B 446 -28.80 28.11 6.89
C ASN B 446 -28.06 27.25 5.88
N PRO B 447 -28.73 26.79 4.83
CA PRO B 447 -28.06 25.93 3.85
C PRO B 447 -26.90 26.61 3.13
N SER B 448 -26.91 27.95 3.03
CA SER B 448 -25.81 28.66 2.42
C SER B 448 -24.52 28.54 3.22
N LEU B 449 -24.61 28.19 4.51
CA LEU B 449 -23.45 28.05 5.37
C LEU B 449 -23.35 26.64 5.97
N ASP B 450 -23.84 25.62 5.25
CA ASP B 450 -23.71 24.24 5.71
C ASP B 450 -23.71 23.33 4.48
N TYR B 451 -22.54 22.84 4.10
CA TYR B 451 -22.45 21.93 2.97
C TYR B 451 -22.37 20.48 3.40
N GLY B 452 -22.81 20.18 4.63
CA GLY B 452 -22.99 18.82 5.10
C GLY B 452 -21.88 17.85 4.77
N PHE B 453 -22.19 16.79 4.01
CA PHE B 453 -21.28 15.70 3.76
C PHE B 453 -20.57 15.82 2.41
N LYS B 454 -20.55 17.03 1.83
CA LYS B 454 -19.94 17.19 0.50
C LYS B 454 -18.48 16.76 0.49
N GLY B 455 -17.71 17.17 1.50
CA GLY B 455 -16.33 16.74 1.58
C GLY B 455 -16.20 15.24 1.82
N ALA B 456 -17.09 14.68 2.64
CA ALA B 456 -17.11 13.24 2.86
C ALA B 456 -17.49 12.48 1.60
N GLU B 457 -18.36 13.06 0.76
CA GLU B 457 -18.76 12.41 -0.47
C GLU B 457 -17.59 12.35 -1.45
N ILE B 458 -16.83 13.44 -1.55
CA ILE B 458 -15.58 13.42 -2.33
C ILE B 458 -14.64 12.35 -1.79
N ALA B 459 -14.48 12.30 -0.46
CA ALA B 459 -13.61 11.29 0.15
C ALA B 459 -14.08 9.88 -0.19
N MET B 460 -15.40 9.66 -0.24
CA MET B 460 -15.93 8.35 -0.56
C MET B 460 -15.57 7.93 -1.99
N ALA B 461 -15.59 8.87 -2.93
CA ALA B 461 -15.13 8.57 -4.29
C ALA B 461 -13.66 8.14 -4.29
N SER B 462 -12.82 8.82 -3.49
CA SER B 462 -11.40 8.47 -3.46
C SER B 462 -11.19 7.09 -2.83
N TYR B 463 -12.01 6.74 -1.84
CA TYR B 463 -11.94 5.39 -1.27
C TYR B 463 -12.32 4.35 -2.30
N CYS B 464 -13.47 4.56 -2.96
CA CYS B 464 -13.97 3.61 -3.94
C CYS B 464 -12.97 3.43 -5.09
N SER B 465 -12.41 4.52 -5.61
CA SER B 465 -11.45 4.42 -6.71
C SER B 465 -10.25 3.55 -6.33
N GLU B 466 -9.66 3.82 -5.16
CA GLU B 466 -8.50 3.04 -4.76
C GLU B 466 -8.87 1.59 -4.49
N LEU B 467 -10.08 1.36 -3.98
CA LEU B 467 -10.56 -0.01 -3.79
C LEU B 467 -10.67 -0.74 -5.14
N GLN B 468 -11.15 -0.05 -6.18
CA GLN B 468 -11.27 -0.71 -7.49
C GLN B 468 -9.90 -1.02 -8.08
N PHE B 469 -8.89 -0.16 -7.82
CA PHE B 469 -7.53 -0.47 -8.23
C PHE B 469 -7.00 -1.71 -7.50
N LEU B 470 -7.27 -1.78 -6.18
CA LEU B 470 -6.79 -2.90 -5.38
C LEU B 470 -7.41 -4.22 -5.78
N ALA B 471 -8.56 -4.21 -6.46
CA ALA B 471 -9.24 -5.44 -6.86
C ALA B 471 -8.47 -6.26 -7.89
N ASN B 472 -7.46 -5.68 -8.54
CA ASN B 472 -6.69 -6.47 -9.48
C ASN B 472 -6.00 -7.63 -8.76
N PRO B 473 -5.82 -8.77 -9.42
CA PRO B 473 -5.18 -9.93 -8.77
C PRO B 473 -3.68 -9.78 -8.64
N VAL B 474 -3.13 -10.55 -7.70
CA VAL B 474 -1.68 -10.66 -7.49
C VAL B 474 -1.16 -11.92 -8.15
N THR B 475 -1.97 -12.98 -8.16
CA THR B 475 -1.46 -14.31 -8.49
C THR B 475 -1.23 -14.52 -9.99
N ASN B 476 -1.60 -13.56 -10.84
CA ASN B 476 -1.21 -13.62 -12.24
C ASN B 476 0.14 -12.96 -12.51
N HIS B 477 0.96 -12.74 -11.48
CA HIS B 477 2.26 -12.09 -11.64
C HIS B 477 3.40 -12.98 -11.16
N VAL B 478 3.26 -14.28 -11.33
CA VAL B 478 4.24 -15.24 -10.83
C VAL B 478 5.50 -15.17 -11.68
N GLN B 479 6.66 -15.08 -11.01
CA GLN B 479 7.96 -15.20 -11.67
C GLN B 479 8.53 -16.62 -11.48
N SER B 480 9.18 -17.14 -12.51
CA SER B 480 9.97 -18.37 -12.39
C SER B 480 11.18 -18.09 -11.51
N ALA B 481 11.23 -18.70 -10.32
CA ALA B 481 12.10 -18.25 -9.24
C ALA B 481 13.10 -19.33 -8.85
N GLU B 482 14.12 -18.90 -8.09
CA GLU B 482 15.12 -19.76 -7.44
C GLU B 482 15.76 -20.73 -8.45
N GLN B 483 16.54 -20.13 -9.35
CA GLN B 483 17.19 -20.86 -10.44
C GLN B 483 16.19 -21.77 -11.17
N HIS B 484 14.96 -21.28 -11.28
CA HIS B 484 13.84 -21.92 -11.97
C HIS B 484 13.41 -23.23 -11.31
N ASN B 485 13.83 -23.46 -10.07
CA ASN B 485 13.24 -24.53 -9.27
C ASN B 485 11.80 -24.19 -8.90
N GLN B 486 11.54 -22.95 -8.53
CA GLN B 486 10.20 -22.53 -8.13
C GLN B 486 9.52 -21.87 -9.32
N ASP B 487 9.24 -22.70 -10.35
CA ASP B 487 8.74 -22.13 -11.58
C ASP B 487 7.23 -21.87 -11.54
N VAL B 488 6.55 -22.31 -10.48
CA VAL B 488 5.27 -21.76 -10.06
C VAL B 488 5.37 -21.48 -8.57
N ASN B 489 4.72 -20.41 -8.12
CA ASN B 489 4.72 -20.04 -6.70
C ASN B 489 3.49 -19.18 -6.42
N SER B 490 2.99 -19.24 -5.17
CA SER B 490 1.61 -18.83 -4.94
C SER B 490 1.44 -17.32 -4.77
N LEU B 491 2.47 -16.60 -4.30
CA LEU B 491 2.36 -15.17 -3.95
C LEU B 491 1.31 -14.92 -2.85
N GLY B 492 1.10 -15.91 -1.97
CA GLY B 492 -0.03 -15.85 -1.05
C GLY B 492 0.02 -14.64 -0.12
N LEU B 493 1.17 -14.39 0.53
CA LEU B 493 1.25 -13.29 1.49
C LEU B 493 1.14 -11.92 0.81
N ILE B 494 1.73 -11.75 -0.38
CA ILE B 494 1.54 -10.48 -1.08
C ILE B 494 0.06 -10.22 -1.32
N SER B 495 -0.68 -11.25 -1.75
CA SER B 495 -2.11 -11.07 -1.95
C SER B 495 -2.83 -10.77 -0.63
N SER B 496 -2.47 -11.46 0.46
CA SER B 496 -3.09 -11.20 1.76
C SER B 496 -2.89 -9.74 2.16
N ARG B 497 -1.69 -9.21 1.93
CA ARG B 497 -1.42 -7.81 2.28
C ARG B 497 -2.30 -6.85 1.47
N LYS B 498 -2.56 -7.16 0.21
CA LYS B 498 -3.39 -6.25 -0.57
C LYS B 498 -4.85 -6.34 -0.13
N THR B 499 -5.31 -7.54 0.22
CA THR B 499 -6.68 -7.67 0.72
C THR B 499 -6.81 -7.00 2.09
N SER B 500 -5.76 -7.01 2.89
CA SER B 500 -5.79 -6.30 4.16
C SER B 500 -5.93 -4.79 3.94
N GLU B 501 -5.17 -4.23 2.99
CA GLU B 501 -5.32 -2.82 2.65
C GLU B 501 -6.73 -2.51 2.15
N ALA B 502 -7.32 -3.42 1.35
CA ALA B 502 -8.69 -3.22 0.88
C ALA B 502 -9.70 -3.23 2.03
N VAL B 503 -9.49 -4.09 3.03
CA VAL B 503 -10.38 -4.12 4.19
C VAL B 503 -10.31 -2.81 4.96
N GLU B 504 -9.11 -2.25 5.10
CA GLU B 504 -8.98 -0.97 5.79
C GLU B 504 -9.75 0.14 5.08
N ILE B 505 -9.70 0.15 3.75
CA ILE B 505 -10.45 1.16 3.01
C ILE B 505 -11.94 0.93 3.16
N LEU B 506 -12.37 -0.34 3.16
CA LEU B 506 -13.79 -0.63 3.39
C LEU B 506 -14.24 -0.14 4.77
N LYS B 507 -13.34 -0.19 5.77
CA LYS B 507 -13.67 0.38 7.08
C LYS B 507 -13.81 1.90 7.03
N LEU B 508 -12.95 2.57 6.27
CA LEU B 508 -13.10 4.01 6.08
C LEU B 508 -14.46 4.34 5.47
N MET B 509 -14.86 3.56 4.46
CA MET B 509 -16.14 3.80 3.80
C MET B 509 -17.32 3.47 4.72
N SER B 510 -17.20 2.35 5.47
CA SER B 510 -18.28 1.94 6.35
C SER B 510 -18.50 2.97 7.46
N THR B 511 -17.41 3.50 8.00
CA THR B 511 -17.46 4.56 9.00
C THR B 511 -18.19 5.79 8.48
N THR B 512 -17.75 6.27 7.31
CA THR B 512 -18.34 7.48 6.72
C THR B 512 -19.80 7.27 6.39
N PHE B 513 -20.13 6.11 5.80
CA PHE B 513 -21.52 5.79 5.48
C PHE B 513 -22.37 5.73 6.75
N LEU B 514 -21.89 5.01 7.77
CA LEU B 514 -22.69 4.83 8.99
C LEU B 514 -23.01 6.17 9.66
N VAL B 515 -22.03 7.07 9.70
CA VAL B 515 -22.31 8.39 10.27
C VAL B 515 -23.28 9.14 9.38
N GLY B 516 -23.20 8.95 8.06
CA GLY B 516 -24.18 9.55 7.16
C GLY B 516 -25.60 9.09 7.44
N LEU B 517 -25.78 7.77 7.65
CA LEU B 517 -27.12 7.24 7.92
C LEU B 517 -27.67 7.80 9.22
N CYS B 518 -26.84 7.91 10.26
CA CYS B 518 -27.32 8.49 11.52
C CYS B 518 -27.73 9.95 11.33
N GLN B 519 -26.97 10.71 10.55
CA GLN B 519 -27.37 12.07 10.20
C GLN B 519 -28.73 12.06 9.52
N ALA B 520 -28.91 11.16 8.55
CA ALA B 520 -30.19 11.04 7.85
C ALA B 520 -31.33 10.70 8.81
N ILE B 521 -31.08 9.79 9.75
CA ILE B 521 -32.08 9.47 10.76
C ILE B 521 -32.51 10.73 11.52
N ASP B 522 -31.54 11.54 11.95
CA ASP B 522 -31.92 12.74 12.68
C ASP B 522 -32.61 13.77 11.81
N LEU B 523 -32.26 13.81 10.51
CA LEU B 523 -32.95 14.72 9.61
C LEU B 523 -34.42 14.30 9.42
N ARG B 524 -34.69 13.00 9.36
CA ARG B 524 -36.09 12.56 9.28
C ARG B 524 -36.87 12.95 10.53
N HIS B 525 -36.20 12.94 11.69
CA HIS B 525 -36.83 13.36 12.94
C HIS B 525 -37.15 14.84 12.91
N LEU B 526 -36.19 15.66 12.46
CA LEU B 526 -36.43 17.09 12.27
C LEU B 526 -37.55 17.33 11.27
N GLU B 527 -37.55 16.58 10.16
CA GLU B 527 -38.56 16.75 9.12
C GLU B 527 -39.97 16.53 9.66
N GLU B 528 -40.18 15.40 10.36
CA GLU B 528 -41.50 15.09 10.90
C GLU B 528 -41.99 16.19 11.86
N ASN B 529 -41.09 16.72 12.70
CA ASN B 529 -41.50 17.71 13.69
C ASN B 529 -41.79 19.06 13.04
N LEU B 530 -40.93 19.54 12.15
CA LEU B 530 -41.17 20.84 11.55
C LEU B 530 -42.41 20.82 10.65
N LYS B 531 -42.65 19.71 9.94
CA LYS B 531 -43.88 19.62 9.15
C LYS B 531 -45.11 19.72 10.05
N SER B 532 -45.10 19.07 11.22
CA SER B 532 -46.23 19.18 12.12
C SER B 532 -46.45 20.62 12.55
N THR B 533 -45.36 21.35 12.80
CA THR B 533 -45.51 22.76 13.21
C THR B 533 -46.08 23.61 12.09
N VAL B 534 -45.64 23.39 10.84
CA VAL B 534 -46.16 24.17 9.73
C VAL B 534 -47.65 23.90 9.55
N LYS B 535 -48.04 22.64 9.63
CA LYS B 535 -49.47 22.30 9.53
C LYS B 535 -50.28 23.03 10.59
N ASN B 536 -49.82 22.98 11.85
CA ASN B 536 -50.56 23.63 12.94
C ASN B 536 -50.70 25.12 12.69
N THR B 537 -49.62 25.79 12.27
CA THR B 537 -49.65 27.22 12.04
C THR B 537 -50.58 27.58 10.89
N VAL B 538 -50.43 26.87 9.76
CA VAL B 538 -51.33 27.10 8.64
C VAL B 538 -52.78 26.92 9.05
N SER B 539 -53.05 25.90 9.86
CA SER B 539 -54.41 25.68 10.34
C SER B 539 -54.87 26.81 11.25
N SER B 540 -53.97 27.28 12.13
CA SER B 540 -54.30 28.41 12.99
C SER B 540 -54.67 29.64 12.17
N VAL B 541 -53.83 30.01 11.21
CA VAL B 541 -54.05 31.21 10.42
C VAL B 541 -55.30 31.05 9.56
N ALA B 542 -55.46 29.89 8.92
CA ALA B 542 -56.65 29.65 8.09
C ALA B 542 -57.93 29.83 8.90
N LYS B 543 -57.98 29.27 10.12
CA LYS B 543 -59.14 29.46 10.99
C LYS B 543 -59.35 30.94 11.31
N ARG B 544 -58.26 31.67 11.54
CA ARG B 544 -58.38 33.06 11.98
C ARG B 544 -58.79 33.98 10.83
N VAL B 545 -58.30 33.73 9.62
CA VAL B 545 -58.43 34.67 8.50
C VAL B 545 -59.59 34.28 7.58
N LEU B 546 -59.87 32.99 7.47
CA LEU B 546 -60.83 32.52 6.48
C LEU B 546 -62.19 32.15 7.06
N THR B 547 -62.33 32.13 8.38
CA THR B 547 -63.65 31.93 8.99
C THR B 547 -64.47 33.22 8.91
N LEU B 554 -69.95 33.21 9.02
CA LEU B 554 -69.06 32.21 8.45
C LEU B 554 -68.82 32.48 6.97
N HIS B 555 -67.55 32.49 6.57
CA HIS B 555 -67.04 32.84 5.25
C HIS B 555 -66.92 31.60 4.36
N PRO B 556 -67.15 31.75 3.05
CA PRO B 556 -66.89 30.64 2.12
C PRO B 556 -65.45 30.17 2.11
N SER B 557 -64.53 30.94 2.68
CA SER B 557 -63.11 30.58 2.69
C SER B 557 -62.77 29.54 3.75
N ARG B 558 -63.68 29.23 4.67
CA ARG B 558 -63.39 28.21 5.68
C ARG B 558 -63.39 26.80 5.08
N PHE B 559 -63.65 26.65 3.79
CA PHE B 559 -63.73 25.34 3.14
C PHE B 559 -62.40 24.90 2.52
N CYS B 560 -61.43 25.79 2.37
CA CYS B 560 -60.16 25.42 1.79
C CYS B 560 -59.07 25.16 2.82
N GLU B 561 -59.42 25.16 4.11
CA GLU B 561 -58.42 24.80 5.12
C GLU B 561 -57.86 23.40 4.88
N LYS B 562 -58.74 22.43 4.57
CA LYS B 562 -58.25 21.07 4.35
C LYS B 562 -57.28 21.01 3.17
N ASP B 563 -57.51 21.81 2.12
CA ASP B 563 -56.63 21.78 0.95
C ASP B 563 -55.31 22.48 1.23
N LEU B 564 -55.34 23.58 1.99
CA LEU B 564 -54.10 24.20 2.42
C LEU B 564 -53.24 23.21 3.19
N LEU B 565 -53.85 22.42 4.07
CA LEU B 565 -53.09 21.42 4.82
C LEU B 565 -52.54 20.34 3.91
N ARG B 566 -53.29 19.94 2.88
CA ARG B 566 -52.78 18.93 1.95
C ARG B 566 -51.52 19.42 1.23
N VAL B 567 -51.44 20.71 0.95
CA VAL B 567 -50.21 21.29 0.38
C VAL B 567 -49.03 21.02 1.29
N VAL B 568 -49.22 21.25 2.60
CA VAL B 568 -48.12 21.05 3.54
C VAL B 568 -47.73 19.58 3.60
N ASP B 569 -48.73 18.68 3.57
CA ASP B 569 -48.43 17.26 3.60
C ASP B 569 -47.71 16.80 2.35
N ARG B 570 -47.97 17.44 1.22
CA ARG B 570 -47.36 17.01 -0.04
C ARG B 570 -45.98 17.61 -0.28
N GLU B 571 -45.70 18.79 0.25
CA GLU B 571 -44.45 19.47 -0.05
C GLU B 571 -43.30 18.97 0.82
N TYR B 572 -42.10 18.94 0.25
CA TYR B 572 -40.90 18.57 0.99
C TYR B 572 -40.49 19.70 1.93
N ILE B 573 -40.51 19.42 3.23
CA ILE B 573 -40.12 20.39 4.25
C ILE B 573 -38.80 21.07 3.88
N PHE B 574 -37.79 20.28 3.50
CA PHE B 574 -36.48 20.87 3.28
C PHE B 574 -36.38 21.65 1.98
N ALA B 575 -37.44 21.69 1.16
CA ALA B 575 -37.47 22.62 0.04
C ALA B 575 -37.77 24.05 0.45
N TYR B 576 -38.20 24.31 1.68
CA TYR B 576 -38.54 25.70 2.02
C TYR B 576 -38.29 26.10 3.47
N ILE B 577 -37.97 25.15 4.37
CA ILE B 577 -38.08 25.47 5.80
C ILE B 577 -37.01 26.46 6.27
N ASP B 578 -35.94 26.66 5.51
CA ASP B 578 -34.94 27.65 5.89
C ASP B 578 -35.44 29.07 5.72
N ASP B 579 -36.50 29.28 4.94
CA ASP B 579 -37.12 30.61 4.78
C ASP B 579 -38.58 30.41 4.41
N PRO B 580 -39.39 29.93 5.37
CA PRO B 580 -40.67 29.32 4.98
C PRO B 580 -41.65 30.29 4.34
N CYS B 581 -41.56 31.59 4.63
CA CYS B 581 -42.47 32.56 4.05
C CYS B 581 -41.90 33.32 2.86
N SER B 582 -40.81 32.83 2.26
CA SER B 582 -40.26 33.49 1.08
C SER B 582 -41.17 33.28 -0.13
N ALA B 583 -41.46 34.36 -0.85
CA ALA B 583 -42.41 34.28 -1.96
C ALA B 583 -41.89 33.43 -3.12
N THR B 584 -40.59 33.13 -3.14
CA THR B 584 -39.99 32.33 -4.20
C THR B 584 -39.82 30.86 -3.82
N TYR B 585 -40.24 30.46 -2.62
CA TYR B 585 -40.19 29.07 -2.18
C TYR B 585 -41.54 28.40 -2.39
N PRO B 586 -41.58 27.07 -2.47
CA PRO B 586 -42.83 26.41 -2.87
C PRO B 586 -43.98 26.51 -1.89
N LEU B 587 -43.73 26.71 -0.59
CA LEU B 587 -44.83 26.74 0.36
C LEU B 587 -45.77 27.90 0.07
N MET B 588 -45.26 29.13 0.11
CA MET B 588 -46.11 30.29 -0.14
C MET B 588 -46.73 30.23 -1.52
N GLN B 589 -45.95 29.81 -2.53
CA GLN B 589 -46.50 29.74 -3.88
C GLN B 589 -47.68 28.77 -3.95
N LYS B 590 -47.51 27.56 -3.41
CA LYS B 590 -48.57 26.57 -3.53
C LYS B 590 -49.76 26.87 -2.61
N LEU B 591 -49.52 27.48 -1.45
CA LEU B 591 -50.65 27.92 -0.64
C LEU B 591 -51.46 28.99 -1.37
N ARG B 592 -50.77 29.93 -2.04
CA ARG B 592 -51.51 30.92 -2.81
C ARG B 592 -52.26 30.27 -3.97
N GLN B 593 -51.62 29.33 -4.67
CA GLN B 593 -52.27 28.61 -5.76
C GLN B 593 -53.55 27.93 -5.29
N THR B 594 -53.54 27.39 -4.08
CA THR B 594 -54.74 26.72 -3.56
C THR B 594 -55.86 27.70 -3.28
N LEU B 595 -55.54 28.86 -2.68
CA LEU B 595 -56.56 29.88 -2.46
C LEU B 595 -57.10 30.41 -3.78
N VAL B 596 -56.25 30.54 -4.80
CA VAL B 596 -56.70 31.01 -6.09
C VAL B 596 -57.64 29.99 -6.74
N GLU B 597 -57.32 28.70 -6.62
CA GLU B 597 -58.17 27.66 -7.20
C GLU B 597 -59.54 27.65 -6.54
N HIS B 598 -59.59 27.84 -5.22
CA HIS B 598 -60.90 27.91 -4.56
C HIS B 598 -61.66 29.16 -4.95
N ALA B 599 -60.96 30.28 -5.15
CA ALA B 599 -61.65 31.48 -5.58
C ALA B 599 -62.29 31.28 -6.95
N LEU B 600 -61.58 30.63 -7.88
CA LEU B 600 -62.10 30.40 -9.21
C LEU B 600 -63.32 29.46 -9.22
N LYS B 601 -63.45 28.60 -8.21
CA LYS B 601 -64.61 27.72 -8.10
C LYS B 601 -65.68 28.25 -7.14
N ASN B 602 -65.52 29.48 -6.64
CA ASN B 602 -66.42 30.01 -5.64
C ASN B 602 -67.71 30.59 -6.21
N GLY B 603 -67.88 30.59 -7.54
CA GLY B 603 -69.16 31.00 -8.10
C GLY B 603 -69.46 32.48 -7.89
N ASP B 604 -70.76 32.79 -7.81
CA ASP B 604 -71.17 34.17 -7.61
C ASP B 604 -70.66 34.72 -6.28
N ASN B 605 -70.45 33.84 -5.29
CA ASN B 605 -69.89 34.26 -4.00
C ASN B 605 -68.59 35.05 -4.18
N GLU B 606 -67.84 34.78 -5.25
CA GLU B 606 -66.60 35.52 -5.46
C GLU B 606 -66.86 36.97 -5.86
N ARG B 607 -68.02 37.24 -6.45
CA ARG B 607 -68.35 38.58 -6.94
C ARG B 607 -68.81 39.52 -5.83
N ASN B 608 -68.79 39.07 -4.57
CA ASN B 608 -69.07 39.90 -3.42
C ASN B 608 -67.80 40.05 -2.60
N LEU B 609 -67.42 41.29 -2.30
CA LEU B 609 -66.19 41.54 -1.57
C LEU B 609 -66.23 40.98 -0.16
N SER B 610 -67.42 40.70 0.37
CA SER B 610 -67.52 40.14 1.72
C SER B 610 -67.30 38.63 1.73
N THR B 611 -67.63 37.94 0.64
CA THR B 611 -67.50 36.48 0.56
C THR B 611 -66.43 36.04 -0.43
N SER B 612 -65.48 36.92 -0.76
CA SER B 612 -64.47 36.63 -1.77
C SER B 612 -63.27 35.96 -1.13
N ILE B 613 -62.85 34.83 -1.71
CA ILE B 613 -61.62 34.20 -1.25
C ILE B 613 -60.40 34.97 -1.76
N PHE B 614 -60.47 35.48 -2.99
CA PHE B 614 -59.34 36.23 -3.53
C PHE B 614 -59.00 37.43 -2.65
N GLN B 615 -60.02 38.10 -2.09
CA GLN B 615 -59.78 39.24 -1.22
C GLN B 615 -59.16 38.86 0.13
N LYS B 616 -59.08 37.57 0.45
CA LYS B 616 -58.48 37.10 1.69
C LYS B 616 -56.99 36.76 1.56
N ILE B 617 -56.48 36.69 0.33
CA ILE B 617 -55.12 36.19 0.10
C ILE B 617 -54.09 37.05 0.81
N ALA B 618 -54.16 38.37 0.58
CA ALA B 618 -53.16 39.27 1.17
C ALA B 618 -53.20 39.20 2.70
N THR B 619 -54.41 39.12 3.27
CA THR B 619 -54.54 39.00 4.71
C THR B 619 -53.98 37.68 5.21
N PHE B 620 -54.27 36.57 4.51
CA PHE B 620 -53.72 35.29 4.89
C PHE B 620 -52.19 35.32 4.89
N GLU B 621 -51.60 35.87 3.84
CA GLU B 621 -50.14 35.81 3.72
C GLU B 621 -49.46 36.70 4.76
N ASP B 622 -50.04 37.87 5.08
CA ASP B 622 -49.47 38.72 6.13
C ASP B 622 -49.46 37.99 7.48
N GLU B 623 -50.57 37.34 7.81
CA GLU B 623 -50.68 36.67 9.11
C GLU B 623 -49.75 35.47 9.18
N LEU B 624 -49.61 34.72 8.09
CA LEU B 624 -48.65 33.62 8.08
C LEU B 624 -47.22 34.14 8.22
N LYS B 625 -46.88 35.22 7.50
CA LYS B 625 -45.54 35.80 7.62
C LYS B 625 -45.24 36.27 9.03
N ALA B 626 -46.24 36.78 9.74
CA ALA B 626 -46.00 37.29 11.08
C ALA B 626 -45.79 36.18 12.11
N LEU B 627 -46.17 34.95 11.78
CA LEU B 627 -46.31 33.91 12.78
C LEU B 627 -45.50 32.66 12.50
N LEU B 628 -45.46 32.20 11.26
CA LEU B 628 -44.80 30.93 10.95
C LEU B 628 -43.32 30.90 11.32
N PRO B 629 -42.49 31.89 10.96
CA PRO B 629 -41.06 31.78 11.30
C PRO B 629 -40.78 31.57 12.78
N LYS B 630 -41.39 32.38 13.65
CA LYS B 630 -41.20 32.21 15.09
C LYS B 630 -41.68 30.85 15.55
N GLU B 631 -42.77 30.34 14.98
CA GLU B 631 -43.27 29.03 15.39
C GLU B 631 -42.30 27.93 14.99
N VAL B 632 -41.78 27.98 13.75
CA VAL B 632 -40.82 26.97 13.30
C VAL B 632 -39.59 26.99 14.18
N GLU B 633 -39.12 28.18 14.55
CA GLU B 633 -37.92 28.30 15.36
C GLU B 633 -38.14 27.78 16.78
N SER B 634 -39.31 28.06 17.38
CA SER B 634 -39.60 27.51 18.70
C SER B 634 -39.61 25.99 18.67
N ALA B 635 -40.28 25.41 17.67
CA ALA B 635 -40.33 23.95 17.56
C ALA B 635 -38.93 23.37 17.39
N ARG B 636 -38.08 24.06 16.62
CA ARG B 636 -36.74 23.56 16.40
C ARG B 636 -35.89 23.67 17.67
N ALA B 637 -35.94 24.83 18.34
CA ALA B 637 -35.25 24.95 19.63
C ALA B 637 -35.70 23.86 20.60
N ALA B 638 -37.00 23.57 20.62
CA ALA B 638 -37.52 22.52 21.50
C ALA B 638 -36.92 21.16 21.15
N LEU B 639 -36.84 20.84 19.84
CA LEU B 639 -36.27 19.56 19.44
C LEU B 639 -34.80 19.47 19.82
N GLU B 640 -34.05 20.56 19.63
CA GLU B 640 -32.64 20.58 19.99
C GLU B 640 -32.42 20.48 21.50
N SER B 641 -33.42 20.80 22.31
CA SER B 641 -33.30 20.64 23.76
C SER B 641 -33.83 19.30 24.24
N GLY B 642 -34.11 18.37 23.33
CA GLY B 642 -34.58 17.06 23.72
C GLY B 642 -36.04 16.96 24.09
N ASN B 643 -36.84 17.97 23.76
CA ASN B 643 -38.29 17.93 24.00
C ASN B 643 -39.07 18.13 22.71
N PRO B 644 -38.94 17.22 21.75
CA PRO B 644 -39.70 17.36 20.51
C PRO B 644 -41.17 16.98 20.71
N ALA B 645 -42.01 17.55 19.85
CA ALA B 645 -43.43 17.20 19.87
C ALA B 645 -43.65 15.75 19.45
N ILE B 646 -42.78 15.22 18.59
CA ILE B 646 -42.91 13.87 18.09
C ILE B 646 -41.60 13.13 18.36
N PRO B 647 -41.61 11.99 19.05
CA PRO B 647 -40.34 11.30 19.35
C PRO B 647 -39.63 10.83 18.09
N ASN B 648 -38.32 10.66 18.22
CA ASN B 648 -37.53 10.10 17.13
C ASN B 648 -37.92 8.64 16.90
N ARG B 649 -38.43 8.34 15.70
CA ARG B 649 -38.96 7.02 15.40
C ARG B 649 -37.89 5.92 15.41
N ILE B 650 -36.61 6.27 15.31
CA ILE B 650 -35.55 5.26 15.36
C ILE B 650 -35.64 4.45 16.64
N GLU B 651 -36.14 5.04 17.72
CA GLU B 651 -36.23 4.33 18.99
C GLU B 651 -37.13 3.11 18.90
N GLU B 652 -38.06 3.07 17.95
CA GLU B 652 -38.94 1.92 17.75
C GLU B 652 -38.53 1.04 16.57
N CYS B 653 -37.26 1.10 16.14
CA CYS B 653 -36.81 0.33 15.00
C CYS B 653 -35.85 -0.76 15.44
N ARG B 654 -35.82 -1.86 14.67
CA ARG B 654 -34.88 -2.94 14.98
C ARG B 654 -33.42 -2.49 14.82
N SER B 655 -33.19 -1.48 13.98
CA SER B 655 -31.85 -0.96 13.72
C SER B 655 -31.39 0.03 14.80
N TYR B 656 -32.24 0.34 15.77
CA TYR B 656 -31.88 1.26 16.83
C TYR B 656 -30.53 0.98 17.51
N PRO B 657 -30.14 -0.27 17.82
CA PRO B 657 -28.85 -0.46 18.51
C PRO B 657 -27.66 0.22 17.83
N LEU B 658 -27.62 0.23 16.50
CA LEU B 658 -26.51 0.86 15.82
C LEU B 658 -26.56 2.38 15.93
N TYR B 659 -27.75 2.97 15.82
CA TYR B 659 -27.86 4.42 16.03
C TYR B 659 -27.52 4.79 17.46
N LYS B 660 -28.04 4.01 18.41
CA LYS B 660 -27.81 4.31 19.81
C LYS B 660 -26.33 4.20 20.17
N PHE B 661 -25.66 3.16 19.66
CA PHE B 661 -24.23 3.03 19.89
C PHE B 661 -23.46 4.23 19.32
N VAL B 662 -23.73 4.58 18.05
CA VAL B 662 -23.01 5.68 17.42
C VAL B 662 -23.33 7.00 18.11
N ARG B 663 -24.59 7.23 18.45
CA ARG B 663 -25.02 8.54 18.92
C ARG B 663 -24.77 8.69 20.42
N LYS B 664 -25.20 7.72 21.23
CA LYS B 664 -25.08 7.84 22.68
C LYS B 664 -23.76 7.33 23.22
N GLU B 665 -23.42 6.06 22.94
CA GLU B 665 -22.23 5.47 23.55
C GLU B 665 -20.94 6.15 23.08
N LEU B 666 -20.86 6.48 21.80
CA LEU B 666 -19.64 7.11 21.27
C LEU B 666 -19.70 8.63 21.31
N GLY B 667 -20.87 9.22 21.52
CA GLY B 667 -20.97 10.66 21.52
C GLY B 667 -20.79 11.30 20.17
N THR B 668 -21.01 10.55 19.08
CA THR B 668 -21.02 11.15 17.75
C THR B 668 -22.13 12.18 17.66
N GLU B 669 -21.84 13.29 17.02
CA GLU B 669 -22.68 14.48 17.04
C GLU B 669 -23.37 14.69 15.70
N TYR B 670 -24.63 15.11 15.76
CA TYR B 670 -25.30 15.69 14.59
C TYR B 670 -24.48 16.85 14.03
N LEU B 671 -24.21 16.81 12.73
CA LEU B 671 -23.29 17.76 12.11
C LEU B 671 -24.06 18.95 11.55
N THR B 672 -23.62 20.14 11.92
CA THR B 672 -24.29 21.36 11.49
C THR B 672 -23.26 22.48 11.32
N GLY B 673 -23.45 23.30 10.27
CA GLY B 673 -22.66 24.49 10.02
C GLY B 673 -22.82 25.58 11.07
N GLU B 674 -23.80 25.48 11.95
CA GLU B 674 -23.90 26.42 13.06
C GLU B 674 -22.90 26.10 14.17
N LYS B 675 -22.16 24.99 14.09
CA LYS B 675 -21.12 24.66 15.04
C LYS B 675 -19.78 24.51 14.32
N VAL B 676 -18.71 24.43 15.11
CA VAL B 676 -17.36 24.35 14.54
C VAL B 676 -16.96 22.92 14.18
N THR B 677 -17.69 21.92 14.70
CA THR B 677 -17.25 20.52 14.54
C THR B 677 -17.33 20.06 13.09
N SER B 678 -16.22 19.48 12.60
CA SER B 678 -16.03 18.97 11.25
C SER B 678 -16.51 17.52 11.17
N PRO B 679 -16.92 17.07 9.97
CA PRO B 679 -17.33 15.67 9.85
C PRO B 679 -16.25 14.66 10.23
N GLY B 680 -14.97 14.97 9.99
CA GLY B 680 -13.92 14.01 10.33
C GLY B 680 -13.78 13.73 11.81
N GLU B 681 -14.01 14.76 12.65
CA GLU B 681 -13.96 14.56 14.09
C GLU B 681 -14.99 13.53 14.54
N GLU B 682 -16.14 13.46 13.87
CA GLU B 682 -17.12 12.45 14.22
C GLU B 682 -16.77 11.09 13.61
N PHE B 683 -16.28 11.09 12.36
CA PHE B 683 -15.81 9.85 11.77
C PHE B 683 -14.76 9.18 12.65
N GLU B 684 -13.89 9.97 13.29
CA GLU B 684 -12.82 9.40 14.11
C GLU B 684 -13.37 8.48 15.18
N LYS B 685 -14.44 8.91 15.83
CA LYS B 685 -15.02 8.15 16.93
C LYS B 685 -15.55 6.81 16.44
N VAL B 686 -16.20 6.79 15.28
CA VAL B 686 -16.72 5.53 14.77
C VAL B 686 -15.60 4.66 14.21
N PHE B 687 -14.60 5.26 13.55
CA PHE B 687 -13.53 4.45 12.96
C PHE B 687 -12.71 3.76 14.05
N ILE B 688 -12.42 4.48 15.13
CA ILE B 688 -11.61 3.89 16.20
C ILE B 688 -12.39 2.78 16.90
N ALA B 689 -13.67 3.03 17.18
CA ALA B 689 -14.52 1.99 17.76
C ALA B 689 -14.62 0.79 16.82
N MET B 690 -14.84 1.04 15.52
CA MET B 690 -14.92 -0.05 14.56
C MET B 690 -13.64 -0.91 14.59
N SER B 691 -12.49 -0.24 14.64
CA SER B 691 -11.23 -0.96 14.66
C SER B 691 -11.03 -1.78 15.93
N LYS B 692 -11.72 -1.45 17.02
CA LYS B 692 -11.64 -2.26 18.24
C LYS B 692 -12.73 -3.31 18.31
N GLY B 693 -13.48 -3.52 17.24
CA GLY B 693 -14.56 -4.49 17.27
C GLY B 693 -15.79 -4.08 18.05
N GLU B 694 -15.91 -2.81 18.42
CA GLU B 694 -17.05 -2.36 19.22
C GLU B 694 -18.34 -2.23 18.42
N ILE B 695 -18.29 -2.29 17.09
CA ILE B 695 -19.53 -2.29 16.31
C ILE B 695 -20.18 -3.67 16.28
N ILE B 696 -19.46 -4.72 16.69
CA ILE B 696 -19.97 -6.08 16.54
C ILE B 696 -21.26 -6.24 17.33
N ASP B 697 -21.27 -5.86 18.61
CA ASP B 697 -22.43 -6.14 19.46
C ASP B 697 -23.69 -5.43 18.98
N PRO B 698 -23.70 -4.11 18.72
CA PRO B 698 -24.95 -3.51 18.22
C PRO B 698 -25.36 -4.03 16.85
N LEU B 699 -24.41 -4.39 15.99
CA LEU B 699 -24.76 -4.98 14.72
C LEU B 699 -25.56 -6.28 14.90
N LEU B 700 -25.01 -7.21 15.68
CA LEU B 700 -25.72 -8.46 15.95
C LEU B 700 -27.00 -8.23 16.73
N GLU B 701 -27.03 -7.23 17.62
CA GLU B 701 -28.25 -6.97 18.39
C GLU B 701 -29.40 -6.55 17.49
N SER B 702 -29.11 -5.88 16.37
CA SER B 702 -30.19 -5.47 15.46
CA SER B 702 -30.19 -5.47 15.46
C SER B 702 -30.88 -6.66 14.81
N LEU B 703 -30.24 -7.83 14.80
CA LEU B 703 -30.77 -9.03 14.16
C LEU B 703 -31.13 -10.12 15.16
N GLU B 704 -31.06 -9.84 16.46
CA GLU B 704 -31.09 -10.93 17.42
C GLU B 704 -32.46 -11.56 17.55
N SER B 705 -33.52 -10.90 17.13
CA SER B 705 -34.84 -11.53 17.16
C SER B 705 -35.18 -12.22 15.84
N TRP B 706 -34.24 -12.29 14.90
CA TRP B 706 -34.50 -13.00 13.65
C TRP B 706 -34.37 -14.51 13.87
N ASN B 707 -35.35 -15.26 13.38
CA ASN B 707 -35.35 -16.71 13.52
C ASN B 707 -34.62 -17.41 12.38
N GLY B 708 -33.99 -16.67 11.48
CA GLY B 708 -33.17 -17.25 10.44
C GLY B 708 -33.88 -17.65 9.18
N ALA B 709 -35.17 -17.34 9.03
CA ALA B 709 -36.01 -17.67 7.90
C ALA B 709 -36.59 -16.41 7.29
N PRO B 710 -36.90 -16.41 6.00
CA PRO B 710 -37.61 -15.25 5.42
C PRO B 710 -39.06 -15.26 5.89
N LEU B 711 -39.73 -14.12 5.67
CA LEU B 711 -41.15 -14.06 5.97
C LEU B 711 -41.91 -14.93 4.97
N PRO B 712 -43.01 -15.56 5.40
CA PRO B 712 -43.80 -16.39 4.49
C PRO B 712 -44.26 -15.64 3.25
N ILE B 713 -44.25 -16.32 2.11
CA ILE B 713 -44.89 -15.85 0.89
C ILE B 713 -46.09 -16.70 0.52
N SER B 714 -46.41 -17.70 1.32
CA SER B 714 -47.59 -18.53 1.11
C SER B 714 -48.32 -18.67 2.45
#